data_8CKR
# 
_entry.id   8CKR 
# 
_audit_conform.dict_name       mmcif_pdbx.dic 
_audit_conform.dict_version    5.390 
_audit_conform.dict_location   http://mmcif.pdb.org/dictionaries/ascii/mmcif_pdbx.dic 
# 
loop_
_database_2.database_id 
_database_2.database_code 
_database_2.pdbx_database_accession 
_database_2.pdbx_DOI 
PDB   8CKR         pdb_00008ckr 10.2210/pdb8ckr/pdb 
WWPDB D_1292128696 ?            ?                   
# 
loop_
_pdbx_audit_revision_history.ordinal 
_pdbx_audit_revision_history.data_content_type 
_pdbx_audit_revision_history.major_revision 
_pdbx_audit_revision_history.minor_revision 
_pdbx_audit_revision_history.revision_date 
1 'Structure model' 1 0 2024-02-28 
2 'Structure model' 1 1 2024-04-24 
# 
_pdbx_audit_revision_details.ordinal             1 
_pdbx_audit_revision_details.revision_ordinal    1 
_pdbx_audit_revision_details.data_content_type   'Structure model' 
_pdbx_audit_revision_details.provider            repository 
_pdbx_audit_revision_details.type                'Initial release' 
_pdbx_audit_revision_details.description         ? 
_pdbx_audit_revision_details.details             ? 
# 
_pdbx_audit_revision_group.ordinal             1 
_pdbx_audit_revision_group.revision_ordinal    2 
_pdbx_audit_revision_group.data_content_type   'Structure model' 
_pdbx_audit_revision_group.group               'Database references' 
# 
loop_
_pdbx_audit_revision_category.ordinal 
_pdbx_audit_revision_category.revision_ordinal 
_pdbx_audit_revision_category.data_content_type 
_pdbx_audit_revision_category.category 
1 2 'Structure model' citation        
2 2 'Structure model' citation_author 
# 
loop_
_pdbx_audit_revision_item.ordinal 
_pdbx_audit_revision_item.revision_ordinal 
_pdbx_audit_revision_item.data_content_type 
_pdbx_audit_revision_item.item 
1  2 'Structure model' '_citation.country'                 
2  2 'Structure model' '_citation.journal_abbrev'          
3  2 'Structure model' '_citation.journal_id_ASTM'         
4  2 'Structure model' '_citation.journal_id_CSD'          
5  2 'Structure model' '_citation.journal_id_ISSN'         
6  2 'Structure model' '_citation.journal_volume'          
7  2 'Structure model' '_citation.page_first'              
8  2 'Structure model' '_citation.page_last'               
9  2 'Structure model' '_citation.pdbx_database_id_DOI'    
10 2 'Structure model' '_citation.pdbx_database_id_PubMed' 
11 2 'Structure model' '_citation.title'                   
12 2 'Structure model' '_citation.year'                    
13 2 'Structure model' '_citation_author.identifier_ORCID' 
# 
_pdbx_database_status.status_code                     REL 
_pdbx_database_status.status_code_sf                  REL 
_pdbx_database_status.status_code_mr                  ? 
_pdbx_database_status.entry_id                        8CKR 
_pdbx_database_status.recvd_initial_deposition_date   2023-02-16 
_pdbx_database_status.SG_entry                        N 
_pdbx_database_status.deposit_site                    PDBE 
_pdbx_database_status.process_site                    PDBE 
_pdbx_database_status.status_code_cs                  ? 
_pdbx_database_status.status_code_nmr_data            ? 
_pdbx_database_status.methods_development_category    ? 
_pdbx_database_status.pdb_format_compatible           Y 
# 
_pdbx_contact_author.id                 4 
_pdbx_contact_author.email              alcortajarena@cicbiomagune.es 
_pdbx_contact_author.name_first         Aitziber 
_pdbx_contact_author.name_last          Cortajarena 
_pdbx_contact_author.name_mi            ? 
_pdbx_contact_author.role               'principal investigator/group leader' 
_pdbx_contact_author.identifier_ORCID   0000-0002-5331-114X 
# 
loop_
_audit_author.name 
_audit_author.pdbx_ordinal 
_audit_author.identifier_ORCID 
'Liutkus, M.'       1 ? 
'Rojas, A.L.'       2 ? 
'Cortajarena, A.L.' 3 ? 
# 
_citation.abstract                  ? 
_citation.abstract_id_CAS           ? 
_citation.book_id_ISBN              ? 
_citation.book_publisher            ? 
_citation.book_publisher_city       ? 
_citation.book_title                ? 
_citation.coordinate_linkage        ? 
_citation.country                   US 
_citation.database_id_Medline       ? 
_citation.details                   ? 
_citation.id                        primary 
_citation.journal_abbrev            'Protein Sci.' 
_citation.journal_id_ASTM           PRCIEI 
_citation.journal_id_CSD            0795 
_citation.journal_id_ISSN           1469-896X 
_citation.journal_full              ? 
_citation.journal_issue             ? 
_citation.journal_volume            33 
_citation.language                  ? 
_citation.page_first                e4971 
_citation.page_last                 e4971 
_citation.title                     'Diverse crystalline protein scaffolds through metal-dependent polymorphism.' 
_citation.year                      2024 
_citation.database_id_CSD           ? 
_citation.pdbx_database_id_DOI      10.1002/pro.4971 
_citation.pdbx_database_id_PubMed   38591647 
_citation.pdbx_database_id_patent   ? 
_citation.unpublished_flag          ? 
# 
loop_
_citation_author.citation_id 
_citation_author.name 
_citation_author.ordinal 
_citation_author.identifier_ORCID 
primary 'Liutkus, M.'       1 0000-0002-2349-2824 
primary 'Sasselli, I.R.'    2 0000-0001-6062-2440 
primary 'Rojas, A.L.'       3 0000-0002-7358-3505 
primary 'Cortajarena, A.L.' 4 0000-0002-5331-114X 
# 
loop_
_entity.id 
_entity.type 
_entity.src_method 
_entity.pdbx_description 
_entity.formula_weight 
_entity.pdbx_number_of_molecules 
_entity.pdbx_ec 
_entity.pdbx_mutation 
_entity.pdbx_fragment 
_entity.details 
1 polymer     man 'Consensus tetratricopeptide repeat protein' 34186.594 1  ? ? ? ? 
2 non-polymer syn 'CALCIUM ION'                                40.078    6  ? ? ? ? 
3 non-polymer syn '(4S)-2-METHYL-2,4-PENTANEDIOL'              118.174   2  ? ? ? ? 
4 water       nat water                                        18.015    94 ? ? ? ? 
# 
_entity_poly.entity_id                      1 
_entity_poly.type                           'polypeptide(L)' 
_entity_poly.nstd_linkage                   no 
_entity_poly.nstd_monomer                   no 
_entity_poly.pdbx_seq_one_letter_code       
;GAMGSAEAWYNLGNAYYKQGDYDEAIEYYQKALELDPRSAEAWYNLGNAYYKQGDYDEAIEYYQKALELDPRSAEAWYNL
GNAYYKQGDYDEAIEYYQKALELDPRSAEAWYNLGNAYYKQGDYDEAIEYYQKALELDPRSAEAWYNLGNAYYKQGDYDE
AIEYYQKALELDPRSAEAWYNLGNAYYKQGDYDEAIEYYQKALELDPRSAEAWYNLGNAYYKQGDYDEAIEYYQKALELD
PRSAEAWYNLGNAYYKQGDYDEAIEYYQKALELDPRSAEAKGNLGNAKQKQG
;
_entity_poly.pdbx_seq_one_letter_code_can   
;GAMGSAEAWYNLGNAYYKQGDYDEAIEYYQKALELDPRSAEAWYNLGNAYYKQGDYDEAIEYYQKALELDPRSAEAWYNL
GNAYYKQGDYDEAIEYYQKALELDPRSAEAWYNLGNAYYKQGDYDEAIEYYQKALELDPRSAEAWYNLGNAYYKQGDYDE
AIEYYQKALELDPRSAEAWYNLGNAYYKQGDYDEAIEYYQKALELDPRSAEAWYNLGNAYYKQGDYDEAIEYYQKALELD
PRSAEAWYNLGNAYYKQGDYDEAIEYYQKALELDPRSAEAKGNLGNAKQKQG
;
_entity_poly.pdbx_strand_id                 A 
_entity_poly.pdbx_target_identifier         ? 
# 
loop_
_pdbx_entity_nonpoly.entity_id 
_pdbx_entity_nonpoly.name 
_pdbx_entity_nonpoly.comp_id 
2 'CALCIUM ION'                   CA  
3 '(4S)-2-METHYL-2,4-PENTANEDIOL' MPD 
4 water                           HOH 
# 
loop_
_entity_poly_seq.entity_id 
_entity_poly_seq.num 
_entity_poly_seq.mon_id 
_entity_poly_seq.hetero 
1 1   GLY n 
1 2   ALA n 
1 3   MET n 
1 4   GLY n 
1 5   SER n 
1 6   ALA n 
1 7   GLU n 
1 8   ALA n 
1 9   TRP n 
1 10  TYR n 
1 11  ASN n 
1 12  LEU n 
1 13  GLY n 
1 14  ASN n 
1 15  ALA n 
1 16  TYR n 
1 17  TYR n 
1 18  LYS n 
1 19  GLN n 
1 20  GLY n 
1 21  ASP n 
1 22  TYR n 
1 23  ASP n 
1 24  GLU n 
1 25  ALA n 
1 26  ILE n 
1 27  GLU n 
1 28  TYR n 
1 29  TYR n 
1 30  GLN n 
1 31  LYS n 
1 32  ALA n 
1 33  LEU n 
1 34  GLU n 
1 35  LEU n 
1 36  ASP n 
1 37  PRO n 
1 38  ARG n 
1 39  SER n 
1 40  ALA n 
1 41  GLU n 
1 42  ALA n 
1 43  TRP n 
1 44  TYR n 
1 45  ASN n 
1 46  LEU n 
1 47  GLY n 
1 48  ASN n 
1 49  ALA n 
1 50  TYR n 
1 51  TYR n 
1 52  LYS n 
1 53  GLN n 
1 54  GLY n 
1 55  ASP n 
1 56  TYR n 
1 57  ASP n 
1 58  GLU n 
1 59  ALA n 
1 60  ILE n 
1 61  GLU n 
1 62  TYR n 
1 63  TYR n 
1 64  GLN n 
1 65  LYS n 
1 66  ALA n 
1 67  LEU n 
1 68  GLU n 
1 69  LEU n 
1 70  ASP n 
1 71  PRO n 
1 72  ARG n 
1 73  SER n 
1 74  ALA n 
1 75  GLU n 
1 76  ALA n 
1 77  TRP n 
1 78  TYR n 
1 79  ASN n 
1 80  LEU n 
1 81  GLY n 
1 82  ASN n 
1 83  ALA n 
1 84  TYR n 
1 85  TYR n 
1 86  LYS n 
1 87  GLN n 
1 88  GLY n 
1 89  ASP n 
1 90  TYR n 
1 91  ASP n 
1 92  GLU n 
1 93  ALA n 
1 94  ILE n 
1 95  GLU n 
1 96  TYR n 
1 97  TYR n 
1 98  GLN n 
1 99  LYS n 
1 100 ALA n 
1 101 LEU n 
1 102 GLU n 
1 103 LEU n 
1 104 ASP n 
1 105 PRO n 
1 106 ARG n 
1 107 SER n 
1 108 ALA n 
1 109 GLU n 
1 110 ALA n 
1 111 TRP n 
1 112 TYR n 
1 113 ASN n 
1 114 LEU n 
1 115 GLY n 
1 116 ASN n 
1 117 ALA n 
1 118 TYR n 
1 119 TYR n 
1 120 LYS n 
1 121 GLN n 
1 122 GLY n 
1 123 ASP n 
1 124 TYR n 
1 125 ASP n 
1 126 GLU n 
1 127 ALA n 
1 128 ILE n 
1 129 GLU n 
1 130 TYR n 
1 131 TYR n 
1 132 GLN n 
1 133 LYS n 
1 134 ALA n 
1 135 LEU n 
1 136 GLU n 
1 137 LEU n 
1 138 ASP n 
1 139 PRO n 
1 140 ARG n 
1 141 SER n 
1 142 ALA n 
1 143 GLU n 
1 144 ALA n 
1 145 TRP n 
1 146 TYR n 
1 147 ASN n 
1 148 LEU n 
1 149 GLY n 
1 150 ASN n 
1 151 ALA n 
1 152 TYR n 
1 153 TYR n 
1 154 LYS n 
1 155 GLN n 
1 156 GLY n 
1 157 ASP n 
1 158 TYR n 
1 159 ASP n 
1 160 GLU n 
1 161 ALA n 
1 162 ILE n 
1 163 GLU n 
1 164 TYR n 
1 165 TYR n 
1 166 GLN n 
1 167 LYS n 
1 168 ALA n 
1 169 LEU n 
1 170 GLU n 
1 171 LEU n 
1 172 ASP n 
1 173 PRO n 
1 174 ARG n 
1 175 SER n 
1 176 ALA n 
1 177 GLU n 
1 178 ALA n 
1 179 TRP n 
1 180 TYR n 
1 181 ASN n 
1 182 LEU n 
1 183 GLY n 
1 184 ASN n 
1 185 ALA n 
1 186 TYR n 
1 187 TYR n 
1 188 LYS n 
1 189 GLN n 
1 190 GLY n 
1 191 ASP n 
1 192 TYR n 
1 193 ASP n 
1 194 GLU n 
1 195 ALA n 
1 196 ILE n 
1 197 GLU n 
1 198 TYR n 
1 199 TYR n 
1 200 GLN n 
1 201 LYS n 
1 202 ALA n 
1 203 LEU n 
1 204 GLU n 
1 205 LEU n 
1 206 ASP n 
1 207 PRO n 
1 208 ARG n 
1 209 SER n 
1 210 ALA n 
1 211 GLU n 
1 212 ALA n 
1 213 TRP n 
1 214 TYR n 
1 215 ASN n 
1 216 LEU n 
1 217 GLY n 
1 218 ASN n 
1 219 ALA n 
1 220 TYR n 
1 221 TYR n 
1 222 LYS n 
1 223 GLN n 
1 224 GLY n 
1 225 ASP n 
1 226 TYR n 
1 227 ASP n 
1 228 GLU n 
1 229 ALA n 
1 230 ILE n 
1 231 GLU n 
1 232 TYR n 
1 233 TYR n 
1 234 GLN n 
1 235 LYS n 
1 236 ALA n 
1 237 LEU n 
1 238 GLU n 
1 239 LEU n 
1 240 ASP n 
1 241 PRO n 
1 242 ARG n 
1 243 SER n 
1 244 ALA n 
1 245 GLU n 
1 246 ALA n 
1 247 TRP n 
1 248 TYR n 
1 249 ASN n 
1 250 LEU n 
1 251 GLY n 
1 252 ASN n 
1 253 ALA n 
1 254 TYR n 
1 255 TYR n 
1 256 LYS n 
1 257 GLN n 
1 258 GLY n 
1 259 ASP n 
1 260 TYR n 
1 261 ASP n 
1 262 GLU n 
1 263 ALA n 
1 264 ILE n 
1 265 GLU n 
1 266 TYR n 
1 267 TYR n 
1 268 GLN n 
1 269 LYS n 
1 270 ALA n 
1 271 LEU n 
1 272 GLU n 
1 273 LEU n 
1 274 ASP n 
1 275 PRO n 
1 276 ARG n 
1 277 SER n 
1 278 ALA n 
1 279 GLU n 
1 280 ALA n 
1 281 LYS n 
1 282 GLY n 
1 283 ASN n 
1 284 LEU n 
1 285 GLY n 
1 286 ASN n 
1 287 ALA n 
1 288 LYS n 
1 289 GLN n 
1 290 LYS n 
1 291 GLN n 
1 292 GLY n 
# 
_entity_src_gen.entity_id                          1 
_entity_src_gen.pdbx_src_id                        1 
_entity_src_gen.pdbx_alt_source_flag               sample 
_entity_src_gen.pdbx_seq_type                      'Biological sequence' 
_entity_src_gen.pdbx_beg_seq_num                   1 
_entity_src_gen.pdbx_end_seq_num                   292 
_entity_src_gen.gene_src_common_name               ? 
_entity_src_gen.gene_src_genus                     ? 
_entity_src_gen.pdbx_gene_src_gene                 ? 
_entity_src_gen.gene_src_species                   ? 
_entity_src_gen.gene_src_strain                    ? 
_entity_src_gen.gene_src_tissue                    ? 
_entity_src_gen.gene_src_tissue_fraction           ? 
_entity_src_gen.gene_src_details                   ? 
_entity_src_gen.pdbx_gene_src_fragment             ? 
_entity_src_gen.pdbx_gene_src_scientific_name      'synthetic construct' 
_entity_src_gen.pdbx_gene_src_ncbi_taxonomy_id     32630 
_entity_src_gen.pdbx_gene_src_variant              ? 
_entity_src_gen.pdbx_gene_src_cell_line            ? 
_entity_src_gen.pdbx_gene_src_atcc                 ? 
_entity_src_gen.pdbx_gene_src_organ                ? 
_entity_src_gen.pdbx_gene_src_organelle            ? 
_entity_src_gen.pdbx_gene_src_cell                 ? 
_entity_src_gen.pdbx_gene_src_cellular_location    ? 
_entity_src_gen.host_org_common_name               ? 
_entity_src_gen.pdbx_host_org_scientific_name      'Escherichia coli' 
_entity_src_gen.pdbx_host_org_ncbi_taxonomy_id     562 
_entity_src_gen.host_org_genus                     ? 
_entity_src_gen.pdbx_host_org_gene                 ? 
_entity_src_gen.pdbx_host_org_organ                ? 
_entity_src_gen.host_org_species                   ? 
_entity_src_gen.pdbx_host_org_tissue               ? 
_entity_src_gen.pdbx_host_org_tissue_fraction      ? 
_entity_src_gen.pdbx_host_org_strain               ? 
_entity_src_gen.pdbx_host_org_variant              ? 
_entity_src_gen.pdbx_host_org_cell_line            ? 
_entity_src_gen.pdbx_host_org_atcc                 ? 
_entity_src_gen.pdbx_host_org_culture_collection   ? 
_entity_src_gen.pdbx_host_org_cell                 ? 
_entity_src_gen.pdbx_host_org_organelle            ? 
_entity_src_gen.pdbx_host_org_cellular_location    ? 
_entity_src_gen.pdbx_host_org_vector_type          ? 
_entity_src_gen.pdbx_host_org_vector               ? 
_entity_src_gen.host_org_details                   ? 
_entity_src_gen.expression_system_id               ? 
_entity_src_gen.plasmid_name                       ? 
_entity_src_gen.plasmid_details                    ? 
_entity_src_gen.pdbx_description                   ? 
# 
loop_
_chem_comp.id 
_chem_comp.type 
_chem_comp.mon_nstd_flag 
_chem_comp.name 
_chem_comp.pdbx_synonyms 
_chem_comp.formula 
_chem_comp.formula_weight 
ALA 'L-peptide linking' y ALANINE                         ? 'C3 H7 N O2'     89.093  
ARG 'L-peptide linking' y ARGININE                        ? 'C6 H15 N4 O2 1' 175.209 
ASN 'L-peptide linking' y ASPARAGINE                      ? 'C4 H8 N2 O3'    132.118 
ASP 'L-peptide linking' y 'ASPARTIC ACID'                 ? 'C4 H7 N O4'     133.103 
CA  non-polymer         . 'CALCIUM ION'                   ? 'Ca 2'           40.078  
GLN 'L-peptide linking' y GLUTAMINE                       ? 'C5 H10 N2 O3'   146.144 
GLU 'L-peptide linking' y 'GLUTAMIC ACID'                 ? 'C5 H9 N O4'     147.129 
GLY 'peptide linking'   y GLYCINE                         ? 'C2 H5 N O2'     75.067  
HOH non-polymer         . WATER                           ? 'H2 O'           18.015  
ILE 'L-peptide linking' y ISOLEUCINE                      ? 'C6 H13 N O2'    131.173 
LEU 'L-peptide linking' y LEUCINE                         ? 'C6 H13 N O2'    131.173 
LYS 'L-peptide linking' y LYSINE                          ? 'C6 H15 N2 O2 1' 147.195 
MET 'L-peptide linking' y METHIONINE                      ? 'C5 H11 N O2 S'  149.211 
MPD non-polymer         . '(4S)-2-METHYL-2,4-PENTANEDIOL' ? 'C6 H14 O2'      118.174 
PRO 'L-peptide linking' y PROLINE                         ? 'C5 H9 N O2'     115.130 
SER 'L-peptide linking' y SERINE                          ? 'C3 H7 N O3'     105.093 
TRP 'L-peptide linking' y TRYPTOPHAN                      ? 'C11 H12 N2 O2'  204.225 
TYR 'L-peptide linking' y TYROSINE                        ? 'C9 H11 N O3'    181.189 
# 
loop_
_pdbx_poly_seq_scheme.asym_id 
_pdbx_poly_seq_scheme.entity_id 
_pdbx_poly_seq_scheme.seq_id 
_pdbx_poly_seq_scheme.mon_id 
_pdbx_poly_seq_scheme.ndb_seq_num 
_pdbx_poly_seq_scheme.pdb_seq_num 
_pdbx_poly_seq_scheme.auth_seq_num 
_pdbx_poly_seq_scheme.pdb_mon_id 
_pdbx_poly_seq_scheme.auth_mon_id 
_pdbx_poly_seq_scheme.pdb_strand_id 
_pdbx_poly_seq_scheme.pdb_ins_code 
_pdbx_poly_seq_scheme.hetero 
A 1 1   GLY 1   -4  ?   ?   ?   A . n 
A 1 2   ALA 2   -3  ?   ?   ?   A . n 
A 1 3   MET 3   -2  ?   ?   ?   A . n 
A 1 4   GLY 4   -1  ?   ?   ?   A . n 
A 1 5   SER 5   0   ?   ?   ?   A . n 
A 1 6   ALA 6   1   1   ALA ALA A . n 
A 1 7   GLU 7   2   2   GLU GLU A . n 
A 1 8   ALA 8   3   3   ALA ALA A . n 
A 1 9   TRP 9   4   4   TRP TRP A . n 
A 1 10  TYR 10  5   5   TYR TYR A . n 
A 1 11  ASN 11  6   6   ASN ASN A . n 
A 1 12  LEU 12  7   7   LEU LEU A . n 
A 1 13  GLY 13  8   8   GLY GLY A . n 
A 1 14  ASN 14  9   9   ASN ASN A . n 
A 1 15  ALA 15  10  10  ALA ALA A . n 
A 1 16  TYR 16  11  11  TYR TYR A . n 
A 1 17  TYR 17  12  12  TYR TYR A . n 
A 1 18  LYS 18  13  13  LYS LYS A . n 
A 1 19  GLN 19  14  14  GLN GLN A . n 
A 1 20  GLY 20  15  15  GLY GLY A . n 
A 1 21  ASP 21  16  16  ASP ASP A . n 
A 1 22  TYR 22  17  17  TYR TYR A . n 
A 1 23  ASP 23  18  18  ASP ASP A . n 
A 1 24  GLU 24  19  19  GLU GLU A . n 
A 1 25  ALA 25  20  20  ALA ALA A . n 
A 1 26  ILE 26  21  21  ILE ILE A . n 
A 1 27  GLU 27  22  22  GLU GLU A . n 
A 1 28  TYR 28  23  23  TYR TYR A . n 
A 1 29  TYR 29  24  24  TYR TYR A . n 
A 1 30  GLN 30  25  25  GLN GLN A . n 
A 1 31  LYS 31  26  26  LYS LYS A . n 
A 1 32  ALA 32  27  27  ALA ALA A . n 
A 1 33  LEU 33  28  28  LEU LEU A . n 
A 1 34  GLU 34  29  29  GLU GLU A . n 
A 1 35  LEU 35  30  30  LEU LEU A . n 
A 1 36  ASP 36  31  31  ASP ASP A . n 
A 1 37  PRO 37  32  32  PRO PRO A . n 
A 1 38  ARG 38  33  33  ARG ARG A . n 
A 1 39  SER 39  34  34  SER SER A . n 
A 1 40  ALA 40  35  35  ALA ALA A . n 
A 1 41  GLU 41  36  36  GLU GLU A . n 
A 1 42  ALA 42  37  37  ALA ALA A . n 
A 1 43  TRP 43  38  38  TRP TRP A . n 
A 1 44  TYR 44  39  39  TYR TYR A . n 
A 1 45  ASN 45  40  40  ASN ASN A . n 
A 1 46  LEU 46  41  41  LEU LEU A . n 
A 1 47  GLY 47  42  42  GLY GLY A . n 
A 1 48  ASN 48  43  43  ASN ASN A . n 
A 1 49  ALA 49  44  44  ALA ALA A . n 
A 1 50  TYR 50  45  45  TYR TYR A . n 
A 1 51  TYR 51  46  46  TYR TYR A . n 
A 1 52  LYS 52  47  47  LYS LYS A . n 
A 1 53  GLN 53  48  48  GLN GLN A . n 
A 1 54  GLY 54  49  49  GLY GLY A . n 
A 1 55  ASP 55  50  50  ASP ASP A . n 
A 1 56  TYR 56  51  51  TYR TYR A . n 
A 1 57  ASP 57  52  52  ASP ASP A . n 
A 1 58  GLU 58  53  53  GLU GLU A . n 
A 1 59  ALA 59  54  54  ALA ALA A . n 
A 1 60  ILE 60  55  55  ILE ILE A . n 
A 1 61  GLU 61  56  56  GLU GLU A . n 
A 1 62  TYR 62  57  57  TYR TYR A . n 
A 1 63  TYR 63  58  58  TYR TYR A . n 
A 1 64  GLN 64  59  59  GLN GLN A . n 
A 1 65  LYS 65  60  60  LYS LYS A . n 
A 1 66  ALA 66  61  61  ALA ALA A . n 
A 1 67  LEU 67  62  62  LEU LEU A . n 
A 1 68  GLU 68  63  63  GLU GLU A . n 
A 1 69  LEU 69  64  64  LEU LEU A . n 
A 1 70  ASP 70  65  65  ASP ASP A . n 
A 1 71  PRO 71  66  66  PRO PRO A . n 
A 1 72  ARG 72  67  67  ARG ARG A . n 
A 1 73  SER 73  68  68  SER SER A . n 
A 1 74  ALA 74  69  69  ALA ALA A . n 
A 1 75  GLU 75  70  70  GLU GLU A . n 
A 1 76  ALA 76  71  71  ALA ALA A . n 
A 1 77  TRP 77  72  72  TRP TRP A . n 
A 1 78  TYR 78  73  73  TYR TYR A . n 
A 1 79  ASN 79  74  74  ASN ASN A . n 
A 1 80  LEU 80  75  75  LEU LEU A . n 
A 1 81  GLY 81  76  76  GLY GLY A . n 
A 1 82  ASN 82  77  77  ASN ASN A . n 
A 1 83  ALA 83  78  78  ALA ALA A . n 
A 1 84  TYR 84  79  79  TYR TYR A . n 
A 1 85  TYR 85  80  80  TYR TYR A . n 
A 1 86  LYS 86  81  81  LYS LYS A . n 
A 1 87  GLN 87  82  82  GLN GLN A . n 
A 1 88  GLY 88  83  83  GLY GLY A . n 
A 1 89  ASP 89  84  84  ASP ASP A . n 
A 1 90  TYR 90  85  85  TYR TYR A . n 
A 1 91  ASP 91  86  86  ASP ASP A . n 
A 1 92  GLU 92  87  87  GLU GLU A . n 
A 1 93  ALA 93  88  88  ALA ALA A . n 
A 1 94  ILE 94  89  89  ILE ILE A . n 
A 1 95  GLU 95  90  90  GLU GLU A . n 
A 1 96  TYR 96  91  91  TYR TYR A . n 
A 1 97  TYR 97  92  92  TYR TYR A . n 
A 1 98  GLN 98  93  93  GLN GLN A . n 
A 1 99  LYS 99  94  94  LYS LYS A . n 
A 1 100 ALA 100 95  95  ALA ALA A . n 
A 1 101 LEU 101 96  96  LEU LEU A . n 
A 1 102 GLU 102 97  97  GLU GLU A . n 
A 1 103 LEU 103 98  98  LEU LEU A . n 
A 1 104 ASP 104 99  99  ASP ASP A . n 
A 1 105 PRO 105 100 100 PRO PRO A . n 
A 1 106 ARG 106 101 101 ARG ARG A . n 
A 1 107 SER 107 102 102 SER SER A . n 
A 1 108 ALA 108 103 103 ALA ALA A . n 
A 1 109 GLU 109 104 104 GLU GLU A . n 
A 1 110 ALA 110 105 105 ALA ALA A . n 
A 1 111 TRP 111 106 106 TRP TRP A . n 
A 1 112 TYR 112 107 107 TYR TYR A . n 
A 1 113 ASN 113 108 108 ASN ASN A . n 
A 1 114 LEU 114 109 109 LEU LEU A . n 
A 1 115 GLY 115 110 110 GLY GLY A . n 
A 1 116 ASN 116 111 111 ASN ASN A . n 
A 1 117 ALA 117 112 112 ALA ALA A . n 
A 1 118 TYR 118 113 113 TYR TYR A . n 
A 1 119 TYR 119 114 114 TYR TYR A . n 
A 1 120 LYS 120 115 115 LYS LYS A . n 
A 1 121 GLN 121 116 116 GLN GLN A . n 
A 1 122 GLY 122 117 117 GLY GLY A . n 
A 1 123 ASP 123 118 118 ASP ASP A . n 
A 1 124 TYR 124 119 119 TYR TYR A . n 
A 1 125 ASP 125 120 120 ASP ASP A . n 
A 1 126 GLU 126 121 121 GLU GLU A . n 
A 1 127 ALA 127 122 122 ALA ALA A . n 
A 1 128 ILE 128 123 123 ILE ILE A . n 
A 1 129 GLU 129 124 124 GLU GLU A . n 
A 1 130 TYR 130 125 125 TYR TYR A . n 
A 1 131 TYR 131 126 126 TYR TYR A . n 
A 1 132 GLN 132 127 127 GLN GLN A . n 
A 1 133 LYS 133 128 128 LYS LYS A . n 
A 1 134 ALA 134 129 129 ALA ALA A . n 
A 1 135 LEU 135 130 130 LEU LEU A . n 
A 1 136 GLU 136 131 131 GLU GLU A . n 
A 1 137 LEU 137 132 132 LEU LEU A . n 
A 1 138 ASP 138 133 133 ASP ASP A . n 
A 1 139 PRO 139 134 134 PRO PRO A . n 
A 1 140 ARG 140 135 135 ARG ARG A . n 
A 1 141 SER 141 136 136 SER SER A . n 
A 1 142 ALA 142 137 ?   ?   ?   A . n 
A 1 143 GLU 143 138 ?   ?   ?   A . n 
A 1 144 ALA 144 139 ?   ?   ?   A . n 
A 1 145 TRP 145 140 ?   ?   ?   A . n 
A 1 146 TYR 146 141 ?   ?   ?   A . n 
A 1 147 ASN 147 142 ?   ?   ?   A . n 
A 1 148 LEU 148 143 ?   ?   ?   A . n 
A 1 149 GLY 149 144 ?   ?   ?   A . n 
A 1 150 ASN 150 145 ?   ?   ?   A . n 
A 1 151 ALA 151 146 ?   ?   ?   A . n 
A 1 152 TYR 152 147 ?   ?   ?   A . n 
A 1 153 TYR 153 148 ?   ?   ?   A . n 
A 1 154 LYS 154 149 ?   ?   ?   A . n 
A 1 155 GLN 155 150 ?   ?   ?   A . n 
A 1 156 GLY 156 151 ?   ?   ?   A . n 
A 1 157 ASP 157 152 ?   ?   ?   A . n 
A 1 158 TYR 158 153 ?   ?   ?   A . n 
A 1 159 ASP 159 154 ?   ?   ?   A . n 
A 1 160 GLU 160 155 ?   ?   ?   A . n 
A 1 161 ALA 161 156 ?   ?   ?   A . n 
A 1 162 ILE 162 157 ?   ?   ?   A . n 
A 1 163 GLU 163 158 ?   ?   ?   A . n 
A 1 164 TYR 164 159 ?   ?   ?   A . n 
A 1 165 TYR 165 160 ?   ?   ?   A . n 
A 1 166 GLN 166 161 ?   ?   ?   A . n 
A 1 167 LYS 167 162 ?   ?   ?   A . n 
A 1 168 ALA 168 163 ?   ?   ?   A . n 
A 1 169 LEU 169 164 ?   ?   ?   A . n 
A 1 170 GLU 170 165 ?   ?   ?   A . n 
A 1 171 LEU 171 166 ?   ?   ?   A . n 
A 1 172 ASP 172 167 ?   ?   ?   A . n 
A 1 173 PRO 173 168 ?   ?   ?   A . n 
A 1 174 ARG 174 169 ?   ?   ?   A . n 
A 1 175 SER 175 170 ?   ?   ?   A . n 
A 1 176 ALA 176 171 ?   ?   ?   A . n 
A 1 177 GLU 177 172 ?   ?   ?   A . n 
A 1 178 ALA 178 173 ?   ?   ?   A . n 
A 1 179 TRP 179 174 ?   ?   ?   A . n 
A 1 180 TYR 180 175 ?   ?   ?   A . n 
A 1 181 ASN 181 176 ?   ?   ?   A . n 
A 1 182 LEU 182 177 ?   ?   ?   A . n 
A 1 183 GLY 183 178 ?   ?   ?   A . n 
A 1 184 ASN 184 179 ?   ?   ?   A . n 
A 1 185 ALA 185 180 ?   ?   ?   A . n 
A 1 186 TYR 186 181 ?   ?   ?   A . n 
A 1 187 TYR 187 182 ?   ?   ?   A . n 
A 1 188 LYS 188 183 ?   ?   ?   A . n 
A 1 189 GLN 189 184 ?   ?   ?   A . n 
A 1 190 GLY 190 185 ?   ?   ?   A . n 
A 1 191 ASP 191 186 ?   ?   ?   A . n 
A 1 192 TYR 192 187 ?   ?   ?   A . n 
A 1 193 ASP 193 188 ?   ?   ?   A . n 
A 1 194 GLU 194 189 ?   ?   ?   A . n 
A 1 195 ALA 195 190 ?   ?   ?   A . n 
A 1 196 ILE 196 191 ?   ?   ?   A . n 
A 1 197 GLU 197 192 ?   ?   ?   A . n 
A 1 198 TYR 198 193 ?   ?   ?   A . n 
A 1 199 TYR 199 194 ?   ?   ?   A . n 
A 1 200 GLN 200 195 ?   ?   ?   A . n 
A 1 201 LYS 201 196 ?   ?   ?   A . n 
A 1 202 ALA 202 197 ?   ?   ?   A . n 
A 1 203 LEU 203 198 ?   ?   ?   A . n 
A 1 204 GLU 204 199 ?   ?   ?   A . n 
A 1 205 LEU 205 200 ?   ?   ?   A . n 
A 1 206 ASP 206 201 ?   ?   ?   A . n 
A 1 207 PRO 207 202 ?   ?   ?   A . n 
A 1 208 ARG 208 203 ?   ?   ?   A . n 
A 1 209 SER 209 204 ?   ?   ?   A . n 
A 1 210 ALA 210 205 ?   ?   ?   A . n 
A 1 211 GLU 211 206 ?   ?   ?   A . n 
A 1 212 ALA 212 207 ?   ?   ?   A . n 
A 1 213 TRP 213 208 ?   ?   ?   A . n 
A 1 214 TYR 214 209 ?   ?   ?   A . n 
A 1 215 ASN 215 210 ?   ?   ?   A . n 
A 1 216 LEU 216 211 ?   ?   ?   A . n 
A 1 217 GLY 217 212 ?   ?   ?   A . n 
A 1 218 ASN 218 213 ?   ?   ?   A . n 
A 1 219 ALA 219 214 ?   ?   ?   A . n 
A 1 220 TYR 220 215 ?   ?   ?   A . n 
A 1 221 TYR 221 216 ?   ?   ?   A . n 
A 1 222 LYS 222 217 ?   ?   ?   A . n 
A 1 223 GLN 223 218 ?   ?   ?   A . n 
A 1 224 GLY 224 219 ?   ?   ?   A . n 
A 1 225 ASP 225 220 ?   ?   ?   A . n 
A 1 226 TYR 226 221 ?   ?   ?   A . n 
A 1 227 ASP 227 222 ?   ?   ?   A . n 
A 1 228 GLU 228 223 ?   ?   ?   A . n 
A 1 229 ALA 229 224 ?   ?   ?   A . n 
A 1 230 ILE 230 225 ?   ?   ?   A . n 
A 1 231 GLU 231 226 ?   ?   ?   A . n 
A 1 232 TYR 232 227 ?   ?   ?   A . n 
A 1 233 TYR 233 228 ?   ?   ?   A . n 
A 1 234 GLN 234 229 ?   ?   ?   A . n 
A 1 235 LYS 235 230 ?   ?   ?   A . n 
A 1 236 ALA 236 231 ?   ?   ?   A . n 
A 1 237 LEU 237 232 ?   ?   ?   A . n 
A 1 238 GLU 238 233 ?   ?   ?   A . n 
A 1 239 LEU 239 234 ?   ?   ?   A . n 
A 1 240 ASP 240 235 ?   ?   ?   A . n 
A 1 241 PRO 241 236 ?   ?   ?   A . n 
A 1 242 ARG 242 237 ?   ?   ?   A . n 
A 1 243 SER 243 238 ?   ?   ?   A . n 
A 1 244 ALA 244 239 ?   ?   ?   A . n 
A 1 245 GLU 245 240 ?   ?   ?   A . n 
A 1 246 ALA 246 241 ?   ?   ?   A . n 
A 1 247 TRP 247 242 ?   ?   ?   A . n 
A 1 248 TYR 248 243 ?   ?   ?   A . n 
A 1 249 ASN 249 244 ?   ?   ?   A . n 
A 1 250 LEU 250 245 ?   ?   ?   A . n 
A 1 251 GLY 251 246 ?   ?   ?   A . n 
A 1 252 ASN 252 247 ?   ?   ?   A . n 
A 1 253 ALA 253 248 ?   ?   ?   A . n 
A 1 254 TYR 254 249 ?   ?   ?   A . n 
A 1 255 TYR 255 250 ?   ?   ?   A . n 
A 1 256 LYS 256 251 ?   ?   ?   A . n 
A 1 257 GLN 257 252 ?   ?   ?   A . n 
A 1 258 GLY 258 253 ?   ?   ?   A . n 
A 1 259 ASP 259 254 ?   ?   ?   A . n 
A 1 260 TYR 260 255 ?   ?   ?   A . n 
A 1 261 ASP 261 256 ?   ?   ?   A . n 
A 1 262 GLU 262 257 ?   ?   ?   A . n 
A 1 263 ALA 263 258 ?   ?   ?   A . n 
A 1 264 ILE 264 259 ?   ?   ?   A . n 
A 1 265 GLU 265 260 ?   ?   ?   A . n 
A 1 266 TYR 266 261 ?   ?   ?   A . n 
A 1 267 TYR 267 262 ?   ?   ?   A . n 
A 1 268 GLN 268 263 ?   ?   ?   A . n 
A 1 269 LYS 269 264 ?   ?   ?   A . n 
A 1 270 ALA 270 265 ?   ?   ?   A . n 
A 1 271 LEU 271 266 ?   ?   ?   A . n 
A 1 272 GLU 272 267 ?   ?   ?   A . n 
A 1 273 LEU 273 268 ?   ?   ?   A . n 
A 1 274 ASP 274 269 ?   ?   ?   A . n 
A 1 275 PRO 275 270 ?   ?   ?   A . n 
A 1 276 ARG 276 271 ?   ?   ?   A . n 
A 1 277 SER 277 272 ?   ?   ?   A . n 
A 1 278 ALA 278 273 ?   ?   ?   A . n 
A 1 279 GLU 279 274 ?   ?   ?   A . n 
A 1 280 ALA 280 275 ?   ?   ?   A . n 
A 1 281 LYS 281 276 ?   ?   ?   A . n 
A 1 282 GLY 282 277 ?   ?   ?   A . n 
A 1 283 ASN 283 278 ?   ?   ?   A . n 
A 1 284 LEU 284 279 ?   ?   ?   A . n 
A 1 285 GLY 285 280 ?   ?   ?   A . n 
A 1 286 ASN 286 281 ?   ?   ?   A . n 
A 1 287 ALA 287 282 ?   ?   ?   A . n 
A 1 288 LYS 288 283 ?   ?   ?   A . n 
A 1 289 GLN 289 284 ?   ?   ?   A . n 
A 1 290 LYS 290 285 ?   ?   ?   A . n 
A 1 291 GLN 291 286 ?   ?   ?   A . n 
A 1 292 GLY 292 287 ?   ?   ?   A . n 
# 
loop_
_pdbx_nonpoly_scheme.asym_id 
_pdbx_nonpoly_scheme.entity_id 
_pdbx_nonpoly_scheme.mon_id 
_pdbx_nonpoly_scheme.ndb_seq_num 
_pdbx_nonpoly_scheme.pdb_seq_num 
_pdbx_nonpoly_scheme.auth_seq_num 
_pdbx_nonpoly_scheme.pdb_mon_id 
_pdbx_nonpoly_scheme.auth_mon_id 
_pdbx_nonpoly_scheme.pdb_strand_id 
_pdbx_nonpoly_scheme.pdb_ins_code 
B 2 CA  1  301 1  CA  CA  A . 
C 2 CA  1  302 2  CA  CA  A . 
D 2 CA  1  303 3  CA  CA  A . 
E 2 CA  1  304 4  CA  CA  A . 
F 2 CA  1  305 5  CA  CA  A . 
G 2 CA  1  306 6  CA  CA  A . 
H 3 MPD 1  307 1  MPD MPD A . 
I 3 MPD 1  308 2  MPD MPD A . 
J 4 HOH 1  401 19 HOH HOH A . 
J 4 HOH 2  402 16 HOH HOH A . 
J 4 HOH 3  403 10 HOH HOH A . 
J 4 HOH 4  404 40 HOH HOH A . 
J 4 HOH 5  405 23 HOH HOH A . 
J 4 HOH 6  406 44 HOH HOH A . 
J 4 HOH 7  407 75 HOH HOH A . 
J 4 HOH 8  408 74 HOH HOH A . 
J 4 HOH 9  409 34 HOH HOH A . 
J 4 HOH 10 410 76 HOH HOH A . 
J 4 HOH 11 411 50 HOH HOH A . 
J 4 HOH 12 412 4  HOH HOH A . 
J 4 HOH 13 413 43 HOH HOH A . 
J 4 HOH 14 414 93 HOH HOH A . 
J 4 HOH 15 415 41 HOH HOH A . 
J 4 HOH 16 416 39 HOH HOH A . 
J 4 HOH 17 417 32 HOH HOH A . 
J 4 HOH 18 418 53 HOH HOH A . 
J 4 HOH 19 419 37 HOH HOH A . 
J 4 HOH 20 420 65 HOH HOH A . 
J 4 HOH 21 421 78 HOH HOH A . 
J 4 HOH 22 422 33 HOH HOH A . 
J 4 HOH 23 423 52 HOH HOH A . 
J 4 HOH 24 424 15 HOH HOH A . 
J 4 HOH 25 425 49 HOH HOH A . 
J 4 HOH 26 426 73 HOH HOH A . 
J 4 HOH 27 427 90 HOH HOH A . 
J 4 HOH 28 428 48 HOH HOH A . 
J 4 HOH 29 429 92 HOH HOH A . 
J 4 HOH 30 430 63 HOH HOH A . 
J 4 HOH 31 431 62 HOH HOH A . 
J 4 HOH 32 432 14 HOH HOH A . 
J 4 HOH 33 433 1  HOH HOH A . 
J 4 HOH 34 434 64 HOH HOH A . 
J 4 HOH 35 435 12 HOH HOH A . 
J 4 HOH 36 436 57 HOH HOH A . 
J 4 HOH 37 437 2  HOH HOH A . 
J 4 HOH 38 438 54 HOH HOH A . 
J 4 HOH 39 439 20 HOH HOH A . 
J 4 HOH 40 440 60 HOH HOH A . 
J 4 HOH 41 441 58 HOH HOH A . 
J 4 HOH 42 442 26 HOH HOH A . 
J 4 HOH 43 443 28 HOH HOH A . 
J 4 HOH 44 444 55 HOH HOH A . 
J 4 HOH 45 445 72 HOH HOH A . 
J 4 HOH 46 446 46 HOH HOH A . 
J 4 HOH 47 447 67 HOH HOH A . 
J 4 HOH 48 448 66 HOH HOH A . 
J 4 HOH 49 449 47 HOH HOH A . 
J 4 HOH 50 450 81 HOH HOH A . 
J 4 HOH 51 451 89 HOH HOH A . 
J 4 HOH 52 452 77 HOH HOH A . 
J 4 HOH 53 453 36 HOH HOH A . 
J 4 HOH 54 454 56 HOH HOH A . 
J 4 HOH 55 455 17 HOH HOH A . 
J 4 HOH 56 456 30 HOH HOH A . 
J 4 HOH 57 457 59 HOH HOH A . 
J 4 HOH 58 458 18 HOH HOH A . 
J 4 HOH 59 459 83 HOH HOH A . 
J 4 HOH 60 460 80 HOH HOH A . 
J 4 HOH 61 461 24 HOH HOH A . 
J 4 HOH 62 462 88 HOH HOH A . 
J 4 HOH 63 463 45 HOH HOH A . 
J 4 HOH 64 464 11 HOH HOH A . 
J 4 HOH 65 465 51 HOH HOH A . 
J 4 HOH 66 466 13 HOH HOH A . 
J 4 HOH 67 467 38 HOH HOH A . 
J 4 HOH 68 468 3  HOH HOH A . 
J 4 HOH 69 469 31 HOH HOH A . 
J 4 HOH 70 470 25 HOH HOH A . 
J 4 HOH 71 471 6  HOH HOH A . 
J 4 HOH 72 472 35 HOH HOH A . 
J 4 HOH 73 473 29 HOH HOH A . 
J 4 HOH 74 474 84 HOH HOH A . 
J 4 HOH 75 475 7  HOH HOH A . 
J 4 HOH 76 476 5  HOH HOH A . 
J 4 HOH 77 477 61 HOH HOH A . 
J 4 HOH 78 478 8  HOH HOH A . 
J 4 HOH 79 479 42 HOH HOH A . 
J 4 HOH 80 480 9  HOH HOH A . 
J 4 HOH 81 481 85 HOH HOH A . 
J 4 HOH 82 482 27 HOH HOH A . 
J 4 HOH 83 483 71 HOH HOH A . 
J 4 HOH 84 484 22 HOH HOH A . 
J 4 HOH 85 485 21 HOH HOH A . 
J 4 HOH 86 486 79 HOH HOH A . 
J 4 HOH 87 487 69 HOH HOH A . 
J 4 HOH 88 488 91 HOH HOH A . 
J 4 HOH 89 489 94 HOH HOH A . 
J 4 HOH 90 490 86 HOH HOH A . 
J 4 HOH 91 491 68 HOH HOH A . 
J 4 HOH 92 492 70 HOH HOH A . 
J 4 HOH 93 493 95 HOH HOH A . 
J 4 HOH 94 494 87 HOH HOH A . 
# 
loop_
_software.citation_id 
_software.classification 
_software.compiler_name 
_software.compiler_version 
_software.contact_author 
_software.contact_author_email 
_software.date 
_software.description 
_software.dependencies 
_software.hardware 
_software.language 
_software.location 
_software.mods 
_software.name 
_software.os 
_software.os_version 
_software.type 
_software.version 
_software.pdbx_ordinal 
? refinement       ? ? ? ? ? ? ? ? ? ? ? REFMAC ? ? ? 5       1 
? 'data scaling'   ? ? ? ? ? ? ? ? ? ? ? SCALA  ? ? ? 7.0.078 2 
? 'data reduction' ? ? ? ? ? ? ? ? ? ? ? MOSFLM ? ? ? 7.2.2   3 
? phasing          ? ? ? ? ? ? ? ? ? ? ? MOLREP ? ? ? 11.7.02 4 
# 
_cell.angle_alpha                  90.00 
_cell.angle_alpha_esd              ? 
_cell.angle_beta                   90.00 
_cell.angle_beta_esd               ? 
_cell.angle_gamma                  120.00 
_cell.angle_gamma_esd              ? 
_cell.entry_id                     8CKR 
_cell.details                      ? 
_cell.formula_units_Z              ? 
_cell.length_a                     68.317 
_cell.length_a_esd                 ? 
_cell.length_b                     68.317 
_cell.length_b_esd                 ? 
_cell.length_c                     72.335 
_cell.length_c_esd                 ? 
_cell.volume                       ? 
_cell.volume_esd                   ? 
_cell.Z_PDB                        6 
_cell.reciprocal_angle_alpha       ? 
_cell.reciprocal_angle_beta        ? 
_cell.reciprocal_angle_gamma       ? 
_cell.reciprocal_angle_alpha_esd   ? 
_cell.reciprocal_angle_beta_esd    ? 
_cell.reciprocal_angle_gamma_esd   ? 
_cell.reciprocal_length_a          ? 
_cell.reciprocal_length_b          ? 
_cell.reciprocal_length_c          ? 
_cell.reciprocal_length_a_esd      ? 
_cell.reciprocal_length_b_esd      ? 
_cell.reciprocal_length_c_esd      ? 
_cell.pdbx_unique_axis             ? 
_cell.pdbx_esd_method              ? 
# 
_symmetry.entry_id                         8CKR 
_symmetry.cell_setting                     ? 
_symmetry.Int_Tables_number                154 
_symmetry.space_group_name_Hall            ? 
_symmetry.space_group_name_H-M             'P 32 2 1' 
_symmetry.pdbx_full_space_group_name_H-M   ? 
# 
_exptl.absorpt_coefficient_mu     ? 
_exptl.absorpt_correction_T_max   ? 
_exptl.absorpt_correction_T_min   ? 
_exptl.absorpt_correction_type    ? 
_exptl.absorpt_process_details    ? 
_exptl.entry_id                   8CKR 
_exptl.crystals_number            1 
_exptl.details                    ? 
_exptl.method                     'X-RAY DIFFRACTION' 
_exptl.method_details             ? 
# 
_exptl_crystal.colour                       ? 
_exptl_crystal.density_diffrn               ? 
_exptl_crystal.density_Matthews             ? 
_exptl_crystal.density_method               ? 
_exptl_crystal.density_percent_sol          ? 
_exptl_crystal.description                  ? 
_exptl_crystal.F_000                        ? 
_exptl_crystal.id                           1 
_exptl_crystal.preparation                  ? 
_exptl_crystal.size_max                     ? 
_exptl_crystal.size_mid                     ? 
_exptl_crystal.size_min                     ? 
_exptl_crystal.size_rad                     ? 
_exptl_crystal.colour_lustre                ? 
_exptl_crystal.colour_modifier              ? 
_exptl_crystal.colour_primary               ? 
_exptl_crystal.density_meas                 ? 
_exptl_crystal.density_meas_esd             ? 
_exptl_crystal.density_meas_gt              ? 
_exptl_crystal.density_meas_lt              ? 
_exptl_crystal.density_meas_temp            ? 
_exptl_crystal.density_meas_temp_esd        ? 
_exptl_crystal.density_meas_temp_gt         ? 
_exptl_crystal.density_meas_temp_lt         ? 
_exptl_crystal.pdbx_crystal_image_url       ? 
_exptl_crystal.pdbx_crystal_image_format    ? 
_exptl_crystal.pdbx_mosaicity               ? 
_exptl_crystal.pdbx_mosaicity_esd           ? 
_exptl_crystal.pdbx_mosaic_method           ? 
_exptl_crystal.pdbx_mosaic_block_size       ? 
_exptl_crystal.pdbx_mosaic_block_size_esd   ? 
# 
_exptl_crystal_grow.apparatus       ? 
_exptl_crystal_grow.atmosphere      ? 
_exptl_crystal_grow.crystal_id      1 
_exptl_crystal_grow.details         ? 
_exptl_crystal_grow.method          'VAPOR DIFFUSION' 
_exptl_crystal_grow.method_ref      ? 
_exptl_crystal_grow.pH              7.5 
_exptl_crystal_grow.pressure        ? 
_exptl_crystal_grow.pressure_esd    ? 
_exptl_crystal_grow.seeding         ? 
_exptl_crystal_grow.seeding_ref     ? 
_exptl_crystal_grow.temp_details    ? 
_exptl_crystal_grow.temp_esd        ? 
_exptl_crystal_grow.time            ? 
_exptl_crystal_grow.pdbx_details    
;20mM CaCl2
100 mM Hepes
30% MPD
;
_exptl_crystal_grow.pdbx_pH_range   ? 
_exptl_crystal_grow.temp            292 
# 
_diffrn.ambient_environment              ? 
_diffrn.ambient_temp                     100 
_diffrn.ambient_temp_details             ? 
_diffrn.ambient_temp_esd                 ? 
_diffrn.crystal_id                       1 
_diffrn.crystal_support                  ? 
_diffrn.crystal_treatment                ? 
_diffrn.details                          ? 
_diffrn.id                               1 
_diffrn.ambient_pressure                 ? 
_diffrn.ambient_pressure_esd             ? 
_diffrn.ambient_pressure_gt              ? 
_diffrn.ambient_pressure_lt              ? 
_diffrn.ambient_temp_gt                  ? 
_diffrn.ambient_temp_lt                  ? 
_diffrn.pdbx_serial_crystal_experiment   N 
# 
_diffrn_detector.details                      ? 
_diffrn_detector.detector                     PIXEL 
_diffrn_detector.diffrn_id                    1 
_diffrn_detector.type                         'DECTRIS PILATUS 6M' 
_diffrn_detector.area_resol_mean              ? 
_diffrn_detector.dtime                        ? 
_diffrn_detector.pdbx_frames_total            ? 
_diffrn_detector.pdbx_collection_time_total   ? 
_diffrn_detector.pdbx_collection_date         2019-10-25 
_diffrn_detector.pdbx_frequency               ? 
_diffrn_detector.id                           ? 
_diffrn_detector.number_of_axes               ? 
# 
_diffrn_radiation.collimation                      ? 
_diffrn_radiation.diffrn_id                        1 
_diffrn_radiation.filter_edge                      ? 
_diffrn_radiation.inhomogeneity                    ? 
_diffrn_radiation.monochromator                    ? 
_diffrn_radiation.polarisn_norm                    ? 
_diffrn_radiation.polarisn_ratio                   ? 
_diffrn_radiation.probe                            ? 
_diffrn_radiation.type                             ? 
_diffrn_radiation.xray_symbol                      ? 
_diffrn_radiation.wavelength_id                    1 
_diffrn_radiation.pdbx_monochromatic_or_laue_m_l   M 
_diffrn_radiation.pdbx_wavelength_list             ? 
_diffrn_radiation.pdbx_wavelength                  ? 
_diffrn_radiation.pdbx_diffrn_protocol             'SINGLE WAVELENGTH' 
_diffrn_radiation.pdbx_analyzer                    ? 
_diffrn_radiation.pdbx_scattering_type             x-ray 
# 
_diffrn_radiation_wavelength.id           1 
_diffrn_radiation_wavelength.wavelength   0.97926 
_diffrn_radiation_wavelength.wt           1.0 
# 
_diffrn_source.current                     ? 
_diffrn_source.details                     ? 
_diffrn_source.diffrn_id                   1 
_diffrn_source.power                       ? 
_diffrn_source.size                        ? 
_diffrn_source.source                      SYNCHROTRON 
_diffrn_source.target                      ? 
_diffrn_source.type                        'ALBA BEAMLINE XALOC' 
_diffrn_source.voltage                     ? 
_diffrn_source.take-off_angle              ? 
_diffrn_source.pdbx_wavelength_list        0.97926 
_diffrn_source.pdbx_wavelength             ? 
_diffrn_source.pdbx_synchrotron_beamline   XALOC 
_diffrn_source.pdbx_synchrotron_site       ALBA 
# 
_reflns.B_iso_Wilson_estimate                          ? 
_reflns.entry_id                                       8CKR 
_reflns.data_reduction_details                         ? 
_reflns.data_reduction_method                          ? 
_reflns.d_resolution_high                              1.30 
_reflns.d_resolution_low                               59.17 
_reflns.details                                        ? 
_reflns.limit_h_max                                    ? 
_reflns.limit_h_min                                    ? 
_reflns.limit_k_max                                    ? 
_reflns.limit_k_min                                    ? 
_reflns.limit_l_max                                    ? 
_reflns.limit_l_min                                    ? 
_reflns.number_all                                     ? 
_reflns.number_obs                                     48472 
_reflns.observed_criterion                             ? 
_reflns.observed_criterion_F_max                       ? 
_reflns.observed_criterion_F_min                       ? 
_reflns.observed_criterion_I_max                       ? 
_reflns.observed_criterion_I_min                       ? 
_reflns.observed_criterion_sigma_F                     ? 
_reflns.observed_criterion_sigma_I                     ? 
_reflns.percent_possible_obs                           100.0 
_reflns.R_free_details                                 ? 
_reflns.Rmerge_F_all                                   ? 
_reflns.Rmerge_F_obs                                   ? 
_reflns.Friedel_coverage                               ? 
_reflns.number_gt                                      ? 
_reflns.threshold_expression                           ? 
_reflns.pdbx_redundancy                                15.0 
_reflns.pdbx_netI_over_av_sigmaI                       ? 
_reflns.pdbx_netI_over_sigmaI                          11.0 
_reflns.pdbx_res_netI_over_av_sigmaI_2                 ? 
_reflns.pdbx_res_netI_over_sigmaI_2                    ? 
_reflns.pdbx_chi_squared                               ? 
_reflns.pdbx_scaling_rejects                           ? 
_reflns.pdbx_d_res_high_opt                            ? 
_reflns.pdbx_d_res_low_opt                             ? 
_reflns.pdbx_d_res_opt_method                          ? 
_reflns.phase_calculation_details                      ? 
_reflns.pdbx_Rrim_I_all                                0.087 
_reflns.pdbx_Rpim_I_all                                0.022 
_reflns.pdbx_d_opt                                     ? 
_reflns.pdbx_number_measured_all                       729150 
_reflns.pdbx_diffrn_id                                 1 
_reflns.pdbx_ordinal                                   1 
_reflns.pdbx_CC_half                                   0.999 
_reflns.pdbx_CC_star                                   ? 
_reflns.pdbx_R_split                                   ? 
_reflns.pdbx_Rmerge_I_obs                              ? 
_reflns.pdbx_Rmerge_I_all                              ? 
_reflns.pdbx_Rsym_value                                ? 
_reflns.pdbx_CC_split_method                           ? 
_reflns.pdbx_aniso_diffraction_limit_axis_1_ortho[1]   ? 
_reflns.pdbx_aniso_diffraction_limit_axis_1_ortho[2]   ? 
_reflns.pdbx_aniso_diffraction_limit_axis_1_ortho[3]   ? 
_reflns.pdbx_aniso_diffraction_limit_axis_2_ortho[1]   ? 
_reflns.pdbx_aniso_diffraction_limit_axis_2_ortho[2]   ? 
_reflns.pdbx_aniso_diffraction_limit_axis_2_ortho[3]   ? 
_reflns.pdbx_aniso_diffraction_limit_axis_3_ortho[1]   ? 
_reflns.pdbx_aniso_diffraction_limit_axis_3_ortho[2]   ? 
_reflns.pdbx_aniso_diffraction_limit_axis_3_ortho[3]   ? 
_reflns.pdbx_aniso_diffraction_limit_1                 ? 
_reflns.pdbx_aniso_diffraction_limit_2                 ? 
_reflns.pdbx_aniso_diffraction_limit_3                 ? 
_reflns.pdbx_aniso_B_tensor_eigenvector_1_ortho[1]     ? 
_reflns.pdbx_aniso_B_tensor_eigenvector_1_ortho[2]     ? 
_reflns.pdbx_aniso_B_tensor_eigenvector_1_ortho[3]     ? 
_reflns.pdbx_aniso_B_tensor_eigenvector_2_ortho[1]     ? 
_reflns.pdbx_aniso_B_tensor_eigenvector_2_ortho[2]     ? 
_reflns.pdbx_aniso_B_tensor_eigenvector_2_ortho[3]     ? 
_reflns.pdbx_aniso_B_tensor_eigenvector_3_ortho[1]     ? 
_reflns.pdbx_aniso_B_tensor_eigenvector_3_ortho[2]     ? 
_reflns.pdbx_aniso_B_tensor_eigenvector_3_ortho[3]     ? 
_reflns.pdbx_aniso_B_tensor_eigenvalue_1               ? 
_reflns.pdbx_aniso_B_tensor_eigenvalue_2               ? 
_reflns.pdbx_aniso_B_tensor_eigenvalue_3               ? 
_reflns.pdbx_orthogonalization_convention              ? 
_reflns.pdbx_percent_possible_ellipsoidal              ? 
_reflns.pdbx_percent_possible_spherical                ? 
_reflns.pdbx_percent_possible_ellipsoidal_anomalous    ? 
_reflns.pdbx_percent_possible_spherical_anomalous      ? 
_reflns.pdbx_redundancy_anomalous                      ? 
_reflns.pdbx_CC_half_anomalous                         ? 
_reflns.pdbx_absDiff_over_sigma_anomalous              ? 
_reflns.pdbx_percent_possible_anomalous                ? 
_reflns.pdbx_observed_signal_threshold                 ? 
_reflns.pdbx_signal_type                               ? 
_reflns.pdbx_signal_details                            ? 
_reflns.pdbx_signal_software_id                        ? 
# 
_reflns_shell.d_res_high                                    1.30 
_reflns_shell.d_res_low                                     1.37 
_reflns_shell.meanI_over_sigI_all                           ? 
_reflns_shell.meanI_over_sigI_obs                           ? 
_reflns_shell.number_measured_all                           101260 
_reflns_shell.number_measured_obs                           ? 
_reflns_shell.number_possible                               ? 
_reflns_shell.number_unique_all                             ? 
_reflns_shell.number_unique_obs                             6993 
_reflns_shell.percent_possible_obs                          100.0 
_reflns_shell.Rmerge_F_all                                  ? 
_reflns_shell.Rmerge_F_obs                                  ? 
_reflns_shell.meanI_over_sigI_gt                            ? 
_reflns_shell.meanI_over_uI_all                             ? 
_reflns_shell.meanI_over_uI_gt                              ? 
_reflns_shell.number_measured_gt                            ? 
_reflns_shell.number_unique_gt                              ? 
_reflns_shell.percent_possible_gt                           ? 
_reflns_shell.Rmerge_F_gt                                   ? 
_reflns_shell.Rmerge_I_gt                                   ? 
_reflns_shell.pdbx_redundancy                               14.5 
_reflns_shell.pdbx_chi_squared                              ? 
_reflns_shell.pdbx_netI_over_sigmaI_all                     ? 
_reflns_shell.pdbx_netI_over_sigmaI_obs                     1.3 
_reflns_shell.pdbx_Rrim_I_all                               2.322 
_reflns_shell.pdbx_Rpim_I_all                               0.605 
_reflns_shell.pdbx_rejects                                  ? 
_reflns_shell.pdbx_ordinal                                  1 
_reflns_shell.pdbx_diffrn_id                                ? 
_reflns_shell.pdbx_CC_half                                  0.438 
_reflns_shell.pdbx_CC_star                                  ? 
_reflns_shell.pdbx_R_split                                  ? 
_reflns_shell.percent_possible_all                          ? 
_reflns_shell.Rmerge_I_all                                  ? 
_reflns_shell.Rmerge_I_obs                                  ? 
_reflns_shell.pdbx_Rsym_value                               ? 
_reflns_shell.pdbx_percent_possible_ellipsoidal             ? 
_reflns_shell.pdbx_percent_possible_spherical               ? 
_reflns_shell.pdbx_percent_possible_ellipsoidal_anomalous   ? 
_reflns_shell.pdbx_percent_possible_spherical_anomalous     ? 
_reflns_shell.pdbx_redundancy_anomalous                     ? 
_reflns_shell.pdbx_CC_half_anomalous                        ? 
_reflns_shell.pdbx_absDiff_over_sigma_anomalous             ? 
_reflns_shell.pdbx_percent_possible_anomalous               ? 
# 
_refine.aniso_B[1][1]                            0.00 
_refine.aniso_B[1][2]                            0.00 
_refine.aniso_B[1][3]                            0.00 
_refine.aniso_B[2][2]                            0.00 
_refine.aniso_B[2][3]                            0.00 
_refine.aniso_B[3][3]                            -0.01 
_refine.B_iso_max                                ? 
_refine.B_iso_mean                               25.941 
_refine.B_iso_min                                ? 
_refine.correlation_coeff_Fo_to_Fc               0.972 
_refine.correlation_coeff_Fo_to_Fc_free          0.974 
_refine.details                                  'HYDROGENS HAVE BEEN ADDED IN THE RIDING POSITIONS' 
_refine.diff_density_max                         ? 
_refine.diff_density_max_esd                     ? 
_refine.diff_density_min                         ? 
_refine.diff_density_min_esd                     ? 
_refine.diff_density_rms                         ? 
_refine.diff_density_rms_esd                     ? 
_refine.entry_id                                 8CKR 
_refine.pdbx_refine_id                           'X-RAY DIFFRACTION' 
_refine.ls_abs_structure_details                 ? 
_refine.ls_abs_structure_Flack                   ? 
_refine.ls_abs_structure_Flack_esd               ? 
_refine.ls_abs_structure_Rogers                  ? 
_refine.ls_abs_structure_Rogers_esd              ? 
_refine.ls_d_res_high                            1.30 
_refine.ls_d_res_low                             59.16 
_refine.ls_extinction_coef                       ? 
_refine.ls_extinction_coef_esd                   ? 
_refine.ls_extinction_expression                 ? 
_refine.ls_extinction_method                     ? 
_refine.ls_goodness_of_fit_all                   ? 
_refine.ls_goodness_of_fit_all_esd               ? 
_refine.ls_goodness_of_fit_obs                   ? 
_refine.ls_goodness_of_fit_obs_esd               ? 
_refine.ls_hydrogen_treatment                    ? 
_refine.ls_matrix_type                           ? 
_refine.ls_number_constraints                    ? 
_refine.ls_number_parameters                     ? 
_refine.ls_number_reflns_all                     ? 
_refine.ls_number_reflns_obs                     45944 
_refine.ls_number_reflns_R_free                  2472 
_refine.ls_number_reflns_R_work                  ? 
_refine.ls_number_restraints                     ? 
_refine.ls_percent_reflns_obs                    99.95 
_refine.ls_percent_reflns_R_free                 5.1 
_refine.ls_R_factor_all                          ? 
_refine.ls_R_factor_obs                          0.18741 
_refine.ls_R_factor_R_free                       0.19866 
_refine.ls_R_factor_R_free_error                 ? 
_refine.ls_R_factor_R_free_error_details         ? 
_refine.ls_R_factor_R_work                       0.18680 
_refine.ls_R_Fsqd_factor_obs                     ? 
_refine.ls_R_I_factor_obs                        ? 
_refine.ls_redundancy_reflns_all                 ? 
_refine.ls_redundancy_reflns_obs                 ? 
_refine.ls_restrained_S_all                      ? 
_refine.ls_restrained_S_obs                      ? 
_refine.ls_shift_over_esd_max                    ? 
_refine.ls_shift_over_esd_mean                   ? 
_refine.ls_structure_factor_coef                 ? 
_refine.ls_weighting_details                     ? 
_refine.ls_weighting_scheme                      ? 
_refine.ls_wR_factor_all                         ? 
_refine.ls_wR_factor_obs                         ? 
_refine.ls_wR_factor_R_free                      ? 
_refine.ls_wR_factor_R_work                      ? 
_refine.occupancy_max                            ? 
_refine.occupancy_min                            ? 
_refine.solvent_model_details                    MASK 
_refine.solvent_model_param_bsol                 ? 
_refine.solvent_model_param_ksol                 ? 
_refine.pdbx_R_complete                          ? 
_refine.ls_R_factor_gt                           ? 
_refine.ls_goodness_of_fit_gt                    ? 
_refine.ls_goodness_of_fit_ref                   ? 
_refine.ls_shift_over_su_max                     ? 
_refine.ls_shift_over_su_max_lt                  ? 
_refine.ls_shift_over_su_mean                    ? 
_refine.ls_shift_over_su_mean_lt                 ? 
_refine.pdbx_ls_sigma_I                          ? 
_refine.pdbx_ls_sigma_F                          ? 
_refine.pdbx_ls_sigma_Fsqd                       ? 
_refine.pdbx_data_cutoff_high_absF               ? 
_refine.pdbx_data_cutoff_high_rms_absF           ? 
_refine.pdbx_data_cutoff_low_absF                ? 
_refine.pdbx_isotropic_thermal_model             ? 
_refine.pdbx_ls_cross_valid_method               THROUGHOUT 
_refine.pdbx_method_to_determine_struct          'MOLECULAR REPLACEMENT' 
_refine.pdbx_starting_model                      ? 
_refine.pdbx_stereochemistry_target_values       'MAXIMUM LIKELIHOOD' 
_refine.pdbx_R_Free_selection_details            RANDOM 
_refine.pdbx_stereochem_target_val_spec_case     ? 
_refine.pdbx_overall_ESU_R                       0.044 
_refine.pdbx_overall_ESU_R_Free                  0.044 
_refine.pdbx_solvent_vdw_probe_radii             1.20 
_refine.pdbx_solvent_ion_probe_radii             0.80 
_refine.pdbx_solvent_shrinkage_radii             0.80 
_refine.pdbx_real_space_R                        ? 
_refine.pdbx_density_correlation                 ? 
_refine.pdbx_pd_number_of_powder_patterns        ? 
_refine.pdbx_pd_number_of_points                 ? 
_refine.pdbx_pd_meas_number_of_points            ? 
_refine.pdbx_pd_proc_ls_prof_R_factor            ? 
_refine.pdbx_pd_proc_ls_prof_wR_factor           ? 
_refine.pdbx_pd_Marquardt_correlation_coeff      ? 
_refine.pdbx_pd_Fsqrd_R_factor                   ? 
_refine.pdbx_pd_ls_matrix_band_width             ? 
_refine.pdbx_overall_phase_error                 ? 
_refine.pdbx_overall_SU_R_free_Cruickshank_DPI   ? 
_refine.pdbx_overall_SU_R_free_Blow_DPI          ? 
_refine.pdbx_overall_SU_R_Blow_DPI               ? 
_refine.pdbx_TLS_residual_ADP_flag               ? 
_refine.pdbx_diffrn_id                           1 
_refine.overall_SU_B                             1.001 
_refine.overall_SU_ML                            0.039 
_refine.overall_SU_R_Cruickshank_DPI             ? 
_refine.overall_SU_R_free                        ? 
_refine.overall_FOM_free_R_set                   ? 
_refine.overall_FOM_work_R_set                   ? 
_refine.pdbx_average_fsc_overall                 ? 
_refine.pdbx_average_fsc_work                    ? 
_refine.pdbx_average_fsc_free                    ? 
# 
_refine_hist.pdbx_refine_id                   'X-RAY DIFFRACTION' 
_refine_hist.cycle_id                         1 
_refine_hist.details                          ? 
_refine_hist.d_res_high                       1.30 
_refine_hist.d_res_low                        59.16 
_refine_hist.number_atoms_solvent             94 
_refine_hist.number_atoms_total               1264 
_refine_hist.number_reflns_all                ? 
_refine_hist.number_reflns_obs                ? 
_refine_hist.number_reflns_R_free             ? 
_refine_hist.number_reflns_R_work             ? 
_refine_hist.R_factor_all                     ? 
_refine_hist.R_factor_obs                     ? 
_refine_hist.R_factor_R_free                  ? 
_refine_hist.R_factor_R_work                  ? 
_refine_hist.pdbx_number_residues_total       ? 
_refine_hist.pdbx_B_iso_mean_ligand           ? 
_refine_hist.pdbx_B_iso_mean_solvent          ? 
_refine_hist.pdbx_number_atoms_protein        1148 
_refine_hist.pdbx_number_atoms_nucleic_acid   0 
_refine_hist.pdbx_number_atoms_ligand         22 
_refine_hist.pdbx_number_atoms_lipid          ? 
_refine_hist.pdbx_number_atoms_carb           ? 
_refine_hist.pdbx_pseudo_atom_details         ? 
# 
loop_
_refine_ls_restr.pdbx_refine_id 
_refine_ls_restr.criterion 
_refine_ls_restr.dev_ideal 
_refine_ls_restr.dev_ideal_target 
_refine_ls_restr.number 
_refine_ls_restr.rejects 
_refine_ls_restr.type 
_refine_ls_restr.weight 
_refine_ls_restr.pdbx_restraint_function 
'X-RAY DIFFRACTION' ? 0.012  0.013  1215 ? r_bond_refined_d             ? ? 
'X-RAY DIFFRACTION' ? 0.001  0.017  996  ? r_bond_other_d               ? ? 
'X-RAY DIFFRACTION' ? 1.758  1.662  1657 ? r_angle_refined_deg          ? ? 
'X-RAY DIFFRACTION' ? 1.652  1.582  2317 ? r_angle_other_deg            ? ? 
'X-RAY DIFFRACTION' ? 4.636  5.000  139  ? r_dihedral_angle_1_deg       ? ? 
'X-RAY DIFFRACTION' ? 34.930 24.512 82   ? r_dihedral_angle_2_deg       ? ? 
'X-RAY DIFFRACTION' ? 13.818 15.000 179  ? r_dihedral_angle_3_deg       ? ? 
'X-RAY DIFFRACTION' ? 11.403 15.000 4    ? r_dihedral_angle_4_deg       ? ? 
'X-RAY DIFFRACTION' ? 0.103  0.200  136  ? r_chiral_restr               ? ? 
'X-RAY DIFFRACTION' ? 0.012  0.020  1407 ? r_gen_planes_refined         ? ? 
'X-RAY DIFFRACTION' ? 0.001  0.020  277  ? r_gen_planes_other           ? ? 
'X-RAY DIFFRACTION' ? ?      ?      ?    ? r_nbd_refined                ? ? 
'X-RAY DIFFRACTION' ? ?      ?      ?    ? r_nbd_other                  ? ? 
'X-RAY DIFFRACTION' ? ?      ?      ?    ? r_nbtor_refined              ? ? 
'X-RAY DIFFRACTION' ? ?      ?      ?    ? r_nbtor_other                ? ? 
'X-RAY DIFFRACTION' ? ?      ?      ?    ? r_xyhbond_nbd_refined        ? ? 
'X-RAY DIFFRACTION' ? ?      ?      ?    ? r_xyhbond_nbd_other          ? ? 
'X-RAY DIFFRACTION' ? ?      ?      ?    ? r_metal_ion_refined          ? ? 
'X-RAY DIFFRACTION' ? ?      ?      ?    ? r_metal_ion_other            ? ? 
'X-RAY DIFFRACTION' ? ?      ?      ?    ? r_symmetry_vdw_refined       ? ? 
'X-RAY DIFFRACTION' ? ?      ?      ?    ? r_symmetry_vdw_other         ? ? 
'X-RAY DIFFRACTION' ? ?      ?      ?    ? r_symmetry_hbond_refined     ? ? 
'X-RAY DIFFRACTION' ? ?      ?      ?    ? r_symmetry_hbond_other       ? ? 
'X-RAY DIFFRACTION' ? ?      ?      ?    ? r_symmetry_metal_ion_refined ? ? 
'X-RAY DIFFRACTION' ? ?      ?      ?    ? r_symmetry_metal_ion_other   ? ? 
'X-RAY DIFFRACTION' ? 1.883  2.418  547  ? r_mcbond_it                  ? ? 
'X-RAY DIFFRACTION' ? 1.863  2.416  546  ? r_mcbond_other               ? ? 
'X-RAY DIFFRACTION' ? 2.679  3.624  683  ? r_mcangle_it                 ? ? 
'X-RAY DIFFRACTION' ? 2.690  3.627  684  ? r_mcangle_other              ? ? 
'X-RAY DIFFRACTION' ? 3.688  2.861  668  ? r_scbond_it                  ? ? 
'X-RAY DIFFRACTION' ? 3.685  2.865  669  ? r_scbond_other               ? ? 
'X-RAY DIFFRACTION' ? ?      ?      ?    ? r_scangle_it                 ? ? 
'X-RAY DIFFRACTION' ? 5.586  4.158  973  ? r_scangle_other              ? ? 
'X-RAY DIFFRACTION' ? 6.758  28.074 1525 ? r_long_range_B_refined       ? ? 
'X-RAY DIFFRACTION' ? 6.760  28.105 1526 ? r_long_range_B_other         ? ? 
'X-RAY DIFFRACTION' ? ?      ?      ?    ? r_rigid_bond_restr           ? ? 
'X-RAY DIFFRACTION' ? ?      ?      ?    ? r_sphericity_free            ? ? 
'X-RAY DIFFRACTION' ? ?      ?      ?    ? r_sphericity_bonded          ? ? 
# 
_refine_ls_shell.pdbx_refine_id                   'X-RAY DIFFRACTION' 
_refine_ls_shell.d_res_high                       1.300 
_refine_ls_shell.d_res_low                        1.334 
_refine_ls_shell.number_reflns_all                ? 
_refine_ls_shell.number_reflns_obs                ? 
_refine_ls_shell.number_reflns_R_free             151 
_refine_ls_shell.number_reflns_R_work             3384 
_refine_ls_shell.percent_reflns_obs               99.92 
_refine_ls_shell.percent_reflns_R_free            ? 
_refine_ls_shell.R_factor_all                     ? 
_refine_ls_shell.R_factor_obs                     ? 
_refine_ls_shell.R_factor_R_free_error            ? 
_refine_ls_shell.R_factor_R_work                  0.378 
_refine_ls_shell.redundancy_reflns_all            ? 
_refine_ls_shell.redundancy_reflns_obs            ? 
_refine_ls_shell.wR_factor_all                    ? 
_refine_ls_shell.wR_factor_obs                    ? 
_refine_ls_shell.wR_factor_R_free                 ? 
_refine_ls_shell.wR_factor_R_work                 ? 
_refine_ls_shell.pdbx_R_complete                  ? 
_refine_ls_shell.pdbx_total_number_of_bins_used   20 
_refine_ls_shell.pdbx_phase_error                 ? 
_refine_ls_shell.pdbx_fsc_work                    ? 
_refine_ls_shell.pdbx_fsc_free                    ? 
_refine_ls_shell.R_factor_R_free                  0.353 
# 
_struct.entry_id                     8CKR 
_struct.title                        'Crystal structure of an 8-repeat consensus TPR superhelix with in Hepes with Ca' 
_struct.pdbx_model_details           ? 
_struct.pdbx_formula_weight          ? 
_struct.pdbx_formula_weight_method   ? 
_struct.pdbx_model_type_details      ? 
_struct.pdbx_CASP_flag               N 
# 
_struct_keywords.entry_id        8CKR 
_struct_keywords.text            'CTPR, polymorphism, metal coordination., DE NOVO PROTEIN' 
_struct_keywords.pdbx_keywords   'DE NOVO PROTEIN' 
# 
loop_
_struct_asym.id 
_struct_asym.pdbx_blank_PDB_chainid_flag 
_struct_asym.pdbx_modified 
_struct_asym.entity_id 
_struct_asym.details 
A N N 1 ? 
B N N 2 ? 
C N N 2 ? 
D N N 2 ? 
E N N 2 ? 
F N N 2 ? 
G N N 2 ? 
H N N 3 ? 
I N N 3 ? 
J N N 4 ? 
# 
_struct_ref.id                         1 
_struct_ref.db_name                    PDB 
_struct_ref.db_code                    8CKR 
_struct_ref.pdbx_db_accession          8CKR 
_struct_ref.pdbx_db_isoform            ? 
_struct_ref.entity_id                  1 
_struct_ref.pdbx_seq_one_letter_code   ? 
_struct_ref.pdbx_align_begin           1 
# 
_struct_ref_seq.align_id                      1 
_struct_ref_seq.ref_id                        1 
_struct_ref_seq.pdbx_PDB_id_code              8CKR 
_struct_ref_seq.pdbx_strand_id                A 
_struct_ref_seq.seq_align_beg                 1 
_struct_ref_seq.pdbx_seq_align_beg_ins_code   ? 
_struct_ref_seq.seq_align_end                 292 
_struct_ref_seq.pdbx_seq_align_end_ins_code   ? 
_struct_ref_seq.pdbx_db_accession             8CKR 
_struct_ref_seq.db_align_beg                  -4 
_struct_ref_seq.pdbx_db_align_beg_ins_code    ? 
_struct_ref_seq.db_align_end                  287 
_struct_ref_seq.pdbx_db_align_end_ins_code    ? 
_struct_ref_seq.pdbx_auth_seq_align_beg       -4 
_struct_ref_seq.pdbx_auth_seq_align_end       287 
# 
_pdbx_struct_assembly.id                   1 
_pdbx_struct_assembly.details              author_defined_assembly 
_pdbx_struct_assembly.method_details       ? 
_pdbx_struct_assembly.oligomeric_details   monomeric 
_pdbx_struct_assembly.oligomeric_count     1 
# 
loop_
_pdbx_struct_assembly_prop.biol_id 
_pdbx_struct_assembly_prop.type 
_pdbx_struct_assembly_prop.value 
_pdbx_struct_assembly_prop.details 
1 'ABSA (A^2)' 1000 ? 
1 MORE         -54  ? 
1 'SSA (A^2)'  7800 ? 
# 
_pdbx_struct_assembly_gen.assembly_id       1 
_pdbx_struct_assembly_gen.oper_expression   1 
_pdbx_struct_assembly_gen.asym_id_list      A,B,C,D,E,F,G,H,I,J 
# 
_pdbx_struct_assembly_auth_evidence.id                     1 
_pdbx_struct_assembly_auth_evidence.assembly_id            1 
_pdbx_struct_assembly_auth_evidence.experimental_support   'gel filtration' 
_pdbx_struct_assembly_auth_evidence.details                ? 
# 
_pdbx_struct_oper_list.id                   1 
_pdbx_struct_oper_list.type                 'identity operation' 
_pdbx_struct_oper_list.name                 1_555 
_pdbx_struct_oper_list.symmetry_operation   x,y,z 
_pdbx_struct_oper_list.matrix[1][1]         1.0000000000 
_pdbx_struct_oper_list.matrix[1][2]         0.0000000000 
_pdbx_struct_oper_list.matrix[1][3]         0.0000000000 
_pdbx_struct_oper_list.vector[1]            0.0000000000 
_pdbx_struct_oper_list.matrix[2][1]         0.0000000000 
_pdbx_struct_oper_list.matrix[2][2]         1.0000000000 
_pdbx_struct_oper_list.matrix[2][3]         0.0000000000 
_pdbx_struct_oper_list.vector[2]            0.0000000000 
_pdbx_struct_oper_list.matrix[3][1]         0.0000000000 
_pdbx_struct_oper_list.matrix[3][2]         0.0000000000 
_pdbx_struct_oper_list.matrix[3][3]         1.0000000000 
_pdbx_struct_oper_list.vector[3]            0.0000000000 
# 
loop_
_struct_conf.conf_type_id 
_struct_conf.id 
_struct_conf.pdbx_PDB_helix_id 
_struct_conf.beg_label_comp_id 
_struct_conf.beg_label_asym_id 
_struct_conf.beg_label_seq_id 
_struct_conf.pdbx_beg_PDB_ins_code 
_struct_conf.end_label_comp_id 
_struct_conf.end_label_asym_id 
_struct_conf.end_label_seq_id 
_struct_conf.pdbx_end_PDB_ins_code 
_struct_conf.beg_auth_comp_id 
_struct_conf.beg_auth_asym_id 
_struct_conf.beg_auth_seq_id 
_struct_conf.end_auth_comp_id 
_struct_conf.end_auth_asym_id 
_struct_conf.end_auth_seq_id 
_struct_conf.pdbx_PDB_helix_class 
_struct_conf.details 
_struct_conf.pdbx_PDB_helix_length 
HELX_P HELX_P1 AA1 ALA A 6   ? GLN A 19  ? ALA A 1   GLN A 14  1 ? 14 
HELX_P HELX_P2 AA2 ASP A 21  ? ASP A 36  ? ASP A 16  ASP A 31  1 ? 16 
HELX_P HELX_P3 AA3 SER A 39  ? GLN A 53  ? SER A 34  GLN A 48  1 ? 15 
HELX_P HELX_P4 AA4 ASP A 55  ? ASP A 70  ? ASP A 50  ASP A 65  1 ? 16 
HELX_P HELX_P5 AA5 SER A 73  ? LYS A 86  ? SER A 68  LYS A 81  1 ? 14 
HELX_P HELX_P6 AA6 ASP A 89  ? ASP A 104 ? ASP A 84  ASP A 99  1 ? 16 
HELX_P HELX_P7 AA7 SER A 107 ? GLN A 121 ? SER A 102 GLN A 116 1 ? 15 
HELX_P HELX_P8 AA8 ASP A 123 ? ASP A 138 ? ASP A 118 ASP A 133 1 ? 16 
# 
_struct_conf_type.id          HELX_P 
_struct_conf_type.criteria    ? 
_struct_conf_type.reference   ? 
# 
loop_
_struct_conn.id 
_struct_conn.conn_type_id 
_struct_conn.pdbx_leaving_atom_flag 
_struct_conn.pdbx_PDB_id 
_struct_conn.ptnr1_label_asym_id 
_struct_conn.ptnr1_label_comp_id 
_struct_conn.ptnr1_label_seq_id 
_struct_conn.ptnr1_label_atom_id 
_struct_conn.pdbx_ptnr1_label_alt_id 
_struct_conn.pdbx_ptnr1_PDB_ins_code 
_struct_conn.pdbx_ptnr1_standard_comp_id 
_struct_conn.ptnr1_symmetry 
_struct_conn.ptnr2_label_asym_id 
_struct_conn.ptnr2_label_comp_id 
_struct_conn.ptnr2_label_seq_id 
_struct_conn.ptnr2_label_atom_id 
_struct_conn.pdbx_ptnr2_label_alt_id 
_struct_conn.pdbx_ptnr2_PDB_ins_code 
_struct_conn.ptnr1_auth_asym_id 
_struct_conn.ptnr1_auth_comp_id 
_struct_conn.ptnr1_auth_seq_id 
_struct_conn.ptnr2_auth_asym_id 
_struct_conn.ptnr2_auth_comp_id 
_struct_conn.ptnr2_auth_seq_id 
_struct_conn.ptnr2_symmetry 
_struct_conn.pdbx_ptnr3_label_atom_id 
_struct_conn.pdbx_ptnr3_label_seq_id 
_struct_conn.pdbx_ptnr3_label_comp_id 
_struct_conn.pdbx_ptnr3_label_asym_id 
_struct_conn.pdbx_ptnr3_label_alt_id 
_struct_conn.pdbx_ptnr3_PDB_ins_code 
_struct_conn.details 
_struct_conn.pdbx_dist_value 
_struct_conn.pdbx_value_order 
_struct_conn.pdbx_role 
metalc1  metalc ? ? A ASP 57  OD2 ? ? ? 1_555 B CA  . CA ? ? A ASP 52  A CA  301 1_555 ? ? ? ? ? ? ? 2.312 ? ? 
metalc2  metalc ? ? A ASP 57  OD1 ? ? ? 1_555 C CA  . CA ? ? A ASP 52  A CA  302 1_555 ? ? ? ? ? ? ? 2.584 ? ? 
metalc3  metalc ? ? A ASP 57  OD2 ? ? ? 1_555 C CA  . CA ? ? A ASP 52  A CA  302 1_555 ? ? ? ? ? ? ? 2.508 ? ? 
metalc4  metalc ? ? A ARG 72  O   ? ? ? 1_555 E CA  . CA ? ? A ARG 67  A CA  304 1_555 ? ? ? ? ? ? ? 2.488 ? ? 
metalc5  metalc ? ? A GLN 87  OE1 ? ? ? 1_555 D CA  . CA ? ? A GLN 82  A CA  303 1_555 ? ? ? ? ? ? ? 2.289 ? ? 
metalc6  metalc ? ? A ASP 91  OD1 ? ? ? 1_555 F CA  . CA ? ? A ASP 86  A CA  305 1_555 ? ? ? ? ? ? ? 2.583 ? ? 
metalc7  metalc ? ? A ASP 91  OD2 ? ? ? 1_555 F CA  . CA ? ? A ASP 86  A CA  305 1_555 ? ? ? ? ? ? ? 2.487 ? ? 
metalc8  metalc ? ? A GLU 92  OE1 ? ? ? 1_555 F CA  . CA ? ? A GLU 87  A CA  305 1_555 ? ? ? ? ? ? ? 2.631 ? ? 
metalc9  metalc ? ? A GLU 92  OE2 ? ? ? 1_555 F CA  . CA ? ? A GLU 87  A CA  305 1_555 ? ? ? ? ? ? ? 2.448 ? ? 
metalc10 metalc ? ? A ASP 123 OD1 ? ? ? 1_555 B CA  . CA ? ? A ASP 118 A CA  301 3_455 ? ? ? ? ? ? ? 2.480 ? ? 
metalc11 metalc ? ? A ASP 123 OD2 ? ? ? 1_555 B CA  . CA ? ? A ASP 118 A CA  301 3_455 ? ? ? ? ? ? ? 2.482 ? ? 
metalc12 metalc ? ? A ASP 125 OD1 ? ? ? 1_555 B CA  . CA ? ? A ASP 120 A CA  301 3_455 ? ? ? ? ? ? ? 2.549 ? ? 
metalc13 metalc ? ? A ASP 125 OD2 ? ? ? 1_555 B CA  . CA ? ? A ASP 120 A CA  301 3_455 ? ? ? ? ? ? ? 2.540 ? ? 
metalc14 metalc ? ? A ASP 125 OD2 ? ? ? 1_555 C CA  . CA ? ? A ASP 120 A CA  302 3_455 ? ? ? ? ? ? ? 2.282 ? ? 
metalc15 metalc ? ? A GLU 126 OE2 ? ? ? 1_555 C CA  . CA ? ? A GLU 121 A CA  302 3_455 ? ? ? ? ? ? ? 2.276 ? ? 
metalc16 metalc ? ? A GLU 126 OE1 ? ? ? 1_555 D CA  . CA ? ? A GLU 121 A CA  303 3_455 ? ? ? ? ? ? ? 2.513 ? ? 
metalc17 metalc ? ? A GLU 126 OE2 ? ? ? 1_555 D CA  . CA ? ? A GLU 121 A CA  303 3_455 ? ? ? ? ? ? ? 2.493 ? ? 
metalc18 metalc ? ? A GLU 129 OE1 A ? ? 1_555 D CA  . CA ? ? A GLU 124 A CA  303 3_455 ? ? ? ? ? ? ? 2.250 ? ? 
metalc19 metalc ? ? A GLU 129 OE1 B ? ? 1_555 D CA  . CA ? ? A GLU 124 A CA  303 3_455 ? ? ? ? ? ? ? 2.351 ? ? 
metalc20 metalc ? ? B CA  .   CA  ? ? ? 1_555 J HOH . O  ? ? A CA  301 A HOH 471 2_564 ? ? ? ? ? ? ? 2.398 ? ? 
metalc21 metalc ? ? B CA  .   CA  ? ? ? 1_555 J HOH . O  ? ? A CA  301 A HOH 475 2_564 ? ? ? ? ? ? ? 2.398 ? ? 
metalc22 metalc ? ? B CA  .   CA  ? ? ? 1_555 J HOH . O  ? ? A CA  301 A HOH 478 2_564 ? ? ? ? ? ? ? 2.409 ? ? 
metalc23 metalc ? ? C CA  .   CA  ? ? ? 1_555 J HOH . O  ? ? A CA  302 A HOH 403 2_564 ? ? ? ? ? ? ? 2.431 ? ? 
metalc24 metalc ? ? C CA  .   CA  ? ? ? 1_555 J HOH . O  ? ? A CA  302 A HOH 464 2_564 ? ? ? ? ? ? ? 2.486 ? ? 
metalc25 metalc ? ? C CA  .   CA  ? ? ? 1_555 J HOH . O  ? ? A CA  302 A HOH 480 2_564 ? ? ? ? ? ? ? 2.279 ? ? 
metalc26 metalc ? ? D CA  .   CA  ? ? ? 1_555 J HOH . O  ? ? A CA  303 A HOH 435 1_555 ? ? ? ? ? ? ? 2.355 ? ? 
metalc27 metalc ? ? D CA  .   CA  ? ? ? 1_555 J HOH . O  ? ? A CA  303 A HOH 464 2_564 ? ? ? ? ? ? ? 2.575 ? ? 
metalc28 metalc ? ? D CA  .   CA  ? ? ? 1_555 J HOH . O  ? ? A CA  303 A HOH 466 2_564 ? ? ? ? ? ? ? 2.421 ? ? 
metalc29 metalc ? ? E CA  .   CA  ? ? ? 1_555 J HOH . O  ? ? A CA  304 A HOH 424 1_555 ? ? ? ? ? ? ? 1.956 ? ? 
metalc30 metalc ? ? E CA  .   CA  ? ? ? 1_555 J HOH . O  ? ? A CA  304 A HOH 424 6_554 ? ? ? ? ? ? ? 2.785 ? ? 
metalc31 metalc ? ? E CA  .   CA  ? ? ? 1_555 J HOH . O  ? ? A CA  304 A HOH 427 1_555 ? ? ? ? ? ? ? 2.417 ? ? 
metalc32 metalc ? ? E CA  .   CA  ? ? ? 1_555 J HOH . O  ? ? A CA  304 A HOH 428 1_555 ? ? ? ? ? ? ? 2.522 ? ? 
metalc33 metalc ? ? E CA  .   CA  ? ? ? 1_555 J HOH . O  ? ? A CA  304 A HOH 428 6_554 ? ? ? ? ? ? ? 2.522 ? ? 
metalc34 metalc ? ? E CA  .   CA  ? ? ? 1_555 J HOH . O  ? ? A CA  304 A HOH 432 6_554 ? ? ? ? ? ? ? 2.591 ? ? 
metalc35 metalc ? ? F CA  .   CA  ? ? ? 1_555 J HOH . O  ? ? A CA  305 A HOH 402 1_555 ? ? ? ? ? ? ? 2.807 ? ? 
metalc36 metalc ? ? F CA  .   CA  ? ? ? 1_555 J HOH . O  ? ? A CA  305 A HOH 455 1_555 ? ? ? ? ? ? ? 2.198 ? ? 
metalc37 metalc ? ? F CA  .   CA  ? ? ? 1_555 J HOH . O  ? ? A CA  305 A HOH 458 1_555 ? ? ? ? ? ? ? 2.356 ? ? 
metalc38 metalc ? ? G CA  .   CA  ? ? ? 1_555 J HOH . O  ? ? A CA  306 A HOH 412 1_555 ? ? ? ? ? ? ? 2.265 ? ? 
metalc39 metalc ? ? G CA  .   CA  ? ? ? 1_555 J HOH . O  ? ? A CA  306 A HOH 433 2_564 ? ? ? ? ? ? ? 2.444 ? ? 
metalc40 metalc ? ? G CA  .   CA  ? ? ? 1_555 J HOH . O  ? ? A CA  306 A HOH 437 1_555 ? ? ? ? ? ? ? 2.481 ? ? 
metalc41 metalc ? ? G CA  .   CA  ? ? ? 1_555 J HOH . O  ? ? A CA  306 A HOH 468 2_564 ? ? ? ? ? ? ? 2.231 ? ? 
metalc42 metalc ? ? G CA  .   CA  ? ? ? 1_555 J HOH . O  ? ? A CA  306 A HOH 476 2_564 ? ? ? ? ? ? ? 2.440 ? ? 
metalc43 metalc ? ? G CA  .   CA  ? ? ? 1_555 J HOH . O  ? ? A CA  306 A HOH 489 1_555 ? ? ? ? ? ? ? 2.394 ? ? 
# 
_struct_conn_type.id          metalc 
_struct_conn_type.criteria    ? 
_struct_conn_type.reference   ? 
# 
loop_
_pdbx_struct_conn_angle.id 
_pdbx_struct_conn_angle.ptnr1_label_atom_id 
_pdbx_struct_conn_angle.ptnr1_label_alt_id 
_pdbx_struct_conn_angle.ptnr1_label_asym_id 
_pdbx_struct_conn_angle.ptnr1_label_comp_id 
_pdbx_struct_conn_angle.ptnr1_label_seq_id 
_pdbx_struct_conn_angle.ptnr1_auth_atom_id 
_pdbx_struct_conn_angle.ptnr1_auth_asym_id 
_pdbx_struct_conn_angle.ptnr1_auth_comp_id 
_pdbx_struct_conn_angle.ptnr1_auth_seq_id 
_pdbx_struct_conn_angle.ptnr1_PDB_ins_code 
_pdbx_struct_conn_angle.ptnr1_symmetry 
_pdbx_struct_conn_angle.ptnr2_label_atom_id 
_pdbx_struct_conn_angle.ptnr2_label_alt_id 
_pdbx_struct_conn_angle.ptnr2_label_asym_id 
_pdbx_struct_conn_angle.ptnr2_label_comp_id 
_pdbx_struct_conn_angle.ptnr2_label_seq_id 
_pdbx_struct_conn_angle.ptnr2_auth_atom_id 
_pdbx_struct_conn_angle.ptnr2_auth_asym_id 
_pdbx_struct_conn_angle.ptnr2_auth_comp_id 
_pdbx_struct_conn_angle.ptnr2_auth_seq_id 
_pdbx_struct_conn_angle.ptnr2_PDB_ins_code 
_pdbx_struct_conn_angle.ptnr2_symmetry 
_pdbx_struct_conn_angle.ptnr3_label_atom_id 
_pdbx_struct_conn_angle.ptnr3_label_alt_id 
_pdbx_struct_conn_angle.ptnr3_label_asym_id 
_pdbx_struct_conn_angle.ptnr3_label_comp_id 
_pdbx_struct_conn_angle.ptnr3_label_seq_id 
_pdbx_struct_conn_angle.ptnr3_auth_atom_id 
_pdbx_struct_conn_angle.ptnr3_auth_asym_id 
_pdbx_struct_conn_angle.ptnr3_auth_comp_id 
_pdbx_struct_conn_angle.ptnr3_auth_seq_id 
_pdbx_struct_conn_angle.ptnr3_PDB_ins_code 
_pdbx_struct_conn_angle.ptnr3_symmetry 
_pdbx_struct_conn_angle.value 
_pdbx_struct_conn_angle.value_esd 
1   OD2 ? A ASP 57  ? A ASP 52  ? 1_555 CA ? B CA . ? A CA 301 ? 1_555 OD1 ? A ASP 123 ? A ASP 118 ? 1_555 22.1  ? 
2   OD2 ? A ASP 57  ? A ASP 52  ? 1_555 CA ? B CA . ? A CA 301 ? 1_555 OD2 ? A ASP 123 ? A ASP 118 ? 1_555 24.2  ? 
3   OD1 ? A ASP 123 ? A ASP 118 ? 1_555 CA ? B CA . ? A CA 301 ? 1_555 OD2 ? A ASP 123 ? A ASP 118 ? 1_555 3.7   ? 
4   OD2 ? A ASP 57  ? A ASP 52  ? 1_555 CA ? B CA . ? A CA 301 ? 1_555 OD1 ? A ASP 125 ? A ASP 120 ? 1_555 23.4  ? 
5   OD1 ? A ASP 123 ? A ASP 118 ? 1_555 CA ? B CA . ? A CA 301 ? 1_555 OD1 ? A ASP 125 ? A ASP 120 ? 1_555 1.7   ? 
6   OD2 ? A ASP 123 ? A ASP 118 ? 1_555 CA ? B CA . ? A CA 301 ? 1_555 OD1 ? A ASP 125 ? A ASP 120 ? 1_555 4.3   ? 
7   OD2 ? A ASP 57  ? A ASP 52  ? 1_555 CA ? B CA . ? A CA 301 ? 1_555 OD2 ? A ASP 125 ? A ASP 120 ? 1_555 21.0  ? 
8   OD1 ? A ASP 123 ? A ASP 118 ? 1_555 CA ? B CA . ? A CA 301 ? 1_555 OD2 ? A ASP 125 ? A ASP 120 ? 1_555 2.2   ? 
9   OD2 ? A ASP 123 ? A ASP 118 ? 1_555 CA ? B CA . ? A CA 301 ? 1_555 OD2 ? A ASP 125 ? A ASP 120 ? 1_555 3.4   ? 
10  OD1 ? A ASP 125 ? A ASP 120 ? 1_555 CA ? B CA . ? A CA 301 ? 1_555 OD2 ? A ASP 125 ? A ASP 120 ? 1_555 3.9   ? 
11  OD2 ? A ASP 57  ? A ASP 52  ? 1_555 CA ? B CA . ? A CA 301 ? 1_555 O   ? J HOH .   ? A HOH 471 ? 2_564 162.6 ? 
12  OD1 ? A ASP 123 ? A ASP 118 ? 1_555 CA ? B CA . ? A CA 301 ? 1_555 O   ? J HOH .   ? A HOH 471 ? 2_564 175.3 ? 
13  OD2 ? A ASP 123 ? A ASP 118 ? 1_555 CA ? B CA . ? A CA 301 ? 1_555 O   ? J HOH .   ? A HOH 471 ? 2_564 172.4 ? 
14  OD1 ? A ASP 125 ? A ASP 120 ? 1_555 CA ? B CA . ? A CA 301 ? 1_555 O   ? J HOH .   ? A HOH 471 ? 2_564 174.0 ? 
15  OD2 ? A ASP 125 ? A ASP 120 ? 1_555 CA ? B CA . ? A CA 301 ? 1_555 O   ? J HOH .   ? A HOH 471 ? 2_564 175.7 ? 
16  OD2 ? A ASP 57  ? A ASP 52  ? 1_555 CA ? B CA . ? A CA 301 ? 1_555 O   ? J HOH .   ? A HOH 475 ? 2_564 87.4  ? 
17  OD1 ? A ASP 123 ? A ASP 118 ? 1_555 CA ? B CA . ? A CA 301 ? 1_555 O   ? J HOH .   ? A HOH 475 ? 2_564 108.9 ? 
18  OD2 ? A ASP 123 ? A ASP 118 ? 1_555 CA ? B CA . ? A CA 301 ? 1_555 O   ? J HOH .   ? A HOH 475 ? 2_564 110.0 ? 
19  OD1 ? A ASP 125 ? A ASP 120 ? 1_555 CA ? B CA . ? A CA 301 ? 1_555 O   ? J HOH .   ? A HOH 475 ? 2_564 110.4 ? 
20  OD2 ? A ASP 125 ? A ASP 120 ? 1_555 CA ? B CA . ? A CA 301 ? 1_555 O   ? J HOH .   ? A HOH 475 ? 2_564 107.3 ? 
21  O   ? J HOH .   ? A HOH 471 ? 2_564 CA ? B CA . ? A CA 301 ? 1_555 O   ? J HOH .   ? A HOH 475 ? 2_564 75.5  ? 
22  OD2 ? A ASP 57  ? A ASP 52  ? 1_555 CA ? B CA . ? A CA 301 ? 1_555 O   ? J HOH .   ? A HOH 478 ? 2_564 86.0  ? 
23  OD1 ? A ASP 123 ? A ASP 118 ? 1_555 CA ? B CA . ? A CA 301 ? 1_555 O   ? J HOH .   ? A HOH 478 ? 2_564 85.7  ? 
24  OD2 ? A ASP 123 ? A ASP 118 ? 1_555 CA ? B CA . ? A CA 301 ? 1_555 O   ? J HOH .   ? A HOH 478 ? 2_564 82.5  ? 
25  OD1 ? A ASP 125 ? A ASP 120 ? 1_555 CA ? B CA . ? A CA 301 ? 1_555 O   ? J HOH .   ? A HOH 478 ? 2_564 86.8  ? 
26  OD2 ? A ASP 125 ? A ASP 120 ? 1_555 CA ? B CA . ? A CA 301 ? 1_555 O   ? J HOH .   ? A HOH 478 ? 2_564 83.8  ? 
27  O   ? J HOH .   ? A HOH 471 ? 2_564 CA ? B CA . ? A CA 301 ? 1_555 O   ? J HOH .   ? A HOH 478 ? 2_564 93.7  ? 
28  O   ? J HOH .   ? A HOH 475 ? 2_564 CA ? B CA . ? A CA 301 ? 1_555 O   ? J HOH .   ? A HOH 478 ? 2_564 78.4  ? 
29  OD1 ? A ASP 57  ? A ASP 52  ? 1_555 CA ? C CA . ? A CA 302 ? 1_555 OD2 ? A ASP 57  ? A ASP 52  ? 1_555 51.0  ? 
30  OD1 ? A ASP 57  ? A ASP 52  ? 1_555 CA ? C CA . ? A CA 302 ? 1_555 OD2 ? A ASP 125 ? A ASP 120 ? 1_555 79.6  ? 
31  OD2 ? A ASP 57  ? A ASP 52  ? 1_555 CA ? C CA . ? A CA 302 ? 1_555 OD2 ? A ASP 125 ? A ASP 120 ? 1_555 129.6 ? 
32  OD1 ? A ASP 57  ? A ASP 52  ? 1_555 CA ? C CA . ? A CA 302 ? 1_555 OE2 ? A GLU 126 ? A GLU 121 ? 1_555 74.5  ? 
33  OD2 ? A ASP 57  ? A ASP 52  ? 1_555 CA ? C CA . ? A CA 302 ? 1_555 OE2 ? A GLU 126 ? A GLU 121 ? 1_555 125.1 ? 
34  OD2 ? A ASP 125 ? A ASP 120 ? 1_555 CA ? C CA . ? A CA 302 ? 1_555 OE2 ? A GLU 126 ? A GLU 121 ? 1_555 6.5   ? 
35  OD1 ? A ASP 57  ? A ASP 52  ? 1_555 CA ? C CA . ? A CA 302 ? 1_555 O   ? J HOH .   ? A HOH 403 ? 2_564 155.5 ? 
36  OD2 ? A ASP 57  ? A ASP 52  ? 1_555 CA ? C CA . ? A CA 302 ? 1_555 O   ? J HOH .   ? A HOH 403 ? 2_564 149.4 ? 
37  OD2 ? A ASP 125 ? A ASP 120 ? 1_555 CA ? C CA . ? A CA 302 ? 1_555 O   ? J HOH .   ? A HOH 403 ? 2_564 76.9  ? 
38  OE2 ? A GLU 126 ? A GLU 121 ? 1_555 CA ? C CA . ? A CA 302 ? 1_555 O   ? J HOH .   ? A HOH 403 ? 2_564 82.5  ? 
39  OD1 ? A ASP 57  ? A ASP 52  ? 1_555 CA ? C CA . ? A CA 302 ? 1_555 O   ? J HOH .   ? A HOH 464 ? 2_564 82.7  ? 
40  OD2 ? A ASP 57  ? A ASP 52  ? 1_555 CA ? C CA . ? A CA 302 ? 1_555 O   ? J HOH .   ? A HOH 464 ? 2_564 132.7 ? 
41  OD2 ? A ASP 125 ? A ASP 120 ? 1_555 CA ? C CA . ? A CA 302 ? 1_555 O   ? J HOH .   ? A HOH 464 ? 2_564 3.1   ? 
42  OE2 ? A GLU 126 ? A GLU 121 ? 1_555 CA ? C CA . ? A CA 302 ? 1_555 O   ? J HOH .   ? A HOH 464 ? 2_564 9.1   ? 
43  O   ? J HOH .   ? A HOH 403 ? 2_564 CA ? C CA . ? A CA 302 ? 1_555 O   ? J HOH .   ? A HOH 464 ? 2_564 73.9  ? 
44  OD1 ? A ASP 57  ? A ASP 52  ? 1_555 CA ? C CA . ? A CA 302 ? 1_555 O   ? J HOH .   ? A HOH 480 ? 2_564 86.2  ? 
45  OD2 ? A ASP 57  ? A ASP 52  ? 1_555 CA ? C CA . ? A CA 302 ? 1_555 O   ? J HOH .   ? A HOH 480 ? 2_564 91.6  ? 
46  OD2 ? A ASP 125 ? A ASP 120 ? 1_555 CA ? C CA . ? A CA 302 ? 1_555 O   ? J HOH .   ? A HOH 480 ? 2_564 94.4  ? 
47  OE2 ? A GLU 126 ? A GLU 121 ? 1_555 CA ? C CA . ? A CA 302 ? 1_555 O   ? J HOH .   ? A HOH 480 ? 2_564 90.1  ? 
48  O   ? J HOH .   ? A HOH 403 ? 2_564 CA ? C CA . ? A CA 302 ? 1_555 O   ? J HOH .   ? A HOH 480 ? 2_564 102.3 ? 
49  O   ? J HOH .   ? A HOH 464 ? 2_564 CA ? C CA . ? A CA 302 ? 1_555 O   ? J HOH .   ? A HOH 480 ? 2_564 94.6  ? 
50  O   ? A ARG 72  ? A ARG 67  ? 1_555 CA ? E CA . ? A CA 304 ? 1_555 O   ? J HOH .   ? A HOH 424 ? 1_555 111.9 ? 
51  O   ? A ARG 72  ? A ARG 67  ? 1_555 CA ? E CA . ? A CA 304 ? 1_555 O   ? J HOH .   ? A HOH 424 ? 6_554 109.0 ? 
52  O   ? J HOH .   ? A HOH 424 ? 1_555 CA ? E CA . ? A CA 304 ? 1_555 O   ? J HOH .   ? A HOH 424 ? 6_554 123.7 ? 
53  O   ? A ARG 72  ? A ARG 67  ? 1_555 CA ? E CA . ? A CA 304 ? 1_555 O   ? J HOH .   ? A HOH 427 ? 1_555 78.1  ? 
54  O   ? J HOH .   ? A HOH 424 ? 1_555 CA ? E CA . ? A CA 304 ? 1_555 O   ? J HOH .   ? A HOH 427 ? 1_555 82.0  ? 
55  O   ? J HOH .   ? A HOH 424 ? 6_554 CA ? E CA . ? A CA 304 ? 1_555 O   ? J HOH .   ? A HOH 427 ? 1_555 144.2 ? 
56  O   ? A ARG 72  ? A ARG 67  ? 1_555 CA ? E CA . ? A CA 304 ? 1_555 O   ? J HOH .   ? A HOH 428 ? 1_555 104.5 ? 
57  O   ? J HOH .   ? A HOH 424 ? 1_555 CA ? E CA . ? A CA 304 ? 1_555 O   ? J HOH .   ? A HOH 428 ? 1_555 72.6  ? 
58  O   ? J HOH .   ? A HOH 424 ? 6_554 CA ? E CA . ? A CA 304 ? 1_555 O   ? J HOH .   ? A HOH 428 ? 1_555 60.7  ? 
59  O   ? J HOH .   ? A HOH 427 ? 1_555 CA ? E CA . ? A CA 304 ? 1_555 O   ? J HOH .   ? A HOH 428 ? 1_555 153.6 ? 
60  O   ? A ARG 72  ? A ARG 67  ? 1_555 CA ? E CA . ? A CA 304 ? 1_555 O   ? J HOH .   ? A HOH 428 ? 6_554 104.6 ? 
61  O   ? J HOH .   ? A HOH 424 ? 1_555 CA ? E CA . ? A CA 304 ? 1_555 O   ? J HOH .   ? A HOH 428 ? 6_554 72.6  ? 
62  O   ? J HOH .   ? A HOH 424 ? 6_554 CA ? E CA . ? A CA 304 ? 1_555 O   ? J HOH .   ? A HOH 428 ? 6_554 60.7  ? 
63  O   ? J HOH .   ? A HOH 427 ? 1_555 CA ? E CA . ? A CA 304 ? 1_555 O   ? J HOH .   ? A HOH 428 ? 6_554 153.6 ? 
64  O   ? J HOH .   ? A HOH 428 ? 1_555 CA ? E CA . ? A CA 304 ? 1_555 O   ? J HOH .   ? A HOH 428 ? 6_554 0.0   ? 
65  O   ? A ARG 72  ? A ARG 67  ? 1_555 CA ? E CA . ? A CA 304 ? 1_555 O   ? J HOH .   ? A HOH 432 ? 6_554 158.7 ? 
66  O   ? J HOH .   ? A HOH 424 ? 1_555 CA ? E CA . ? A CA 304 ? 1_555 O   ? J HOH .   ? A HOH 432 ? 6_554 70.4  ? 
67  O   ? J HOH .   ? A HOH 424 ? 6_554 CA ? E CA . ? A CA 304 ? 1_555 O   ? J HOH .   ? A HOH 432 ? 6_554 84.7  ? 
68  O   ? J HOH .   ? A HOH 427 ? 1_555 CA ? E CA . ? A CA 304 ? 1_555 O   ? J HOH .   ? A HOH 432 ? 6_554 81.4  ? 
69  O   ? J HOH .   ? A HOH 428 ? 1_555 CA ? E CA . ? A CA 304 ? 1_555 O   ? J HOH .   ? A HOH 432 ? 6_554 96.4  ? 
70  O   ? J HOH .   ? A HOH 428 ? 6_554 CA ? E CA . ? A CA 304 ? 1_555 O   ? J HOH .   ? A HOH 432 ? 6_554 96.4  ? 
71  OE1 ? A GLN 87  ? A GLN 82  ? 1_555 CA ? D CA . ? A CA 303 ? 1_555 OE1 ? A GLU 126 ? A GLU 121 ? 1_555 67.0  ? 
72  OE1 ? A GLN 87  ? A GLN 82  ? 1_555 CA ? D CA . ? A CA 303 ? 1_555 OE2 ? A GLU 126 ? A GLU 121 ? 1_555 70.8  ? 
73  OE1 ? A GLU 126 ? A GLU 121 ? 1_555 CA ? D CA . ? A CA 303 ? 1_555 OE2 ? A GLU 126 ? A GLU 121 ? 1_555 4.0   ? 
74  OE1 ? A GLN 87  ? A GLN 82  ? 1_555 CA ? D CA . ? A CA 303 ? 1_555 OE1 A A GLU 129 ? A GLU 124 ? 1_555 66.7  ? 
75  OE1 ? A GLU 126 ? A GLU 121 ? 1_555 CA ? D CA . ? A CA 303 ? 1_555 OE1 A A GLU 129 ? A GLU 124 ? 1_555 3.8   ? 
76  OE2 ? A GLU 126 ? A GLU 121 ? 1_555 CA ? D CA . ? A CA 303 ? 1_555 OE1 A A GLU 129 ? A GLU 124 ? 1_555 5.1   ? 
77  OE1 ? A GLN 87  ? A GLN 82  ? 1_555 CA ? D CA . ? A CA 303 ? 1_555 OE1 B A GLU 129 ? A GLU 124 ? 1_555 65.8  ? 
78  OE1 ? A GLU 126 ? A GLU 121 ? 1_555 CA ? D CA . ? A CA 303 ? 1_555 OE1 B A GLU 129 ? A GLU 124 ? 1_555 4.3   ? 
79  OE2 ? A GLU 126 ? A GLU 121 ? 1_555 CA ? D CA . ? A CA 303 ? 1_555 OE1 B A GLU 129 ? A GLU 124 ? 1_555 6.0   ? 
80  OE1 A A GLU 129 ? A GLU 124 ? 1_555 CA ? D CA . ? A CA 303 ? 1_555 OE1 B A GLU 129 ? A GLU 124 ? 1_555 1.0   ? 
81  OE1 ? A GLN 87  ? A GLN 82  ? 1_555 CA ? D CA . ? A CA 303 ? 1_555 O   ? J HOH .   ? A HOH 435 ? 1_555 89.0  ? 
82  OE1 ? A GLU 126 ? A GLU 121 ? 1_555 CA ? D CA . ? A CA 303 ? 1_555 O   ? J HOH .   ? A HOH 435 ? 1_555 26.7  ? 
83  OE2 ? A GLU 126 ? A GLU 121 ? 1_555 CA ? D CA . ? A CA 303 ? 1_555 O   ? J HOH .   ? A HOH 435 ? 1_555 24.4  ? 
84  OE1 A A GLU 129 ? A GLU 124 ? 1_555 CA ? D CA . ? A CA 303 ? 1_555 O   ? J HOH .   ? A HOH 435 ? 1_555 29.4  ? 
85  OE1 B A GLU 129 ? A GLU 124 ? 1_555 CA ? D CA . ? A CA 303 ? 1_555 O   ? J HOH .   ? A HOH 435 ? 1_555 30.3  ? 
86  OE1 ? A GLN 87  ? A GLN 82  ? 1_555 CA ? D CA . ? A CA 303 ? 1_555 O   ? J HOH .   ? A HOH 464 ? 2_564 75.0  ? 
87  OE1 ? A GLU 126 ? A GLU 121 ? 1_555 CA ? D CA . ? A CA 303 ? 1_555 O   ? J HOH .   ? A HOH 464 ? 2_564 89.2  ? 
88  OE2 ? A GLU 126 ? A GLU 121 ? 1_555 CA ? D CA . ? A CA 303 ? 1_555 O   ? J HOH .   ? A HOH 464 ? 2_564 91.1  ? 
89  OE1 A A GLU 129 ? A GLU 124 ? 1_555 CA ? D CA . ? A CA 303 ? 1_555 O   ? J HOH .   ? A HOH 464 ? 2_564 92.7  ? 
90  OE1 B A GLU 129 ? A GLU 124 ? 1_555 CA ? D CA . ? A CA 303 ? 1_555 O   ? J HOH .   ? A HOH 464 ? 2_564 92.8  ? 
91  O   ? J HOH .   ? A HOH 435 ? 1_555 CA ? D CA . ? A CA 303 ? 1_555 O   ? J HOH .   ? A HOH 464 ? 2_564 80.1  ? 
92  OE1 ? A GLN 87  ? A GLN 82  ? 1_555 CA ? D CA . ? A CA 303 ? 1_555 O   ? J HOH .   ? A HOH 466 ? 2_564 102.0 ? 
93  OE1 ? A GLU 126 ? A GLU 121 ? 1_555 CA ? D CA . ? A CA 303 ? 1_555 O   ? J HOH .   ? A HOH 466 ? 2_564 69.4  ? 
94  OE2 ? A GLU 126 ? A GLU 121 ? 1_555 CA ? D CA . ? A CA 303 ? 1_555 O   ? J HOH .   ? A HOH 466 ? 2_564 67.1  ? 
95  OE1 A A GLU 129 ? A GLU 124 ? 1_555 CA ? D CA . ? A CA 303 ? 1_555 O   ? J HOH .   ? A HOH 466 ? 2_564 66.1  ? 
96  OE1 B A GLU 129 ? A GLU 124 ? 1_555 CA ? D CA . ? A CA 303 ? 1_555 O   ? J HOH .   ? A HOH 466 ? 2_564 66.1  ? 
97  O   ? J HOH .   ? A HOH 435 ? 1_555 CA ? D CA . ? A CA 303 ? 1_555 O   ? J HOH .   ? A HOH 466 ? 2_564 77.4  ? 
98  O   ? J HOH .   ? A HOH 464 ? 2_564 CA ? D CA . ? A CA 303 ? 1_555 O   ? J HOH .   ? A HOH 466 ? 2_564 157.3 ? 
99  OD1 ? A ASP 91  ? A ASP 86  ? 1_555 CA ? F CA . ? A CA 305 ? 1_555 OD2 ? A ASP 91  ? A ASP 86  ? 1_555 52.2  ? 
100 OD1 ? A ASP 91  ? A ASP 86  ? 1_555 CA ? F CA . ? A CA 305 ? 1_555 OE1 ? A GLU 92  ? A GLU 87  ? 1_555 76.5  ? 
101 OD2 ? A ASP 91  ? A ASP 86  ? 1_555 CA ? F CA . ? A CA 305 ? 1_555 OE1 ? A GLU 92  ? A GLU 87  ? 1_555 79.1  ? 
102 OD1 ? A ASP 91  ? A ASP 86  ? 1_555 CA ? F CA . ? A CA 305 ? 1_555 OE2 ? A GLU 92  ? A GLU 87  ? 1_555 120.1 ? 
103 OD2 ? A ASP 91  ? A ASP 86  ? 1_555 CA ? F CA . ? A CA 305 ? 1_555 OE2 ? A GLU 92  ? A GLU 87  ? 1_555 87.9  ? 
104 OE1 ? A GLU 92  ? A GLU 87  ? 1_555 CA ? F CA . ? A CA 305 ? 1_555 OE2 ? A GLU 92  ? A GLU 87  ? 1_555 50.6  ? 
105 OD1 ? A ASP 91  ? A ASP 86  ? 1_555 CA ? F CA . ? A CA 305 ? 1_555 O   ? J HOH .   ? A HOH 402 ? 1_555 50.8  ? 
106 OD2 ? A ASP 91  ? A ASP 86  ? 1_555 CA ? F CA . ? A CA 305 ? 1_555 O   ? J HOH .   ? A HOH 402 ? 1_555 99.8  ? 
107 OE1 ? A GLU 92  ? A GLU 87  ? 1_555 CA ? F CA . ? A CA 305 ? 1_555 O   ? J HOH .   ? A HOH 402 ? 1_555 102.0 ? 
108 OE2 ? A GLU 92  ? A GLU 87  ? 1_555 CA ? F CA . ? A CA 305 ? 1_555 O   ? J HOH .   ? A HOH 402 ? 1_555 150.0 ? 
109 OD1 ? A ASP 91  ? A ASP 86  ? 1_555 CA ? F CA . ? A CA 305 ? 1_555 O   ? J HOH .   ? A HOH 455 ? 1_555 86.9  ? 
110 OD2 ? A ASP 91  ? A ASP 86  ? 1_555 CA ? F CA . ? A CA 305 ? 1_555 O   ? J HOH .   ? A HOH 455 ? 1_555 136.2 ? 
111 OE1 ? A GLU 92  ? A GLU 87  ? 1_555 CA ? F CA . ? A CA 305 ? 1_555 O   ? J HOH .   ? A HOH 455 ? 1_555 76.1  ? 
112 OE2 ? A GLU 92  ? A GLU 87  ? 1_555 CA ? F CA . ? A CA 305 ? 1_555 O   ? J HOH .   ? A HOH 455 ? 1_555 103.0 ? 
113 O   ? J HOH .   ? A HOH 402 ? 1_555 CA ? F CA . ? A CA 305 ? 1_555 O   ? J HOH .   ? A HOH 455 ? 1_555 52.3  ? 
114 OD1 ? A ASP 91  ? A ASP 86  ? 1_555 CA ? F CA . ? A CA 305 ? 1_555 O   ? J HOH .   ? A HOH 458 ? 1_555 69.2  ? 
115 OD2 ? A ASP 91  ? A ASP 86  ? 1_555 CA ? F CA . ? A CA 305 ? 1_555 O   ? J HOH .   ? A HOH 458 ? 1_555 83.9  ? 
116 OE1 ? A GLU 92  ? A GLU 87  ? 1_555 CA ? F CA . ? A CA 305 ? 1_555 O   ? J HOH .   ? A HOH 458 ? 1_555 145.3 ? 
117 OE2 ? A GLU 92  ? A GLU 87  ? 1_555 CA ? F CA . ? A CA 305 ? 1_555 O   ? J HOH .   ? A HOH 458 ? 1_555 158.5 ? 
118 O   ? J HOH .   ? A HOH 402 ? 1_555 CA ? F CA . ? A CA 305 ? 1_555 O   ? J HOH .   ? A HOH 458 ? 1_555 51.5  ? 
119 O   ? J HOH .   ? A HOH 455 ? 1_555 CA ? F CA . ? A CA 305 ? 1_555 O   ? J HOH .   ? A HOH 458 ? 1_555 96.7  ? 
120 O   ? J HOH .   ? A HOH 412 ? 1_555 CA ? G CA . ? A CA 306 ? 1_555 O   ? J HOH .   ? A HOH 433 ? 2_564 116.9 ? 
121 O   ? J HOH .   ? A HOH 412 ? 1_555 CA ? G CA . ? A CA 306 ? 1_555 O   ? J HOH .   ? A HOH 437 ? 1_555 86.4  ? 
122 O   ? J HOH .   ? A HOH 433 ? 2_564 CA ? G CA . ? A CA 306 ? 1_555 O   ? J HOH .   ? A HOH 437 ? 1_555 142.8 ? 
123 O   ? J HOH .   ? A HOH 412 ? 1_555 CA ? G CA . ? A CA 306 ? 1_555 O   ? J HOH .   ? A HOH 468 ? 2_564 164.6 ? 
124 O   ? J HOH .   ? A HOH 433 ? 2_564 CA ? G CA . ? A CA 306 ? 1_555 O   ? J HOH .   ? A HOH 468 ? 2_564 78.3  ? 
125 O   ? J HOH .   ? A HOH 437 ? 1_555 CA ? G CA . ? A CA 306 ? 1_555 O   ? J HOH .   ? A HOH 468 ? 2_564 79.1  ? 
126 O   ? J HOH .   ? A HOH 412 ? 1_555 CA ? G CA . ? A CA 306 ? 1_555 O   ? J HOH .   ? A HOH 476 ? 2_564 88.1  ? 
127 O   ? J HOH .   ? A HOH 433 ? 2_564 CA ? G CA . ? A CA 306 ? 1_555 O   ? J HOH .   ? A HOH 476 ? 2_564 74.6  ? 
128 O   ? J HOH .   ? A HOH 437 ? 1_555 CA ? G CA . ? A CA 306 ? 1_555 O   ? J HOH .   ? A HOH 476 ? 2_564 77.9  ? 
129 O   ? J HOH .   ? A HOH 468 ? 2_564 CA ? G CA . ? A CA 306 ? 1_555 O   ? J HOH .   ? A HOH 476 ? 2_564 93.9  ? 
130 O   ? J HOH .   ? A HOH 412 ? 1_555 CA ? G CA . ? A CA 306 ? 1_555 O   ? J HOH .   ? A HOH 489 ? 1_555 87.7  ? 
131 O   ? J HOH .   ? A HOH 433 ? 2_564 CA ? G CA . ? A CA 306 ? 1_555 O   ? J HOH .   ? A HOH 489 ? 1_555 133.8 ? 
132 O   ? J HOH .   ? A HOH 437 ? 1_555 CA ? G CA . ? A CA 306 ? 1_555 O   ? J HOH .   ? A HOH 489 ? 1_555 71.1  ? 
133 O   ? J HOH .   ? A HOH 468 ? 2_564 CA ? G CA . ? A CA 306 ? 1_555 O   ? J HOH .   ? A HOH 489 ? 1_555 82.8  ? 
134 O   ? J HOH .   ? A HOH 476 ? 2_564 CA ? G CA . ? A CA 306 ? 1_555 O   ? J HOH .   ? A HOH 489 ? 1_555 149.0 ? 
# 
_pdbx_validate_symm_contact.id                1 
_pdbx_validate_symm_contact.PDB_model_num     1 
_pdbx_validate_symm_contact.auth_atom_id_1    N 
_pdbx_validate_symm_contact.auth_asym_id_1    A 
_pdbx_validate_symm_contact.auth_comp_id_1    ALA 
_pdbx_validate_symm_contact.auth_seq_id_1     1 
_pdbx_validate_symm_contact.PDB_ins_code_1    ? 
_pdbx_validate_symm_contact.label_alt_id_1    ? 
_pdbx_validate_symm_contact.site_symmetry_1   1_555 
_pdbx_validate_symm_contact.auth_atom_id_2    C 
_pdbx_validate_symm_contact.auth_asym_id_2    A 
_pdbx_validate_symm_contact.auth_comp_id_2    SER 
_pdbx_validate_symm_contact.auth_seq_id_2     136 
_pdbx_validate_symm_contact.PDB_ins_code_2    ? 
_pdbx_validate_symm_contact.label_alt_id_2    ? 
_pdbx_validate_symm_contact.site_symmetry_2   5_664 
_pdbx_validate_symm_contact.dist              1.74 
# 
loop_
_pdbx_struct_special_symmetry.id 
_pdbx_struct_special_symmetry.PDB_model_num 
_pdbx_struct_special_symmetry.auth_asym_id 
_pdbx_struct_special_symmetry.auth_comp_id 
_pdbx_struct_special_symmetry.auth_seq_id 
_pdbx_struct_special_symmetry.PDB_ins_code 
_pdbx_struct_special_symmetry.label_asym_id 
_pdbx_struct_special_symmetry.label_comp_id 
_pdbx_struct_special_symmetry.label_seq_id 
1 1 A HOH 428 ? J HOH . 
2 1 A HOH 479 ? J HOH . 
# 
_pdbx_entry_details.entry_id                 8CKR 
_pdbx_entry_details.has_ligand_of_interest   Y 
_pdbx_entry_details.compound_details         ? 
_pdbx_entry_details.source_details           ? 
_pdbx_entry_details.nonpolymer_details       ? 
_pdbx_entry_details.sequence_details         ? 
# 
loop_
_pdbx_unobs_or_zero_occ_residues.id 
_pdbx_unobs_or_zero_occ_residues.PDB_model_num 
_pdbx_unobs_or_zero_occ_residues.polymer_flag 
_pdbx_unobs_or_zero_occ_residues.occupancy_flag 
_pdbx_unobs_or_zero_occ_residues.auth_asym_id 
_pdbx_unobs_or_zero_occ_residues.auth_comp_id 
_pdbx_unobs_or_zero_occ_residues.auth_seq_id 
_pdbx_unobs_or_zero_occ_residues.PDB_ins_code 
_pdbx_unobs_or_zero_occ_residues.label_asym_id 
_pdbx_unobs_or_zero_occ_residues.label_comp_id 
_pdbx_unobs_or_zero_occ_residues.label_seq_id 
1   1 Y 1 A GLY -4  ? A GLY 1   
2   1 Y 1 A ALA -3  ? A ALA 2   
3   1 Y 1 A MET -2  ? A MET 3   
4   1 Y 1 A GLY -1  ? A GLY 4   
5   1 Y 1 A SER 0   ? A SER 5   
6   1 Y 1 A ALA 137 ? A ALA 142 
7   1 Y 1 A GLU 138 ? A GLU 143 
8   1 Y 1 A ALA 139 ? A ALA 144 
9   1 Y 1 A TRP 140 ? A TRP 145 
10  1 Y 1 A TYR 141 ? A TYR 146 
11  1 Y 1 A ASN 142 ? A ASN 147 
12  1 Y 1 A LEU 143 ? A LEU 148 
13  1 Y 1 A GLY 144 ? A GLY 149 
14  1 Y 1 A ASN 145 ? A ASN 150 
15  1 Y 1 A ALA 146 ? A ALA 151 
16  1 Y 1 A TYR 147 ? A TYR 152 
17  1 Y 1 A TYR 148 ? A TYR 153 
18  1 Y 1 A LYS 149 ? A LYS 154 
19  1 Y 1 A GLN 150 ? A GLN 155 
20  1 Y 1 A GLY 151 ? A GLY 156 
21  1 Y 1 A ASP 152 ? A ASP 157 
22  1 Y 1 A TYR 153 ? A TYR 158 
23  1 Y 1 A ASP 154 ? A ASP 159 
24  1 Y 1 A GLU 155 ? A GLU 160 
25  1 Y 1 A ALA 156 ? A ALA 161 
26  1 Y 1 A ILE 157 ? A ILE 162 
27  1 Y 1 A GLU 158 ? A GLU 163 
28  1 Y 1 A TYR 159 ? A TYR 164 
29  1 Y 1 A TYR 160 ? A TYR 165 
30  1 Y 1 A GLN 161 ? A GLN 166 
31  1 Y 1 A LYS 162 ? A LYS 167 
32  1 Y 1 A ALA 163 ? A ALA 168 
33  1 Y 1 A LEU 164 ? A LEU 169 
34  1 Y 1 A GLU 165 ? A GLU 170 
35  1 Y 1 A LEU 166 ? A LEU 171 
36  1 Y 1 A ASP 167 ? A ASP 172 
37  1 Y 1 A PRO 168 ? A PRO 173 
38  1 Y 1 A ARG 169 ? A ARG 174 
39  1 Y 1 A SER 170 ? A SER 175 
40  1 Y 1 A ALA 171 ? A ALA 176 
41  1 Y 1 A GLU 172 ? A GLU 177 
42  1 Y 1 A ALA 173 ? A ALA 178 
43  1 Y 1 A TRP 174 ? A TRP 179 
44  1 Y 1 A TYR 175 ? A TYR 180 
45  1 Y 1 A ASN 176 ? A ASN 181 
46  1 Y 1 A LEU 177 ? A LEU 182 
47  1 Y 1 A GLY 178 ? A GLY 183 
48  1 Y 1 A ASN 179 ? A ASN 184 
49  1 Y 1 A ALA 180 ? A ALA 185 
50  1 Y 1 A TYR 181 ? A TYR 186 
51  1 Y 1 A TYR 182 ? A TYR 187 
52  1 Y 1 A LYS 183 ? A LYS 188 
53  1 Y 1 A GLN 184 ? A GLN 189 
54  1 Y 1 A GLY 185 ? A GLY 190 
55  1 Y 1 A ASP 186 ? A ASP 191 
56  1 Y 1 A TYR 187 ? A TYR 192 
57  1 Y 1 A ASP 188 ? A ASP 193 
58  1 Y 1 A GLU 189 ? A GLU 194 
59  1 Y 1 A ALA 190 ? A ALA 195 
60  1 Y 1 A ILE 191 ? A ILE 196 
61  1 Y 1 A GLU 192 ? A GLU 197 
62  1 Y 1 A TYR 193 ? A TYR 198 
63  1 Y 1 A TYR 194 ? A TYR 199 
64  1 Y 1 A GLN 195 ? A GLN 200 
65  1 Y 1 A LYS 196 ? A LYS 201 
66  1 Y 1 A ALA 197 ? A ALA 202 
67  1 Y 1 A LEU 198 ? A LEU 203 
68  1 Y 1 A GLU 199 ? A GLU 204 
69  1 Y 1 A LEU 200 ? A LEU 205 
70  1 Y 1 A ASP 201 ? A ASP 206 
71  1 Y 1 A PRO 202 ? A PRO 207 
72  1 Y 1 A ARG 203 ? A ARG 208 
73  1 Y 1 A SER 204 ? A SER 209 
74  1 Y 1 A ALA 205 ? A ALA 210 
75  1 Y 1 A GLU 206 ? A GLU 211 
76  1 Y 1 A ALA 207 ? A ALA 212 
77  1 Y 1 A TRP 208 ? A TRP 213 
78  1 Y 1 A TYR 209 ? A TYR 214 
79  1 Y 1 A ASN 210 ? A ASN 215 
80  1 Y 1 A LEU 211 ? A LEU 216 
81  1 Y 1 A GLY 212 ? A GLY 217 
82  1 Y 1 A ASN 213 ? A ASN 218 
83  1 Y 1 A ALA 214 ? A ALA 219 
84  1 Y 1 A TYR 215 ? A TYR 220 
85  1 Y 1 A TYR 216 ? A TYR 221 
86  1 Y 1 A LYS 217 ? A LYS 222 
87  1 Y 1 A GLN 218 ? A GLN 223 
88  1 Y 1 A GLY 219 ? A GLY 224 
89  1 Y 1 A ASP 220 ? A ASP 225 
90  1 Y 1 A TYR 221 ? A TYR 226 
91  1 Y 1 A ASP 222 ? A ASP 227 
92  1 Y 1 A GLU 223 ? A GLU 228 
93  1 Y 1 A ALA 224 ? A ALA 229 
94  1 Y 1 A ILE 225 ? A ILE 230 
95  1 Y 1 A GLU 226 ? A GLU 231 
96  1 Y 1 A TYR 227 ? A TYR 232 
97  1 Y 1 A TYR 228 ? A TYR 233 
98  1 Y 1 A GLN 229 ? A GLN 234 
99  1 Y 1 A LYS 230 ? A LYS 235 
100 1 Y 1 A ALA 231 ? A ALA 236 
101 1 Y 1 A LEU 232 ? A LEU 237 
102 1 Y 1 A GLU 233 ? A GLU 238 
103 1 Y 1 A LEU 234 ? A LEU 239 
104 1 Y 1 A ASP 235 ? A ASP 240 
105 1 Y 1 A PRO 236 ? A PRO 241 
106 1 Y 1 A ARG 237 ? A ARG 242 
107 1 Y 1 A SER 238 ? A SER 243 
108 1 Y 1 A ALA 239 ? A ALA 244 
109 1 Y 1 A GLU 240 ? A GLU 245 
110 1 Y 1 A ALA 241 ? A ALA 246 
111 1 Y 1 A TRP 242 ? A TRP 247 
112 1 Y 1 A TYR 243 ? A TYR 248 
113 1 Y 1 A ASN 244 ? A ASN 249 
114 1 Y 1 A LEU 245 ? A LEU 250 
115 1 Y 1 A GLY 246 ? A GLY 251 
116 1 Y 1 A ASN 247 ? A ASN 252 
117 1 Y 1 A ALA 248 ? A ALA 253 
118 1 Y 1 A TYR 249 ? A TYR 254 
119 1 Y 1 A TYR 250 ? A TYR 255 
120 1 Y 1 A LYS 251 ? A LYS 256 
121 1 Y 1 A GLN 252 ? A GLN 257 
122 1 Y 1 A GLY 253 ? A GLY 258 
123 1 Y 1 A ASP 254 ? A ASP 259 
124 1 Y 1 A TYR 255 ? A TYR 260 
125 1 Y 1 A ASP 256 ? A ASP 261 
126 1 Y 1 A GLU 257 ? A GLU 262 
127 1 Y 1 A ALA 258 ? A ALA 263 
128 1 Y 1 A ILE 259 ? A ILE 264 
129 1 Y 1 A GLU 260 ? A GLU 265 
130 1 Y 1 A TYR 261 ? A TYR 266 
131 1 Y 1 A TYR 262 ? A TYR 267 
132 1 Y 1 A GLN 263 ? A GLN 268 
133 1 Y 1 A LYS 264 ? A LYS 269 
134 1 Y 1 A ALA 265 ? A ALA 270 
135 1 Y 1 A LEU 266 ? A LEU 271 
136 1 Y 1 A GLU 267 ? A GLU 272 
137 1 Y 1 A LEU 268 ? A LEU 273 
138 1 Y 1 A ASP 269 ? A ASP 274 
139 1 Y 1 A PRO 270 ? A PRO 275 
140 1 Y 1 A ARG 271 ? A ARG 276 
141 1 Y 1 A SER 272 ? A SER 277 
142 1 Y 1 A ALA 273 ? A ALA 278 
143 1 Y 1 A GLU 274 ? A GLU 279 
144 1 Y 1 A ALA 275 ? A ALA 280 
145 1 Y 1 A LYS 276 ? A LYS 281 
146 1 Y 1 A GLY 277 ? A GLY 282 
147 1 Y 1 A ASN 278 ? A ASN 283 
148 1 Y 1 A LEU 279 ? A LEU 284 
149 1 Y 1 A GLY 280 ? A GLY 285 
150 1 Y 1 A ASN 281 ? A ASN 286 
151 1 Y 1 A ALA 282 ? A ALA 287 
152 1 Y 1 A LYS 283 ? A LYS 288 
153 1 Y 1 A GLN 284 ? A GLN 289 
154 1 Y 1 A LYS 285 ? A LYS 290 
155 1 Y 1 A GLN 286 ? A GLN 291 
156 1 Y 1 A GLY 287 ? A GLY 292 
# 
loop_
_chem_comp_atom.comp_id 
_chem_comp_atom.atom_id 
_chem_comp_atom.type_symbol 
_chem_comp_atom.pdbx_aromatic_flag 
_chem_comp_atom.pdbx_stereo_config 
_chem_comp_atom.pdbx_ordinal 
ALA N    N  N N 1   
ALA CA   C  N S 2   
ALA C    C  N N 3   
ALA O    O  N N 4   
ALA CB   C  N N 5   
ALA OXT  O  N N 6   
ALA H    H  N N 7   
ALA H2   H  N N 8   
ALA HA   H  N N 9   
ALA HB1  H  N N 10  
ALA HB2  H  N N 11  
ALA HB3  H  N N 12  
ALA HXT  H  N N 13  
ARG N    N  N N 14  
ARG CA   C  N S 15  
ARG C    C  N N 16  
ARG O    O  N N 17  
ARG CB   C  N N 18  
ARG CG   C  N N 19  
ARG CD   C  N N 20  
ARG NE   N  N N 21  
ARG CZ   C  N N 22  
ARG NH1  N  N N 23  
ARG NH2  N  N N 24  
ARG OXT  O  N N 25  
ARG H    H  N N 26  
ARG H2   H  N N 27  
ARG HA   H  N N 28  
ARG HB2  H  N N 29  
ARG HB3  H  N N 30  
ARG HG2  H  N N 31  
ARG HG3  H  N N 32  
ARG HD2  H  N N 33  
ARG HD3  H  N N 34  
ARG HE   H  N N 35  
ARG HH11 H  N N 36  
ARG HH12 H  N N 37  
ARG HH21 H  N N 38  
ARG HH22 H  N N 39  
ARG HXT  H  N N 40  
ASN N    N  N N 41  
ASN CA   C  N S 42  
ASN C    C  N N 43  
ASN O    O  N N 44  
ASN CB   C  N N 45  
ASN CG   C  N N 46  
ASN OD1  O  N N 47  
ASN ND2  N  N N 48  
ASN OXT  O  N N 49  
ASN H    H  N N 50  
ASN H2   H  N N 51  
ASN HA   H  N N 52  
ASN HB2  H  N N 53  
ASN HB3  H  N N 54  
ASN HD21 H  N N 55  
ASN HD22 H  N N 56  
ASN HXT  H  N N 57  
ASP N    N  N N 58  
ASP CA   C  N S 59  
ASP C    C  N N 60  
ASP O    O  N N 61  
ASP CB   C  N N 62  
ASP CG   C  N N 63  
ASP OD1  O  N N 64  
ASP OD2  O  N N 65  
ASP OXT  O  N N 66  
ASP H    H  N N 67  
ASP H2   H  N N 68  
ASP HA   H  N N 69  
ASP HB2  H  N N 70  
ASP HB3  H  N N 71  
ASP HD2  H  N N 72  
ASP HXT  H  N N 73  
CA  CA   CA N N 74  
GLN N    N  N N 75  
GLN CA   C  N S 76  
GLN C    C  N N 77  
GLN O    O  N N 78  
GLN CB   C  N N 79  
GLN CG   C  N N 80  
GLN CD   C  N N 81  
GLN OE1  O  N N 82  
GLN NE2  N  N N 83  
GLN OXT  O  N N 84  
GLN H    H  N N 85  
GLN H2   H  N N 86  
GLN HA   H  N N 87  
GLN HB2  H  N N 88  
GLN HB3  H  N N 89  
GLN HG2  H  N N 90  
GLN HG3  H  N N 91  
GLN HE21 H  N N 92  
GLN HE22 H  N N 93  
GLN HXT  H  N N 94  
GLU N    N  N N 95  
GLU CA   C  N S 96  
GLU C    C  N N 97  
GLU O    O  N N 98  
GLU CB   C  N N 99  
GLU CG   C  N N 100 
GLU CD   C  N N 101 
GLU OE1  O  N N 102 
GLU OE2  O  N N 103 
GLU OXT  O  N N 104 
GLU H    H  N N 105 
GLU H2   H  N N 106 
GLU HA   H  N N 107 
GLU HB2  H  N N 108 
GLU HB3  H  N N 109 
GLU HG2  H  N N 110 
GLU HG3  H  N N 111 
GLU HE2  H  N N 112 
GLU HXT  H  N N 113 
GLY N    N  N N 114 
GLY CA   C  N N 115 
GLY C    C  N N 116 
GLY O    O  N N 117 
GLY OXT  O  N N 118 
GLY H    H  N N 119 
GLY H2   H  N N 120 
GLY HA2  H  N N 121 
GLY HA3  H  N N 122 
GLY HXT  H  N N 123 
HOH O    O  N N 124 
HOH H1   H  N N 125 
HOH H2   H  N N 126 
ILE N    N  N N 127 
ILE CA   C  N S 128 
ILE C    C  N N 129 
ILE O    O  N N 130 
ILE CB   C  N S 131 
ILE CG1  C  N N 132 
ILE CG2  C  N N 133 
ILE CD1  C  N N 134 
ILE OXT  O  N N 135 
ILE H    H  N N 136 
ILE H2   H  N N 137 
ILE HA   H  N N 138 
ILE HB   H  N N 139 
ILE HG12 H  N N 140 
ILE HG13 H  N N 141 
ILE HG21 H  N N 142 
ILE HG22 H  N N 143 
ILE HG23 H  N N 144 
ILE HD11 H  N N 145 
ILE HD12 H  N N 146 
ILE HD13 H  N N 147 
ILE HXT  H  N N 148 
LEU N    N  N N 149 
LEU CA   C  N S 150 
LEU C    C  N N 151 
LEU O    O  N N 152 
LEU CB   C  N N 153 
LEU CG   C  N N 154 
LEU CD1  C  N N 155 
LEU CD2  C  N N 156 
LEU OXT  O  N N 157 
LEU H    H  N N 158 
LEU H2   H  N N 159 
LEU HA   H  N N 160 
LEU HB2  H  N N 161 
LEU HB3  H  N N 162 
LEU HG   H  N N 163 
LEU HD11 H  N N 164 
LEU HD12 H  N N 165 
LEU HD13 H  N N 166 
LEU HD21 H  N N 167 
LEU HD22 H  N N 168 
LEU HD23 H  N N 169 
LEU HXT  H  N N 170 
LYS N    N  N N 171 
LYS CA   C  N S 172 
LYS C    C  N N 173 
LYS O    O  N N 174 
LYS CB   C  N N 175 
LYS CG   C  N N 176 
LYS CD   C  N N 177 
LYS CE   C  N N 178 
LYS NZ   N  N N 179 
LYS OXT  O  N N 180 
LYS H    H  N N 181 
LYS H2   H  N N 182 
LYS HA   H  N N 183 
LYS HB2  H  N N 184 
LYS HB3  H  N N 185 
LYS HG2  H  N N 186 
LYS HG3  H  N N 187 
LYS HD2  H  N N 188 
LYS HD3  H  N N 189 
LYS HE2  H  N N 190 
LYS HE3  H  N N 191 
LYS HZ1  H  N N 192 
LYS HZ2  H  N N 193 
LYS HZ3  H  N N 194 
LYS HXT  H  N N 195 
MET N    N  N N 196 
MET CA   C  N S 197 
MET C    C  N N 198 
MET O    O  N N 199 
MET CB   C  N N 200 
MET CG   C  N N 201 
MET SD   S  N N 202 
MET CE   C  N N 203 
MET OXT  O  N N 204 
MET H    H  N N 205 
MET H2   H  N N 206 
MET HA   H  N N 207 
MET HB2  H  N N 208 
MET HB3  H  N N 209 
MET HG2  H  N N 210 
MET HG3  H  N N 211 
MET HE1  H  N N 212 
MET HE2  H  N N 213 
MET HE3  H  N N 214 
MET HXT  H  N N 215 
MPD C1   C  N N 216 
MPD C2   C  N N 217 
MPD O2   O  N N 218 
MPD CM   C  N N 219 
MPD C3   C  N N 220 
MPD C4   C  N S 221 
MPD O4   O  N N 222 
MPD C5   C  N N 223 
MPD H11  H  N N 224 
MPD H12  H  N N 225 
MPD H13  H  N N 226 
MPD HO2  H  N N 227 
MPD HM1  H  N N 228 
MPD HM2  H  N N 229 
MPD HM3  H  N N 230 
MPD H31  H  N N 231 
MPD H32  H  N N 232 
MPD H4   H  N N 233 
MPD HO4  H  N N 234 
MPD H51  H  N N 235 
MPD H52  H  N N 236 
MPD H53  H  N N 237 
PRO N    N  N N 238 
PRO CA   C  N S 239 
PRO C    C  N N 240 
PRO O    O  N N 241 
PRO CB   C  N N 242 
PRO CG   C  N N 243 
PRO CD   C  N N 244 
PRO OXT  O  N N 245 
PRO H    H  N N 246 
PRO HA   H  N N 247 
PRO HB2  H  N N 248 
PRO HB3  H  N N 249 
PRO HG2  H  N N 250 
PRO HG3  H  N N 251 
PRO HD2  H  N N 252 
PRO HD3  H  N N 253 
PRO HXT  H  N N 254 
SER N    N  N N 255 
SER CA   C  N S 256 
SER C    C  N N 257 
SER O    O  N N 258 
SER CB   C  N N 259 
SER OG   O  N N 260 
SER OXT  O  N N 261 
SER H    H  N N 262 
SER H2   H  N N 263 
SER HA   H  N N 264 
SER HB2  H  N N 265 
SER HB3  H  N N 266 
SER HG   H  N N 267 
SER HXT  H  N N 268 
TRP N    N  N N 269 
TRP CA   C  N S 270 
TRP C    C  N N 271 
TRP O    O  N N 272 
TRP CB   C  N N 273 
TRP CG   C  Y N 274 
TRP CD1  C  Y N 275 
TRP CD2  C  Y N 276 
TRP NE1  N  Y N 277 
TRP CE2  C  Y N 278 
TRP CE3  C  Y N 279 
TRP CZ2  C  Y N 280 
TRP CZ3  C  Y N 281 
TRP CH2  C  Y N 282 
TRP OXT  O  N N 283 
TRP H    H  N N 284 
TRP H2   H  N N 285 
TRP HA   H  N N 286 
TRP HB2  H  N N 287 
TRP HB3  H  N N 288 
TRP HD1  H  N N 289 
TRP HE1  H  N N 290 
TRP HE3  H  N N 291 
TRP HZ2  H  N N 292 
TRP HZ3  H  N N 293 
TRP HH2  H  N N 294 
TRP HXT  H  N N 295 
TYR N    N  N N 296 
TYR CA   C  N S 297 
TYR C    C  N N 298 
TYR O    O  N N 299 
TYR CB   C  N N 300 
TYR CG   C  Y N 301 
TYR CD1  C  Y N 302 
TYR CD2  C  Y N 303 
TYR CE1  C  Y N 304 
TYR CE2  C  Y N 305 
TYR CZ   C  Y N 306 
TYR OH   O  N N 307 
TYR OXT  O  N N 308 
TYR H    H  N N 309 
TYR H2   H  N N 310 
TYR HA   H  N N 311 
TYR HB2  H  N N 312 
TYR HB3  H  N N 313 
TYR HD1  H  N N 314 
TYR HD2  H  N N 315 
TYR HE1  H  N N 316 
TYR HE2  H  N N 317 
TYR HH   H  N N 318 
TYR HXT  H  N N 319 
# 
loop_
_chem_comp_bond.comp_id 
_chem_comp_bond.atom_id_1 
_chem_comp_bond.atom_id_2 
_chem_comp_bond.value_order 
_chem_comp_bond.pdbx_aromatic_flag 
_chem_comp_bond.pdbx_stereo_config 
_chem_comp_bond.pdbx_ordinal 
ALA N   CA   sing N N 1   
ALA N   H    sing N N 2   
ALA N   H2   sing N N 3   
ALA CA  C    sing N N 4   
ALA CA  CB   sing N N 5   
ALA CA  HA   sing N N 6   
ALA C   O    doub N N 7   
ALA C   OXT  sing N N 8   
ALA CB  HB1  sing N N 9   
ALA CB  HB2  sing N N 10  
ALA CB  HB3  sing N N 11  
ALA OXT HXT  sing N N 12  
ARG N   CA   sing N N 13  
ARG N   H    sing N N 14  
ARG N   H2   sing N N 15  
ARG CA  C    sing N N 16  
ARG CA  CB   sing N N 17  
ARG CA  HA   sing N N 18  
ARG C   O    doub N N 19  
ARG C   OXT  sing N N 20  
ARG CB  CG   sing N N 21  
ARG CB  HB2  sing N N 22  
ARG CB  HB3  sing N N 23  
ARG CG  CD   sing N N 24  
ARG CG  HG2  sing N N 25  
ARG CG  HG3  sing N N 26  
ARG CD  NE   sing N N 27  
ARG CD  HD2  sing N N 28  
ARG CD  HD3  sing N N 29  
ARG NE  CZ   sing N N 30  
ARG NE  HE   sing N N 31  
ARG CZ  NH1  sing N N 32  
ARG CZ  NH2  doub N N 33  
ARG NH1 HH11 sing N N 34  
ARG NH1 HH12 sing N N 35  
ARG NH2 HH21 sing N N 36  
ARG NH2 HH22 sing N N 37  
ARG OXT HXT  sing N N 38  
ASN N   CA   sing N N 39  
ASN N   H    sing N N 40  
ASN N   H2   sing N N 41  
ASN CA  C    sing N N 42  
ASN CA  CB   sing N N 43  
ASN CA  HA   sing N N 44  
ASN C   O    doub N N 45  
ASN C   OXT  sing N N 46  
ASN CB  CG   sing N N 47  
ASN CB  HB2  sing N N 48  
ASN CB  HB3  sing N N 49  
ASN CG  OD1  doub N N 50  
ASN CG  ND2  sing N N 51  
ASN ND2 HD21 sing N N 52  
ASN ND2 HD22 sing N N 53  
ASN OXT HXT  sing N N 54  
ASP N   CA   sing N N 55  
ASP N   H    sing N N 56  
ASP N   H2   sing N N 57  
ASP CA  C    sing N N 58  
ASP CA  CB   sing N N 59  
ASP CA  HA   sing N N 60  
ASP C   O    doub N N 61  
ASP C   OXT  sing N N 62  
ASP CB  CG   sing N N 63  
ASP CB  HB2  sing N N 64  
ASP CB  HB3  sing N N 65  
ASP CG  OD1  doub N N 66  
ASP CG  OD2  sing N N 67  
ASP OD2 HD2  sing N N 68  
ASP OXT HXT  sing N N 69  
GLN N   CA   sing N N 70  
GLN N   H    sing N N 71  
GLN N   H2   sing N N 72  
GLN CA  C    sing N N 73  
GLN CA  CB   sing N N 74  
GLN CA  HA   sing N N 75  
GLN C   O    doub N N 76  
GLN C   OXT  sing N N 77  
GLN CB  CG   sing N N 78  
GLN CB  HB2  sing N N 79  
GLN CB  HB3  sing N N 80  
GLN CG  CD   sing N N 81  
GLN CG  HG2  sing N N 82  
GLN CG  HG3  sing N N 83  
GLN CD  OE1  doub N N 84  
GLN CD  NE2  sing N N 85  
GLN NE2 HE21 sing N N 86  
GLN NE2 HE22 sing N N 87  
GLN OXT HXT  sing N N 88  
GLU N   CA   sing N N 89  
GLU N   H    sing N N 90  
GLU N   H2   sing N N 91  
GLU CA  C    sing N N 92  
GLU CA  CB   sing N N 93  
GLU CA  HA   sing N N 94  
GLU C   O    doub N N 95  
GLU C   OXT  sing N N 96  
GLU CB  CG   sing N N 97  
GLU CB  HB2  sing N N 98  
GLU CB  HB3  sing N N 99  
GLU CG  CD   sing N N 100 
GLU CG  HG2  sing N N 101 
GLU CG  HG3  sing N N 102 
GLU CD  OE1  doub N N 103 
GLU CD  OE2  sing N N 104 
GLU OE2 HE2  sing N N 105 
GLU OXT HXT  sing N N 106 
GLY N   CA   sing N N 107 
GLY N   H    sing N N 108 
GLY N   H2   sing N N 109 
GLY CA  C    sing N N 110 
GLY CA  HA2  sing N N 111 
GLY CA  HA3  sing N N 112 
GLY C   O    doub N N 113 
GLY C   OXT  sing N N 114 
GLY OXT HXT  sing N N 115 
HOH O   H1   sing N N 116 
HOH O   H2   sing N N 117 
ILE N   CA   sing N N 118 
ILE N   H    sing N N 119 
ILE N   H2   sing N N 120 
ILE CA  C    sing N N 121 
ILE CA  CB   sing N N 122 
ILE CA  HA   sing N N 123 
ILE C   O    doub N N 124 
ILE C   OXT  sing N N 125 
ILE CB  CG1  sing N N 126 
ILE CB  CG2  sing N N 127 
ILE CB  HB   sing N N 128 
ILE CG1 CD1  sing N N 129 
ILE CG1 HG12 sing N N 130 
ILE CG1 HG13 sing N N 131 
ILE CG2 HG21 sing N N 132 
ILE CG2 HG22 sing N N 133 
ILE CG2 HG23 sing N N 134 
ILE CD1 HD11 sing N N 135 
ILE CD1 HD12 sing N N 136 
ILE CD1 HD13 sing N N 137 
ILE OXT HXT  sing N N 138 
LEU N   CA   sing N N 139 
LEU N   H    sing N N 140 
LEU N   H2   sing N N 141 
LEU CA  C    sing N N 142 
LEU CA  CB   sing N N 143 
LEU CA  HA   sing N N 144 
LEU C   O    doub N N 145 
LEU C   OXT  sing N N 146 
LEU CB  CG   sing N N 147 
LEU CB  HB2  sing N N 148 
LEU CB  HB3  sing N N 149 
LEU CG  CD1  sing N N 150 
LEU CG  CD2  sing N N 151 
LEU CG  HG   sing N N 152 
LEU CD1 HD11 sing N N 153 
LEU CD1 HD12 sing N N 154 
LEU CD1 HD13 sing N N 155 
LEU CD2 HD21 sing N N 156 
LEU CD2 HD22 sing N N 157 
LEU CD2 HD23 sing N N 158 
LEU OXT HXT  sing N N 159 
LYS N   CA   sing N N 160 
LYS N   H    sing N N 161 
LYS N   H2   sing N N 162 
LYS CA  C    sing N N 163 
LYS CA  CB   sing N N 164 
LYS CA  HA   sing N N 165 
LYS C   O    doub N N 166 
LYS C   OXT  sing N N 167 
LYS CB  CG   sing N N 168 
LYS CB  HB2  sing N N 169 
LYS CB  HB3  sing N N 170 
LYS CG  CD   sing N N 171 
LYS CG  HG2  sing N N 172 
LYS CG  HG3  sing N N 173 
LYS CD  CE   sing N N 174 
LYS CD  HD2  sing N N 175 
LYS CD  HD3  sing N N 176 
LYS CE  NZ   sing N N 177 
LYS CE  HE2  sing N N 178 
LYS CE  HE3  sing N N 179 
LYS NZ  HZ1  sing N N 180 
LYS NZ  HZ2  sing N N 181 
LYS NZ  HZ3  sing N N 182 
LYS OXT HXT  sing N N 183 
MET N   CA   sing N N 184 
MET N   H    sing N N 185 
MET N   H2   sing N N 186 
MET CA  C    sing N N 187 
MET CA  CB   sing N N 188 
MET CA  HA   sing N N 189 
MET C   O    doub N N 190 
MET C   OXT  sing N N 191 
MET CB  CG   sing N N 192 
MET CB  HB2  sing N N 193 
MET CB  HB3  sing N N 194 
MET CG  SD   sing N N 195 
MET CG  HG2  sing N N 196 
MET CG  HG3  sing N N 197 
MET SD  CE   sing N N 198 
MET CE  HE1  sing N N 199 
MET CE  HE2  sing N N 200 
MET CE  HE3  sing N N 201 
MET OXT HXT  sing N N 202 
MPD C1  C2   sing N N 203 
MPD C1  H11  sing N N 204 
MPD C1  H12  sing N N 205 
MPD C1  H13  sing N N 206 
MPD C2  O2   sing N N 207 
MPD C2  CM   sing N N 208 
MPD C2  C3   sing N N 209 
MPD O2  HO2  sing N N 210 
MPD CM  HM1  sing N N 211 
MPD CM  HM2  sing N N 212 
MPD CM  HM3  sing N N 213 
MPD C3  C4   sing N N 214 
MPD C3  H31  sing N N 215 
MPD C3  H32  sing N N 216 
MPD C4  O4   sing N N 217 
MPD C4  C5   sing N N 218 
MPD C4  H4   sing N N 219 
MPD O4  HO4  sing N N 220 
MPD C5  H51  sing N N 221 
MPD C5  H52  sing N N 222 
MPD C5  H53  sing N N 223 
PRO N   CA   sing N N 224 
PRO N   CD   sing N N 225 
PRO N   H    sing N N 226 
PRO CA  C    sing N N 227 
PRO CA  CB   sing N N 228 
PRO CA  HA   sing N N 229 
PRO C   O    doub N N 230 
PRO C   OXT  sing N N 231 
PRO CB  CG   sing N N 232 
PRO CB  HB2  sing N N 233 
PRO CB  HB3  sing N N 234 
PRO CG  CD   sing N N 235 
PRO CG  HG2  sing N N 236 
PRO CG  HG3  sing N N 237 
PRO CD  HD2  sing N N 238 
PRO CD  HD3  sing N N 239 
PRO OXT HXT  sing N N 240 
SER N   CA   sing N N 241 
SER N   H    sing N N 242 
SER N   H2   sing N N 243 
SER CA  C    sing N N 244 
SER CA  CB   sing N N 245 
SER CA  HA   sing N N 246 
SER C   O    doub N N 247 
SER C   OXT  sing N N 248 
SER CB  OG   sing N N 249 
SER CB  HB2  sing N N 250 
SER CB  HB3  sing N N 251 
SER OG  HG   sing N N 252 
SER OXT HXT  sing N N 253 
TRP N   CA   sing N N 254 
TRP N   H    sing N N 255 
TRP N   H2   sing N N 256 
TRP CA  C    sing N N 257 
TRP CA  CB   sing N N 258 
TRP CA  HA   sing N N 259 
TRP C   O    doub N N 260 
TRP C   OXT  sing N N 261 
TRP CB  CG   sing N N 262 
TRP CB  HB2  sing N N 263 
TRP CB  HB3  sing N N 264 
TRP CG  CD1  doub Y N 265 
TRP CG  CD2  sing Y N 266 
TRP CD1 NE1  sing Y N 267 
TRP CD1 HD1  sing N N 268 
TRP CD2 CE2  doub Y N 269 
TRP CD2 CE3  sing Y N 270 
TRP NE1 CE2  sing Y N 271 
TRP NE1 HE1  sing N N 272 
TRP CE2 CZ2  sing Y N 273 
TRP CE3 CZ3  doub Y N 274 
TRP CE3 HE3  sing N N 275 
TRP CZ2 CH2  doub Y N 276 
TRP CZ2 HZ2  sing N N 277 
TRP CZ3 CH2  sing Y N 278 
TRP CZ3 HZ3  sing N N 279 
TRP CH2 HH2  sing N N 280 
TRP OXT HXT  sing N N 281 
TYR N   CA   sing N N 282 
TYR N   H    sing N N 283 
TYR N   H2   sing N N 284 
TYR CA  C    sing N N 285 
TYR CA  CB   sing N N 286 
TYR CA  HA   sing N N 287 
TYR C   O    doub N N 288 
TYR C   OXT  sing N N 289 
TYR CB  CG   sing N N 290 
TYR CB  HB2  sing N N 291 
TYR CB  HB3  sing N N 292 
TYR CG  CD1  doub Y N 293 
TYR CG  CD2  sing Y N 294 
TYR CD1 CE1  sing Y N 295 
TYR CD1 HD1  sing N N 296 
TYR CD2 CE2  doub Y N 297 
TYR CD2 HD2  sing N N 298 
TYR CE1 CZ   doub Y N 299 
TYR CE1 HE1  sing N N 300 
TYR CE2 CZ   sing Y N 301 
TYR CE2 HE2  sing N N 302 
TYR CZ  OH   sing N N 303 
TYR OH  HH   sing N N 304 
TYR OXT HXT  sing N N 305 
# 
_pdbx_audit_support.funding_organization   'European Research Council (ERC)' 
_pdbx_audit_support.country                'European Union' 
_pdbx_audit_support.grant_number           'ProNANO- 648071' 
_pdbx_audit_support.ordinal                1 
# 
_pdbx_entity_instance_feature.ordinal        1 
_pdbx_entity_instance_feature.comp_id        CA 
_pdbx_entity_instance_feature.asym_id        ? 
_pdbx_entity_instance_feature.seq_num        ? 
_pdbx_entity_instance_feature.auth_comp_id   CA 
_pdbx_entity_instance_feature.auth_asym_id   ? 
_pdbx_entity_instance_feature.auth_seq_num   ? 
_pdbx_entity_instance_feature.feature_type   'SUBJECT OF INVESTIGATION' 
_pdbx_entity_instance_feature.details        ? 
# 
_pdbx_initial_refinement_model.id               1 
_pdbx_initial_refinement_model.entity_id_list   ? 
_pdbx_initial_refinement_model.type             'experimental model' 
_pdbx_initial_refinement_model.source_name      PDB 
_pdbx_initial_refinement_model.accession_code   2fo7 
_pdbx_initial_refinement_model.details          ? 
# 
_atom_sites.entry_id                    8CKR 
_atom_sites.Cartn_transf_matrix[1][1]   ? 
_atom_sites.Cartn_transf_matrix[1][2]   ? 
_atom_sites.Cartn_transf_matrix[1][3]   ? 
_atom_sites.Cartn_transf_matrix[2][1]   ? 
_atom_sites.Cartn_transf_matrix[2][2]   ? 
_atom_sites.Cartn_transf_matrix[2][3]   ? 
_atom_sites.Cartn_transf_matrix[3][1]   ? 
_atom_sites.Cartn_transf_matrix[3][2]   ? 
_atom_sites.Cartn_transf_matrix[3][3]   ? 
_atom_sites.Cartn_transf_vector[1]      ? 
_atom_sites.Cartn_transf_vector[2]      ? 
_atom_sites.Cartn_transf_vector[3]      ? 
_atom_sites.fract_transf_matrix[1][1]   -0.00419849 
_atom_sites.fract_transf_matrix[1][2]   -0.01299106 
_atom_sites.fract_transf_matrix[1][3]   0.00996471 
_atom_sites.fract_transf_matrix[2][1]   -0.01534108 
_atom_sites.fract_transf_matrix[2][2]   -0.00061613 
_atom_sites.fract_transf_matrix[2][3]   0.00706747 
_atom_sites.fract_transf_matrix[3][1]   -0.00478737 
_atom_sites.fract_transf_matrix[3][2]   -0.00688406 
_atom_sites.fract_transf_matrix[3][3]   -0.01099188 
_atom_sites.fract_transf_vector[1]      -0.169285 
_atom_sites.fract_transf_vector[2]      0.371855 
_atom_sites.fract_transf_vector[3]      -0.287038 
_atom_sites.solution_primary            ? 
_atom_sites.solution_secondary          ? 
_atom_sites.solution_hydrogens          ? 
_atom_sites.special_details             ? 
# 
loop_
_atom_type.symbol 
C  
CA 
N  
O  
# 
loop_
_atom_site.group_PDB 
_atom_site.id 
_atom_site.type_symbol 
_atom_site.label_atom_id 
_atom_site.label_alt_id 
_atom_site.label_comp_id 
_atom_site.label_asym_id 
_atom_site.label_entity_id 
_atom_site.label_seq_id 
_atom_site.pdbx_PDB_ins_code 
_atom_site.Cartn_x 
_atom_site.Cartn_y 
_atom_site.Cartn_z 
_atom_site.occupancy 
_atom_site.B_iso_or_equiv 
_atom_site.pdbx_formal_charge 
_atom_site.auth_seq_id 
_atom_site.auth_comp_id 
_atom_site.auth_asym_id 
_atom_site.auth_atom_id 
_atom_site.pdbx_PDB_model_num 
ATOM   1    N  N   . ALA A 1 6   ? 11.674  -14.958 14.465  1.00 38.80 ? 1   ALA A N   1 
ATOM   2    C  CA  . ALA A 1 6   ? 11.273  -13.750 13.699  1.00 36.02 ? 1   ALA A CA  1 
ATOM   3    C  C   . ALA A 1 6   ? 9.836   -13.348 14.073  1.00 31.91 ? 1   ALA A C   1 
ATOM   4    O  O   . ALA A 1 6   ? 9.558   -12.107 14.192  1.00 31.42 ? 1   ALA A O   1 
ATOM   5    C  CB  . ALA A 1 6   ? 11.418  -14.032 12.229  1.00 39.07 ? 1   ALA A CB  1 
ATOM   6    N  N   . GLU A 1 7   ? 8.942   -14.321 14.236  1.00 34.56 ? 2   GLU A N   1 
ATOM   7    C  CA  . GLU A 1 7   ? 7.500   -14.038 14.443  1.00 36.21 ? 2   GLU A CA  1 
ATOM   8    C  C   . GLU A 1 7   ? 7.291   -13.224 15.731  1.00 31.76 ? 2   GLU A C   1 
ATOM   9    O  O   . GLU A 1 7   ? 6.459   -12.286 15.722  1.00 30.41 ? 2   GLU A O   1 
ATOM   10   C  CB  . GLU A 1 7   ? 6.709   -15.343 14.446  1.00 39.12 ? 2   GLU A CB  1 
ATOM   11   C  CG  . GLU A 1 7   ? 5.214   -15.124 14.570  1.00 46.13 ? 2   GLU A CG  1 
ATOM   12   C  CD  . GLU A 1 7   ? 4.468   -16.396 14.921  1.00 57.77 ? 2   GLU A CD  1 
ATOM   13   O  OE1 . GLU A 1 7   ? 3.784   -16.435 15.985  1.00 55.04 ? 2   GLU A OE1 1 
ATOM   14   O  OE2 . GLU A 1 7   ? 4.600   -17.355 14.145  1.00 59.64 ? 2   GLU A OE2 1 
ATOM   15   N  N   . ALA A 1 8   ? 8.007   -13.507 16.817  1.00 30.85 ? 3   ALA A N   1 
ATOM   16   C  CA  . ALA A 1 8   ? 7.892   -12.749 18.079  1.00 28.57 ? 3   ALA A CA  1 
ATOM   17   C  C   . ALA A 1 8   ? 8.364   -11.291 17.930  1.00 28.01 ? 3   ALA A C   1 
ATOM   18   O  O   . ALA A 1 8   ? 7.721   -10.383 18.457  1.00 26.74 ? 3   ALA A O   1 
ATOM   19   C  CB  . ALA A 1 8   ? 8.623   -13.478 19.181  1.00 36.23 ? 3   ALA A CB  1 
ATOM   20   N  N   . TRP A 1 9   ? 9.498   -11.045 17.267  1.00 27.94 ? 4   TRP A N   1 
ATOM   21   C  CA  . TRP A 1 9   ? 9.964   -9.663  17.002  1.00 25.39 ? 4   TRP A CA  1 
ATOM   22   C  C   . TRP A 1 9   ? 8.953   -8.904  16.137  1.00 21.22 ? 4   TRP A C   1 
ATOM   23   O  O   . TRP A 1 9   ? 8.702   -7.740  16.405  1.00 22.04 ? 4   TRP A O   1 
ATOM   24   C  CB  . TRP A 1 9   ? 11.343  -9.675  16.334  1.00 26.20 ? 4   TRP A CB  1 
ATOM   25   C  CG  . TRP A 1 9   ? 12.439  -10.102 17.263  1.00 28.96 ? 4   TRP A CG  1 
ATOM   26   C  CD1 . TRP A 1 9   ? 13.087  -11.298 17.246  1.00 32.99 ? 4   TRP A CD1 1 
ATOM   27   C  CD2 . TRP A 1 9   ? 12.970  -9.351  18.362  1.00 28.80 ? 4   TRP A CD2 1 
ATOM   28   N  NE1 . TRP A 1 9   ? 14.017  -11.335 18.255  1.00 31.21 ? 4   TRP A NE1 1 
ATOM   29   C  CE2 . TRP A 1 9   ? 14.000  -10.148 18.924  1.00 32.36 ? 4   TRP A CE2 1 
ATOM   30   C  CE3 . TRP A 1 9   ? 12.730  -8.083  18.898  1.00 32.37 ? 4   TRP A CE3 1 
ATOM   31   C  CZ2 . TRP A 1 9   ? 14.753  -9.714  20.011  1.00 33.81 ? 4   TRP A CZ2 1 
ATOM   32   C  CZ3 . TRP A 1 9   ? 13.465  -7.654  19.984  1.00 36.76 ? 4   TRP A CZ3 1 
ATOM   33   C  CH2 . TRP A 1 9   ? 14.481  -8.462  20.514  1.00 35.55 ? 4   TRP A CH2 1 
ATOM   34   N  N   . TYR A 1 10  ? 8.390   -9.613  15.180  1.00 24.69 ? 5   TYR A N   1 
ATOM   35   C  CA  . TYR A 1 10  ? 7.382   -9.058  14.255  1.00 22.69 ? 5   TYR A CA  1 
ATOM   36   C  C   . TYR A 1 10  ? 6.166   -8.625  15.064  1.00 21.28 ? 5   TYR A C   1 
ATOM   37   O  O   . TYR A 1 10  ? 5.682   -7.502  14.895  1.00 21.24 ? 5   TYR A O   1 
ATOM   38   C  CB  . TYR A 1 10  ? 7.068   -10.087 13.174  1.00 24.39 ? 5   TYR A CB  1 
ATOM   39   C  CG  . TYR A 1 10  ? 5.842   -9.808  12.357  1.00 22.46 ? 5   TYR A CG  1 
ATOM   40   C  CD1 . TYR A 1 10  ? 5.867   -8.828  11.371  1.00 22.23 ? 5   TYR A CD1 1 
ATOM   41   C  CD2 . TYR A 1 10  ? 4.673   -10.522 12.531  1.00 24.79 ? 5   TYR A CD2 1 
ATOM   42   C  CE1 . TYR A 1 10  ? 4.748   -8.554  10.607  1.00 23.68 ? 5   TYR A CE1 1 
ATOM   43   C  CE2 . TYR A 1 10  ? 3.551   -10.278 11.743  1.00 23.84 ? 5   TYR A CE2 1 
ATOM   44   C  CZ  . TYR A 1 10  ? 3.592   -9.288  10.774  1.00 23.24 ? 5   TYR A CZ  1 
ATOM   45   O  OH  . TYR A 1 10  ? 2.468   -8.989  10.050  1.00 26.31 ? 5   TYR A OH  1 
ATOM   46   N  N   . ASN A 1 11  ? 5.708   -9.497  15.961  1.00 22.29 ? 6   ASN A N   1 
ATOM   47   C  CA  . ASN A 1 11  ? 4.500   -9.152  16.736  1.00 22.62 ? 6   ASN A CA  1 
ATOM   48   C  C   . ASN A 1 11  ? 4.794   -8.029  17.759  1.00 19.37 ? 6   ASN A C   1 
ATOM   49   O  O   . ASN A 1 11  ? 3.934   -7.155  18.009  1.00 20.60 ? 6   ASN A O   1 
ATOM   50   C  CB  . ASN A 1 11  ? 3.914   -10.446 17.310  1.00 25.16 ? 6   ASN A CB  1 
ATOM   51   C  CG  . ASN A 1 11  ? 3.172   -11.222 16.225  1.00 29.25 ? 6   ASN A CG  1 
ATOM   52   O  OD1 . ASN A 1 11  ? 2.493   -10.614 15.407  1.00 37.95 ? 6   ASN A OD1 1 
ATOM   53   N  ND2 . ASN A 1 11  ? 3.195   -12.523 16.298  1.00 36.28 ? 6   ASN A ND2 1 
ATOM   54   N  N   . LEU A 1 12  ? 5.998   -7.958  18.340  1.00 21.53 ? 7   LEU A N   1 
ATOM   55   C  CA  . LEU A 1 12  ? 6.376   -6.782  19.148  1.00 21.12 ? 7   LEU A CA  1 
ATOM   56   C  C   . LEU A 1 12  ? 6.344   -5.505  18.288  1.00 19.32 ? 7   LEU A C   1 
ATOM   57   O  O   . LEU A 1 12  ? 5.789   -4.522  18.692  1.00 20.91 ? 7   LEU A O   1 
ATOM   58   C  CB  . LEU A 1 12  ? 7.776   -7.021  19.720  1.00 23.22 ? 7   LEU A CB  1 
ATOM   59   C  CG  . LEU A 1 12  ? 8.302   -5.925  20.608  1.00 23.65 ? 7   LEU A CG  1 
ATOM   60   C  CD1 . LEU A 1 12  ? 7.395   -5.739  21.826  1.00 24.18 ? 7   LEU A CD1 1 
ATOM   61   C  CD2 . LEU A 1 12  ? 9.740   -6.234  21.016  1.00 23.93 ? 7   LEU A CD2 1 
ATOM   62   N  N   . GLY A 1 13  ? 6.894   -5.592  17.059  1.00 20.91 ? 8   GLY A N   1 
ATOM   63   C  CA  . GLY A 1 13  ? 6.822   -4.422  16.166  1.00 21.70 ? 8   GLY A CA  1 
ATOM   64   C  C   . GLY A 1 13  ? 5.381   -3.990  15.903  1.00 17.90 ? 8   GLY A C   1 
ATOM   65   O  O   . GLY A 1 13  ? 5.045   -2.810  15.931  1.00 18.62 ? 8   GLY A O   1 
ATOM   66   N  N   . ASN A 1 14  ? 4.524   -4.974  15.654  1.00 18.42 ? 9   ASN A N   1 
ATOM   67   C  CA  . ASN A 1 14  ? 3.085   -4.704  15.431  1.00 18.39 ? 9   ASN A CA  1 
ATOM   68   C  C   . ASN A 1 14  ? 2.452   -3.961  16.620  1.00 17.83 ? 9   ASN A C   1 
ATOM   69   O  O   . ASN A 1 14  ? 1.622   -3.075  16.439  1.00 19.30 ? 9   ASN A O   1 
ATOM   70   C  CB  . ASN A 1 14  ? 2.313   -5.983  15.098  1.00 19.23 ? 9   ASN A CB  1 
ATOM   71   C  CG  . ASN A 1 14  ? 2.679   -6.569  13.755  1.00 20.98 ? 9   ASN A CG  1 
ATOM   72   O  OD1 . ASN A 1 14  ? 3.125   -5.863  12.856  1.00 21.35 ? 9   ASN A OD1 1 
ATOM   73   N  ND2 . ASN A 1 14  ? 2.420   -7.860  13.603  1.00 25.35 ? 9   ASN A ND2 1 
ATOM   74   N  N   . ALA A 1 15  ? 2.758   -4.426  17.839  1.00 18.91 ? 10  ALA A N   1 
ATOM   75   C  CA  . ALA A 1 15  ? 2.166   -3.799  19.038  1.00 19.07 ? 10  ALA A CA  1 
ATOM   76   C  C   . ALA A 1 15  ? 2.602   -2.333  19.146  1.00 18.93 ? 10  ALA A C   1 
ATOM   77   O  O   . ALA A 1 15  ? 1.778   -1.433  19.380  1.00 20.34 ? 10  ALA A O   1 
ATOM   78   C  CB  . ALA A 1 15  ? 2.509   -4.610  20.282  1.00 20.59 ? 10  ALA A CB  1 
ATOM   79   N  N   . TYR A 1 16  ? 3.879   -2.068  18.880  1.00 19.60 ? 11  TYR A N   1 
ATOM   80   C  CA  . TYR A 1 16  ? 4.336   -0.659  18.824  1.00 20.64 ? 11  TYR A CA  1 
ATOM   81   C  C   . TYR A 1 16  ? 3.693   0.144   17.691  1.00 20.52 ? 11  TYR A C   1 
ATOM   82   O  O   . TYR A 1 16  ? 3.232   1.242   17.909  1.00 21.55 ? 11  TYR A O   1 
ATOM   83   C  CB  . TYR A 1 16  ? 5.849   -0.561  18.736  1.00 21.05 ? 11  TYR A CB  1 
ATOM   84   C  CG  . TYR A 1 16  ? 6.553   -0.753  20.058  1.00 20.40 ? 11  TYR A CG  1 
ATOM   85   C  CD1 . TYR A 1 16  ? 6.606   0.264   20.973  1.00 23.30 ? 11  TYR A CD1 1 
ATOM   86   C  CD2 . TYR A 1 16  ? 7.233   -1.921  20.317  1.00 21.55 ? 11  TYR A CD2 1 
ATOM   87   C  CE1 . TYR A 1 16  ? 7.327   0.118   22.165  1.00 21.74 ? 11  TYR A CE1 1 
ATOM   88   C  CE2 . TYR A 1 16  ? 7.937   -2.101  21.499  1.00 24.38 ? 11  TYR A CE2 1 
ATOM   89   C  CZ  . TYR A 1 16  ? 7.981   -1.068  22.400  1.00 22.94 ? 11  TYR A CZ  1 
ATOM   90   O  OH  . TYR A 1 16  ? 8.698   -1.251  23.566  1.00 27.99 ? 11  TYR A OH  1 
ATOM   91   N  N   . TYR A 1 17  ? 3.553   -0.482  16.515  1.00 19.79 ? 12  TYR A N   1 
ATOM   92   C  CA  . TYR A 1 17  ? 2.852   0.196   15.406  1.00 21.52 ? 12  TYR A CA  1 
ATOM   93   C  C   . TYR A 1 17  ? 1.449   0.617   15.822  1.00 20.64 ? 12  TYR A C   1 
ATOM   94   O  O   . TYR A 1 17  ? 0.982   1.734   15.514  1.00 22.14 ? 12  TYR A O   1 
ATOM   95   C  CB  . TYR A 1 17  ? 2.796   -0.741  14.198  1.00 20.35 ? 12  TYR A CB  1 
ATOM   96   C  CG  . TYR A 1 17  ? 2.221   -0.144  12.949  1.00 19.33 ? 12  TYR A CG  1 
ATOM   97   C  CD1 . TYR A 1 17  ? 0.865   -0.056  12.721  1.00 21.54 ? 12  TYR A CD1 1 
ATOM   98   C  CD2 . TYR A 1 17  ? 3.086   0.302   11.971  1.00 20.20 ? 12  TYR A CD2 1 
ATOM   99   C  CE1 . TYR A 1 17  ? 0.337   0.506   11.574  1.00 22.02 ? 12  TYR A CE1 1 
ATOM   100  C  CE2 . TYR A 1 17  ? 2.584   0.836   10.807  1.00 20.19 ? 12  TYR A CE2 1 
ATOM   101  C  CZ  . TYR A 1 17  ? 1.223   0.913   10.602  1.00 22.11 ? 12  TYR A CZ  1 
ATOM   102  O  OH  . TYR A 1 17  ? 0.699   1.458   9.453   1.00 23.32 ? 12  TYR A OH  1 
ATOM   103  N  N   . LYS A 1 18  ? 0.725   -0.288  16.484  1.00 20.01 ? 13  LYS A N   1 
ATOM   104  C  CA  . LYS A 1 18  ? -0.703  -0.094  16.807  1.00 22.14 ? 13  LYS A CA  1 
ATOM   105  C  C   . LYS A 1 18  ? -0.872  1.017   17.841  1.00 24.41 ? 13  LYS A C   1 
ATOM   106  O  O   . LYS A 1 18  ? -1.962  1.562   17.891  1.00 27.57 ? 13  LYS A O   1 
ATOM   107  C  CB  . LYS A 1 18  ? -1.361  -1.392  17.264  1.00 24.93 ? 13  LYS A CB  1 
ATOM   108  C  CG  . LYS A 1 18  ? -1.575  -2.426  16.177  1.00 29.61 ? 13  LYS A CG  1 
ATOM   109  C  CD  . LYS A 1 18  ? -2.561  -1.959  15.151  1.00 36.46 ? 13  LYS A CD  1 
ATOM   110  C  CE  . LYS A 1 18  ? -3.957  -2.471  15.394  1.00 45.21 ? 13  LYS A CE  1 
ATOM   111  N  NZ  . LYS A 1 18  ? -3.974  -3.948  15.331  1.00 55.02 ? 13  LYS A NZ  1 
ATOM   112  N  N   . GLN A 1 19  ? 0.168   1.330   18.587  1.00 24.63 ? 14  GLN A N   1 
ATOM   113  C  CA  . GLN A 1 19  ? 0.063   2.447   19.551  1.00 26.16 ? 14  GLN A CA  1 
ATOM   114  C  C   . GLN A 1 19  ? 0.795   3.669   18.985  1.00 29.32 ? 14  GLN A C   1 
ATOM   115  O  O   . GLN A 1 19  ? 0.967   4.628   19.707  1.00 31.74 ? 14  GLN A O   1 
ATOM   116  C  CB  . GLN A 1 19  ? 0.393   1.968   20.978  1.00 30.97 ? 14  GLN A CB  1 
ATOM   117  C  CG  . GLN A 1 19  ? 1.793   1.481   21.175  1.00 30.91 ? 14  GLN A CG  1 
ATOM   118  C  CD  . GLN A 1 19  ? 2.134   1.277   22.645  1.00 28.50 ? 14  GLN A CD  1 
ATOM   119  O  OE1 . GLN A 1 19  ? 1.340   0.756   23.447  1.00 28.55 ? 14  GLN A OE1 1 
ATOM   120  N  NE2 . GLN A 1 19  ? 3.392   1.522   22.967  1.00 26.27 ? 14  GLN A NE2 1 
ATOM   121  N  N   . GLY A 1 20  ? 1.139   3.685   17.688  1.00 27.59 ? 15  GLY A N   1 
ATOM   122  C  CA  . GLY A 1 20  ? 1.637   4.874   16.980  1.00 25.95 ? 15  GLY A CA  1 
ATOM   123  C  C   . GLY A 1 20  ? 3.115   5.116   17.175  1.00 28.25 ? 15  GLY A C   1 
ATOM   124  O  O   . GLY A 1 20  ? 3.586   6.250   16.880  1.00 31.77 ? 15  GLY A O   1 
ATOM   125  N  N   . ASP A 1 21  ? 3.865   4.136   17.672  1.00 24.42 ? 16  ASP A N   1 
ATOM   126  C  CA  . ASP A 1 21  ? 5.300   4.238   17.984  1.00 24.41 ? 16  ASP A CA  1 
ATOM   127  C  C   . ASP A 1 21  ? 6.080   3.651   16.808  1.00 24.37 ? 16  ASP A C   1 
ATOM   128  O  O   . ASP A 1 21  ? 6.568   2.528   16.851  1.00 22.80 ? 16  ASP A O   1 
ATOM   129  C  CB  . ASP A 1 21  ? 5.619   3.518   19.297  1.00 26.54 ? 16  ASP A CB  1 
ATOM   130  C  CG  . ASP A 1 21  ? 5.156   4.285   20.512  1.00 31.49 ? 16  ASP A CG  1 
ATOM   131  O  OD1 . ASP A 1 21  ? 5.131   5.515   20.440  1.00 33.66 ? 16  ASP A OD1 1 
ATOM   132  O  OD2 . ASP A 1 21  ? 4.798   3.635   21.512  1.00 31.44 ? 16  ASP A OD2 1 
ATOM   133  N  N   . TYR A 1 22  ? 6.175   4.413   15.718  1.00 24.64 ? 17  TYR A N   1 
ATOM   134  C  CA  . TYR A 1 22  ? 6.710   3.866   14.444  1.00 24.77 ? 17  TYR A CA  1 
ATOM   135  C  C   . TYR A 1 22  ? 8.218   3.650   14.492  1.00 21.92 ? 17  TYR A C   1 
ATOM   136  O  O   . TYR A 1 22  ? 8.705   2.722   13.893  1.00 23.69 ? 17  TYR A O   1 
ATOM   137  C  CB  . TYR A 1 22  ? 6.270   4.760   13.280  1.00 24.68 ? 17  TYR A CB  1 
ATOM   138  C  CG  . TYR A 1 22  ? 4.773   4.919   13.193  1.00 23.51 ? 17  TYR A CG  1 
ATOM   139  C  CD1 . TYR A 1 22  ? 3.932   3.807   13.046  1.00 23.87 ? 17  TYR A CD1 1 
ATOM   140  C  CD2 . TYR A 1 22  ? 4.171   6.160   13.336  1.00 24.38 ? 17  TYR A CD2 1 
ATOM   141  C  CE1 . TYR A 1 22  ? 2.554   3.951   13.049  1.00 23.80 ? 17  TYR A CE1 1 
ATOM   142  C  CE2 . TYR A 1 22  ? 2.801   6.311   13.343  1.00 25.62 ? 17  TYR A CE2 1 
ATOM   143  C  CZ  . TYR A 1 22  ? 1.985   5.209   13.176  1.00 24.19 ? 17  TYR A CZ  1 
ATOM   144  O  OH  . TYR A 1 22  ? 0.629   5.314   13.144  1.00 29.46 ? 17  TYR A OH  1 
ATOM   145  N  N   . ASP A 1 23  ? 8.945   4.489   15.245  1.00 25.63 ? 18  ASP A N   1 
ATOM   146  C  CA  . ASP A 1 23  ? 10.405  4.306   15.381  1.00 27.21 ? 18  ASP A CA  1 
ATOM   147  C  C   . ASP A 1 23  ? 10.690  2.920   15.979  1.00 25.48 ? 18  ASP A C   1 
ATOM   148  O  O   . ASP A 1 23  ? 11.543  2.191   15.506  1.00 25.49 ? 18  ASP A O   1 
ATOM   149  C  CB  . ASP A 1 23  ? 11.019  5.400   16.273  1.00 29.27 ? 18  ASP A CB  1 
ATOM   150  C  CG  . ASP A 1 23  ? 11.019  6.839   15.716  1.00 35.32 ? 18  ASP A CG  1 
ATOM   151  O  OD1 . ASP A 1 23  ? 11.054  6.994   14.489  1.00 36.43 ? 18  ASP A OD1 1 
ATOM   152  O  OD2 . ASP A 1 23  ? 10.997  7.798   16.543  1.00 43.67 ? 18  ASP A OD2 1 
ATOM   153  N  N   . GLU A 1 24  ? 9.986   2.592   17.067  1.00 24.94 ? 19  GLU A N   1 
ATOM   154  C  CA  . GLU A 1 24  ? 10.157  1.276   17.732  1.00 24.86 ? 19  GLU A CA  1 
ATOM   155  C  C   . GLU A 1 24  ? 9.674   0.158   16.800  1.00 22.57 ? 19  GLU A C   1 
ATOM   156  O  O   . GLU A 1 24  ? 10.325  -0.860  16.708  1.00 22.66 ? 19  GLU A O   1 
ATOM   157  C  CB  . GLU A 1 24  ? 9.347   1.254   19.022  1.00 24.29 ? 19  GLU A CB  1 
ATOM   158  C  CG  . GLU A 1 24  ? 9.923   2.130   20.128  1.00 28.05 ? 19  GLU A CG  1 
ATOM   159  C  CD  . GLU A 1 24  ? 9.618   3.613   20.049  1.00 34.36 ? 19  GLU A CD  1 
ATOM   160  O  OE1 . GLU A 1 24  ? 8.907   4.058   19.144  1.00 31.44 ? 19  GLU A OE1 1 
ATOM   161  O  OE2 . GLU A 1 24  ? 10.094  4.347   20.968  1.00 42.52 ? 19  GLU A OE2 1 
ATOM   162  N  N   . ALA A 1 25  ? 8.553   0.350   16.103  1.00 22.27 ? 20  ALA A N   1 
ATOM   163  C  CA  . ALA A 1 25  ? 8.070   -0.692  15.156  1.00 21.69 ? 20  ALA A CA  1 
ATOM   164  C  C   . ALA A 1 25  ? 9.164   -1.021  14.138  1.00 22.11 ? 20  ALA A C   1 
ATOM   165  O  O   . ALA A 1 25  ? 9.454   -2.186  13.953  1.00 21.87 ? 20  ALA A O   1 
ATOM   166  C  CB  . ALA A 1 25  ? 6.807   -0.224  14.514  1.00 22.59 ? 20  ALA A CB  1 
ATOM   167  N  N   . ILE A 1 26  ? 9.755   0.027   13.568  1.00 23.99 ? 21  ILE A N   1 
ATOM   168  C  CA  . ILE A 1 26  ? 10.861  -0.139  12.581  1.00 24.97 ? 21  ILE A CA  1 
ATOM   169  C  C   . ILE A 1 26  ? 12.011  -0.949  13.198  1.00 23.62 ? 21  ILE A C   1 
ATOM   170  O  O   . ILE A 1 26  ? 12.456  -1.890  12.566  1.00 24.77 ? 21  ILE A O   1 
ATOM   171  C  CB  . ILE A 1 26  ? 11.292  1.247   12.051  1.00 25.50 ? 21  ILE A CB  1 
ATOM   172  C  CG1 . ILE A 1 26  ? 10.204  1.846   11.155  1.00 25.07 ? 21  ILE A CG1 1 
ATOM   173  C  CG2 . ILE A 1 26  ? 12.649  1.147   11.354  1.00 26.42 ? 21  ILE A CG2 1 
ATOM   174  C  CD1 . ILE A 1 26  ? 10.356  3.302   10.870  1.00 26.38 ? 21  ILE A CD1 1 
ATOM   175  N  N   . GLU A 1 27  ? 12.421  -0.611  14.425  1.00 24.98 ? 22  GLU A N   1 
ATOM   176  C  CA  . GLU A 1 27  ? 13.555  -1.323  15.054  1.00 28.28 ? 22  GLU A CA  1 
ATOM   177  C  C   . GLU A 1 27  ? 13.224  -2.814  15.106  1.00 25.03 ? 22  GLU A C   1 
ATOM   178  O  O   . GLU A 1 27  ? 14.032  -3.651  14.792  1.00 26.15 ? 22  GLU A O   1 
ATOM   179  C  CB  . GLU A 1 27  ? 13.866  -0.741  16.430  1.00 31.81 ? 22  GLU A CB  1 
ATOM   180  C  CG  . GLU A 1 27  ? 14.905  -1.564  17.158  1.00 42.37 ? 22  GLU A CG  1 
ATOM   181  C  CD  . GLU A 1 27  ? 15.377  -1.012  18.495  1.00 52.71 ? 22  GLU A CD  1 
ATOM   182  O  OE1 . GLU A 1 27  ? 14.622  -0.220  19.115  1.00 57.58 ? 22  GLU A OE1 1 
ATOM   183  O  OE2 . GLU A 1 27  ? 16.499  -1.391  18.919  1.00 60.31 ? 22  GLU A OE2 1 
ATOM   184  N  N   . TYR A 1 28  ? 11.987  -3.172  15.532  1.00 23.39 ? 23  TYR A N   1 
ATOM   185  C  CA  . TYR A 1 28  ? 11.686  -4.590  15.758  1.00 23.92 ? 23  TYR A CA  1 
ATOM   186  C  C   . TYR A 1 28  ? 11.346  -5.339  14.479  1.00 24.23 ? 23  TYR A C   1 
ATOM   187  O  O   . TYR A 1 28  ? 11.665  -6.504  14.361  1.00 23.69 ? 23  TYR A O   1 
ATOM   188  C  CB  . TYR A 1 28  ? 10.618  -4.735  16.856  1.00 24.55 ? 23  TYR A CB  1 
ATOM   189  C  CG  . TYR A 1 28  ? 11.109  -4.165  18.158  1.00 24.13 ? 23  TYR A CG  1 
ATOM   190  C  CD1 . TYR A 1 28  ? 12.309  -4.612  18.701  1.00 31.64 ? 23  TYR A CD1 1 
ATOM   191  C  CD2 . TYR A 1 28  ? 10.449  -3.143  18.798  1.00 23.94 ? 23  TYR A CD2 1 
ATOM   192  C  CE1 . TYR A 1 28  ? 12.806  -4.059  19.879  1.00 31.79 ? 23  TYR A CE1 1 
ATOM   193  C  CE2 . TYR A 1 28  ? 10.927  -2.579  19.971  1.00 26.80 ? 23  TYR A CE2 1 
ATOM   194  C  CZ  . TYR A 1 28  ? 12.116  -3.028  20.496  1.00 32.31 ? 23  TYR A CZ  1 
ATOM   195  O  OH  . TYR A 1 28  ? 12.548  -2.442  21.656  1.00 36.45 ? 23  TYR A OH  1 
ATOM   196  N  N   . TYR A 1 29  ? 10.796  -4.651  13.466  1.00 23.75 ? 24  TYR A N   1 
ATOM   197  C  CA  . TYR A 1 29  ? 10.672  -5.293  12.133  1.00 22.88 ? 24  TYR A CA  1 
ATOM   198  C  C   . TYR A 1 29  ? 12.059  -5.583  11.525  1.00 23.33 ? 24  TYR A C   1 
ATOM   199  O  O   . TYR A 1 29  ? 12.180  -6.611  10.941  1.00 24.26 ? 24  TYR A O   1 
ATOM   200  C  CB  . TYR A 1 29  ? 9.841   -4.428  11.179  1.00 23.17 ? 24  TYR A CB  1 
ATOM   201  C  CG  . TYR A 1 29  ? 8.404   -4.225  11.563  1.00 20.54 ? 24  TYR A CG  1 
ATOM   202  C  CD1 . TYR A 1 29  ? 7.620   -5.247  12.103  1.00 21.85 ? 24  TYR A CD1 1 
ATOM   203  C  CD2 . TYR A 1 29  ? 7.803   -3.006  11.343  1.00 20.08 ? 24  TYR A CD2 1 
ATOM   204  C  CE1 . TYR A 1 29  ? 6.279   -5.023  12.416  1.00 20.88 ? 24  TYR A CE1 1 
ATOM   205  C  CE2 . TYR A 1 29  ? 6.460   -2.786  11.616  1.00 19.30 ? 24  TYR A CE2 1 
ATOM   206  C  CZ  . TYR A 1 29  ? 5.695   -3.780  12.201  1.00 18.21 ? 24  TYR A CZ  1 
ATOM   207  O  OH  . TYR A 1 29  ? 4.377   -3.566  12.411  1.00 19.51 ? 24  TYR A OH  1 
ATOM   208  N  N   . GLN A 1 30  ? 12.997  -4.679  11.699  1.00 26.27 ? 25  GLN A N   1 
ATOM   209  C  CA  . GLN A 1 30  ? 14.394  -4.909  11.215  1.00 27.17 ? 25  GLN A CA  1 
ATOM   210  C  C   . GLN A 1 30  ? 14.982  -6.147  11.889  1.00 30.29 ? 25  GLN A C   1 
ATOM   211  O  O   . GLN A 1 30  ? 15.564  -6.987  11.194  1.00 30.62 ? 25  GLN A O   1 
ATOM   212  C  CB  . GLN A 1 30  ? 15.262  -3.696  11.481  1.00 27.77 ? 25  GLN A CB  1 
ATOM   213  C  CG  . GLN A 1 30  ? 14.948  -2.512  10.582  1.00 31.49 ? 25  GLN A CG  1 
ATOM   214  C  CD  . GLN A 1 30  ? 15.740  -1.280  10.952  1.00 36.87 ? 25  GLN A CD  1 
ATOM   215  O  OE1 . GLN A 1 30  ? 16.317  -1.181  12.040  1.00 44.99 ? 25  GLN A OE1 1 
ATOM   216  N  NE2 . GLN A 1 30  ? 15.736  -0.295  10.066  1.00 37.33 ? 25  GLN A NE2 1 
ATOM   217  N  N   . LYS A 1 31  ? 14.759  -6.309  13.200  1.00 28.61 ? 26  LYS A N   1 
ATOM   218  C  CA  . LYS A 1 31  ? 15.233  -7.517  13.915  1.00 28.63 ? 26  LYS A CA  1 
ATOM   219  C  C   . LYS A 1 31  ? 14.558  -8.762  13.355  1.00 28.82 ? 26  LYS A C   1 
ATOM   220  O  O   . LYS A 1 31  ? 15.223  -9.745  13.074  1.00 30.70 ? 26  LYS A O   1 
ATOM   221  C  CB  . LYS A 1 31  ? 15.026  -7.362  15.424  1.00 32.47 ? 26  LYS A CB  1 
ATOM   222  C  CG  . LYS A 1 31  ? 15.483  -8.569  16.220  1.00 40.43 ? 26  LYS A CG  1 
ATOM   223  C  CD  . LYS A 1 31  ? 16.920  -9.024  15.913  1.00 45.39 ? 26  LYS A CD  1 
ATOM   224  C  CE  . LYS A 1 31  ? 17.343  -10.211 16.753  1.00 48.55 ? 26  LYS A CE  1 
ATOM   225  N  NZ  . LYS A 1 31  ? 18.820  -10.305 16.850  1.00 52.15 ? 26  LYS A NZ  1 
ATOM   226  N  N   . ALA A 1 32  ? 13.243  -8.747  13.120  1.00 26.37 ? 27  ALA A N   1 
ATOM   227  C  CA  . ALA A 1 32  ? 12.540  -9.866  12.496  1.00 26.88 ? 27  ALA A CA  1 
ATOM   228  C  C   . ALA A 1 32  ? 13.217  -10.239 11.171  1.00 26.99 ? 27  ALA A C   1 
ATOM   229  O  O   . ALA A 1 32  ? 13.285  -11.425 10.889  1.00 30.00 ? 27  ALA A O   1 
ATOM   230  C  CB  . ALA A 1 32  ? 11.069  -9.511  12.281  1.00 27.41 ? 27  ALA A CB  1 
ATOM   231  N  N   . LEU A 1 33  ? 13.517  -9.236  10.344  1.00 26.96 ? 28  LEU A N   1 
ATOM   232  C  CA  . LEU A 1 33  ? 14.024  -9.435  8.961   1.00 29.95 ? 28  LEU A CA  1 
ATOM   233  C  C   . LEU A 1 33  ? 15.460  -9.969  9.007   1.00 34.90 ? 28  LEU A C   1 
ATOM   234  O  O   . LEU A 1 33  ? 15.816  -10.750 8.110   1.00 34.51 ? 28  LEU A O   1 
ATOM   235  C  CB  . LEU A 1 33  ? 13.906  -8.119  8.186   1.00 29.08 ? 28  LEU A CB  1 
ATOM   236  C  CG  . LEU A 1 33  ? 12.477  -7.811  7.728   1.00 29.44 ? 28  LEU A CG  1 
ATOM   237  C  CD1 . LEU A 1 33  ? 12.340  -6.401  7.178   1.00 32.53 ? 28  LEU A CD1 1 
ATOM   238  C  CD2 . LEU A 1 33  ? 12.004  -8.839  6.716   1.00 30.46 ? 28  LEU A CD2 1 
ATOM   239  N  N   . GLU A 1 34  ? 16.217  -9.609  10.038  1.00 36.57 ? 29  GLU A N   1 
ATOM   240  C  CA  . GLU A 1 34  ? 17.571  -10.209 10.272  1.00 40.42 ? 29  GLU A CA  1 
ATOM   241  C  C   . GLU A 1 34  ? 17.438  -11.714 10.429  1.00 42.59 ? 29  GLU A C   1 
ATOM   242  O  O   . GLU A 1 34  ? 18.224  -12.440 9.819   1.00 45.47 ? 29  GLU A O   1 
ATOM   243  C  CB  . GLU A 1 34  ? 18.219  -9.715  11.555  1.00 46.82 ? 29  GLU A CB  1 
ATOM   244  C  CG  . GLU A 1 34  ? 18.804  -8.334  11.462  1.00 54.38 ? 29  GLU A CG  1 
ATOM   245  C  CD  . GLU A 1 34  ? 19.451  -7.892  12.764  1.00 66.08 ? 29  GLU A CD  1 
ATOM   246  O  OE1 . GLU A 1 34  ? 19.644  -8.751  13.674  1.00 69.81 ? 29  GLU A OE1 1 
ATOM   247  O  OE2 . GLU A 1 34  ? 19.751  -6.693  12.872  1.00 73.67 ? 29  GLU A OE2 1 
ATOM   248  N  N   . LEU A 1 35  ? 16.483  -12.156 11.249  1.00 38.21 ? 30  LEU A N   1 
ATOM   249  C  CA  . LEU A 1 35  ? 16.234  -13.587 11.527  1.00 37.48 ? 30  LEU A CA  1 
ATOM   250  C  C   . LEU A 1 35  ? 15.532  -14.279 10.358  1.00 41.49 ? 30  LEU A C   1 
ATOM   251  O  O   . LEU A 1 35  ? 15.817  -15.464 10.163  1.00 42.64 ? 30  LEU A O   1 
ATOM   252  C  CB  . LEU A 1 35  ? 15.411  -13.707 12.810  1.00 39.61 ? 30  LEU A CB  1 
ATOM   253  C  CG  . LEU A 1 35  ? 16.096  -13.216 14.085  1.00 39.89 ? 30  LEU A CG  1 
ATOM   254  C  CD1 . LEU A 1 35  ? 15.145  -13.317 15.271  1.00 44.40 ? 30  LEU A CD1 1 
ATOM   255  C  CD2 . LEU A 1 35  ? 17.369  -13.994 14.373  1.00 46.13 ? 30  LEU A CD2 1 
ATOM   256  N  N   . ASP A 1 36  ? 14.630  -13.605 9.623   1.00 36.33 ? 31  ASP A N   1 
ATOM   257  C  CA  . ASP A 1 36  ? 13.911  -14.232 8.482   1.00 38.41 ? 31  ASP A CA  1 
ATOM   258  C  C   . ASP A 1 36  ? 13.723  -13.218 7.359   1.00 38.81 ? 31  ASP A C   1 
ATOM   259  O  O   . ASP A 1 36  ? 12.681  -12.550 7.258   1.00 33.91 ? 31  ASP A O   1 
ATOM   260  C  CB  . ASP A 1 36  ? 12.578  -14.842 8.903   1.00 38.68 ? 31  ASP A CB  1 
ATOM   261  C  CG  . ASP A 1 36  ? 11.814  -15.477 7.751   1.00 44.18 ? 31  ASP A CG  1 
ATOM   262  O  OD1 . ASP A 1 36  ? 12.381  -15.582 6.644   1.00 44.63 ? 31  ASP A OD1 1 
ATOM   263  O  OD2 . ASP A 1 36  ? 10.653  -15.857 7.961   1.00 48.46 ? 31  ASP A OD2 1 
ATOM   264  N  N   . PRO A 1 37  ? 14.698  -13.104 6.441   1.00 40.55 ? 32  PRO A N   1 
ATOM   265  C  CA  . PRO A 1 37  ? 14.596  -12.179 5.312   1.00 39.39 ? 32  PRO A CA  1 
ATOM   266  C  C   . PRO A 1 37  ? 13.481  -12.504 4.309   1.00 35.54 ? 32  PRO A C   1 
ATOM   267  O  O   . PRO A 1 37  ? 13.298  -11.669 3.432   1.00 37.84 ? 32  PRO A O   1 
ATOM   268  C  CB  . PRO A 1 37  ? 15.949  -12.334 4.590   1.00 41.55 ? 32  PRO A CB  1 
ATOM   269  C  CG  . PRO A 1 37  ? 16.866  -12.911 5.632   1.00 41.69 ? 32  PRO A CG  1 
ATOM   270  C  CD  . PRO A 1 37  ? 15.985  -13.819 6.465   1.00 41.22 ? 32  PRO A CD  1 
ATOM   271  N  N   . ARG A 1 38  ? 12.804  -13.652 4.425   1.00 33.53 ? 33  ARG A N   1 
ATOM   272  C  CA  . ARG A 1 38  ? 11.701  -14.091 3.523   1.00 37.17 ? 33  ARG A CA  1 
ATOM   273  C  C   . ARG A 1 38  ? 10.325  -13.686 4.058   1.00 29.02 ? 33  ARG A C   1 
ATOM   274  O  O   . ARG A 1 38  ? 9.309   -14.062 3.452   1.00 31.11 ? 33  ARG A O   1 
ATOM   275  C  CB  . ARG A 1 38  ? 11.688  -15.613 3.367   1.00 41.58 ? 33  ARG A CB  1 
ATOM   276  C  CG  . ARG A 1 38  ? 13.078  -16.222 3.256   1.00 53.75 ? 33  ARG A CG  1 
ATOM   277  C  CD  . ARG A 1 38  ? 13.130  -17.404 2.313   1.00 58.41 ? 33  ARG A CD  1 
ATOM   278  N  NE  . ARG A 1 38  ? 13.144  -16.922 0.937   1.00 65.71 ? 33  ARG A NE  1 
ATOM   279  C  CZ  . ARG A 1 38  ? 12.131  -17.003 0.070   1.00 69.32 ? 33  ARG A CZ  1 
ATOM   280  N  NH1 . ARG A 1 38  ? 10.984  -17.574 0.408   1.00 70.92 ? 33  ARG A NH1 1 
ATOM   281  N  NH2 . ARG A 1 38  ? 12.279  -16.516 -1.151  1.00 65.26 ? 33  ARG A NH2 1 
ATOM   282  N  N   . SER A 1 39  ? 10.259  -12.976 5.185   1.00 28.55 ? 34  SER A N   1 
ATOM   283  C  CA  . SER A 1 39  ? 8.989   -12.509 5.781   1.00 27.15 ? 34  SER A CA  1 
ATOM   284  C  C   . SER A 1 39  ? 8.437   -11.346 4.944   1.00 24.38 ? 34  SER A C   1 
ATOM   285  O  O   . SER A 1 39  ? 8.766   -10.192 5.225   1.00 25.11 ? 34  SER A O   1 
ATOM   286  C  CB  . SER A 1 39  ? 9.161   -12.104 7.195   1.00 29.67 ? 34  SER A CB  1 
ATOM   287  O  OG  . SER A 1 39  ? 7.903   -11.676 7.706   1.00 26.60 ? 34  SER A OG  1 
ATOM   288  N  N   . ALA A 1 40  ? 7.572   -11.671 4.009   1.00 24.22 ? 35  ALA A N   1 
ATOM   289  C  CA  . ALA A 1 40  ? 6.824   -10.661 3.225   1.00 24.10 ? 35  ALA A CA  1 
ATOM   290  C  C   . ALA A 1 40  ? 6.077   -9.762  4.206   1.00 22.56 ? 35  ALA A C   1 
ATOM   291  O  O   . ALA A 1 40  ? 5.985   -8.536  3.963   1.00 21.92 ? 35  ALA A O   1 
ATOM   292  C  CB  . ALA A 1 40  ? 5.863   -11.289 2.257   1.00 24.45 ? 35  ALA A CB  1 
ATOM   293  N  N   . GLU A 1 41  ? 5.564   -10.330 5.288   1.00 21.62 ? 36  GLU A N   1 
ATOM   294  C  CA  . GLU A 1 41  ? 4.783   -9.545  6.272   1.00 20.59 ? 36  GLU A CA  1 
ATOM   295  C  C   . GLU A 1 41  ? 5.647   -8.478  6.927   1.00 20.60 ? 36  GLU A C   1 
ATOM   296  O  O   . GLU A 1 41  ? 5.185   -7.314  7.083   1.00 20.76 ? 36  GLU A O   1 
ATOM   297  C  CB  . GLU A 1 41  ? 4.266   -10.483 7.374   1.00 22.16 ? 36  GLU A CB  1 
ATOM   298  C  CG  . GLU A 1 41  ? 3.154   -11.382 6.927   1.00 24.23 ? 36  GLU A CG  1 
ATOM   299  C  CD  . GLU A 1 41  ? 3.538   -12.639 6.168   1.00 26.61 ? 36  GLU A CD  1 
ATOM   300  O  OE1 . GLU A 1 41  ? 4.742   -12.906 5.952   1.00 25.13 ? 36  GLU A OE1 1 
ATOM   301  O  OE2 . GLU A 1 41  ? 2.578   -13.365 5.759   1.00 30.46 ? 36  GLU A OE2 1 
ATOM   302  N  N   . ALA A 1 42  ? 6.872   -8.799  7.324   1.00 20.35 ? 37  ALA A N   1 
ATOM   303  C  CA  . ALA A 1 42  ? 7.739   -7.823  8.001   1.00 20.75 ? 37  ALA A CA  1 
ATOM   304  C  C   . ALA A 1 42  ? 8.180   -6.724  7.019   1.00 19.73 ? 37  ALA A C   1 
ATOM   305  O  O   . ALA A 1 42  ? 8.197   -5.558  7.404   1.00 20.06 ? 37  ALA A O   1 
ATOM   306  C  CB  . ALA A 1 42  ? 8.908   -8.528  8.651   1.00 24.13 ? 37  ALA A CB  1 
ATOM   307  N  N   . TRP A 1 43  ? 8.504   -7.089  5.783   1.00 20.72 ? 38  TRP A N   1 
ATOM   308  C  CA  . TRP A 1 43  ? 8.846   -6.062  4.776   1.00 19.32 ? 38  TRP A CA  1 
ATOM   309  C  C   . TRP A 1 43  ? 7.651   -5.133  4.577   1.00 18.85 ? 38  TRP A C   1 
ATOM   310  O  O   . TRP A 1 43  ? 7.821   -3.890  4.504   1.00 19.02 ? 38  TRP A O   1 
ATOM   311  C  CB  . TRP A 1 43  ? 9.217   -6.723  3.438   1.00 21.19 ? 38  TRP A CB  1 
ATOM   312  C  CG  . TRP A 1 43  ? 10.561  -7.367  3.402   1.00 22.74 ? 38  TRP A CG  1 
ATOM   313  C  CD1 . TRP A 1 43  ? 10.786  -8.703  3.300   1.00 24.88 ? 38  TRP A CD1 1 
ATOM   314  C  CD2 . TRP A 1 43  ? 11.853  -6.731  3.482   1.00 25.47 ? 38  TRP A CD2 1 
ATOM   315  N  NE1 . TRP A 1 43  ? 12.139  -8.937  3.275   1.00 26.81 ? 38  TRP A NE1 1 
ATOM   316  C  CE2 . TRP A 1 43  ? 12.805  -7.767  3.408   1.00 26.29 ? 38  TRP A CE2 1 
ATOM   317  C  CE3 . TRP A 1 43  ? 12.282  -5.413  3.606   1.00 27.22 ? 38  TRP A CE3 1 
ATOM   318  C  CZ2 . TRP A 1 43  ? 14.181  -7.505  3.460   1.00 29.90 ? 38  TRP A CZ2 1 
ATOM   319  C  CZ3 . TRP A 1 43  ? 13.641  -5.158  3.680   1.00 32.03 ? 38  TRP A CZ3 1 
ATOM   320  C  CH2 . TRP A 1 43  ? 14.565  -6.198  3.613   1.00 31.10 ? 38  TRP A CH2 1 
ATOM   321  N  N   . TYR A 1 44  ? 6.451   -5.692  4.444   1.00 17.77 ? 39  TYR A N   1 
ATOM   322  C  CA  . TYR A 1 44  ? 5.241   -4.877  4.223   1.00 18.20 ? 39  TYR A CA  1 
ATOM   323  C  C   . TYR A 1 44  ? 4.984   -3.914  5.381   1.00 17.58 ? 39  TYR A C   1 
ATOM   324  O  O   . TYR A 1 44  ? 4.704   -2.743  5.165   1.00 17.60 ? 39  TYR A O   1 
ATOM   325  C  CB  . TYR A 1 44  ? 4.055   -5.799  3.990   1.00 18.49 ? 39  TYR A CB  1 
ATOM   326  C  CG  . TYR A 1 44  ? 2.737   -5.126  3.861   1.00 18.37 ? 39  TYR A CG  1 
ATOM   327  C  CD1 . TYR A 1 44  ? 2.386   -4.380  2.749   1.00 19.60 ? 39  TYR A CD1 1 
ATOM   328  C  CD2 . TYR A 1 44  ? 1.808   -5.284  4.869   1.00 20.56 ? 39  TYR A CD2 1 
ATOM   329  C  CE1 . TYR A 1 44  ? 1.124   -3.823  2.658   1.00 21.84 ? 39  TYR A CE1 1 
ATOM   330  C  CE2 . TYR A 1 44  ? 0.548   -4.722  4.782   1.00 23.16 ? 39  TYR A CE2 1 
ATOM   331  C  CZ  . TYR A 1 44  ? 0.203   -4.019  3.654   1.00 22.77 ? 39  TYR A CZ  1 
ATOM   332  O  OH  . TYR A 1 44  ? -1.059  -3.462  3.565   1.00 28.55 ? 39  TYR A OH  1 
ATOM   333  N  N   . ASN A 1 45  ? 5.064   -4.414  6.602   1.00 18.66 ? 40  ASN A N   1 
ATOM   334  C  CA  . ASN A 1 45  ? 4.757   -3.572  7.775   1.00 18.35 ? 40  ASN A CA  1 
ATOM   335  C  C   . ASN A 1 45  ? 5.885   -2.567  7.995   1.00 18.03 ? 40  ASN A C   1 
ATOM   336  O  O   . ASN A 1 45  ? 5.595   -1.472  8.446   1.00 18.31 ? 40  ASN A O   1 
ATOM   337  C  CB  . ASN A 1 45  ? 4.418   -4.434  9.001   1.00 20.25 ? 40  ASN A CB  1 
ATOM   338  C  CG  . ASN A 1 45  ? 2.981   -4.920  9.002   1.00 26.87 ? 40  ASN A CG  1 
ATOM   339  O  OD1 . ASN A 1 45  ? 2.117   -4.318  8.341   1.00 30.41 ? 40  ASN A OD1 1 
ATOM   340  N  ND2 . ASN A 1 45  ? 2.684   -5.816  9.934   1.00 30.68 ? 40  ASN A ND2 1 
ATOM   341  N  N   . LEU A 1 46  ? 7.115   -2.894  7.627   1.00 19.03 ? 41  LEU A N   1 
ATOM   342  C  CA  . LEU A 1 46  ? 8.196   -1.871  7.640   1.00 18.96 ? 41  LEU A CA  1 
ATOM   343  C  C   . LEU A 1 46  ? 7.856   -0.743  6.652   1.00 18.97 ? 41  LEU A C   1 
ATOM   344  O  O   . LEU A 1 46  ? 7.905   0.445   7.006   1.00 20.16 ? 41  LEU A O   1 
ATOM   345  C  CB  . LEU A 1 46  ? 9.505   -2.563  7.283   1.00 22.13 ? 41  LEU A CB  1 
ATOM   346  C  CG  . LEU A 1 46  ? 10.761  -1.725  7.464   1.00 28.13 ? 41  LEU A CG  1 
ATOM   347  C  CD1 . LEU A 1 46  ? 10.967  -1.324  8.902   1.00 25.05 ? 41  LEU A CD1 1 
ATOM   348  C  CD2 . LEU A 1 46  ? 11.952  -2.545  7.025   1.00 30.03 ? 41  LEU A CD2 1 
ATOM   349  N  N   . GLY A 1 47  ? 7.385   -1.109  5.463   1.00 18.69 ? 42  GLY A N   1 
ATOM   350  C  CA  . GLY A 1 47  ? 6.891   -0.106  4.507   1.00 18.68 ? 42  GLY A CA  1 
ATOM   351  C  C   . GLY A 1 47  ? 5.832   0.748   5.139   1.00 18.07 ? 42  GLY A C   1 
ATOM   352  O  O   . GLY A 1 47  ? 5.839   1.961   4.968   1.00 18.36 ? 42  GLY A O   1 
ATOM   353  N  N   . ASN A 1 48  ? 4.833   0.129   5.776   1.00 18.11 ? 43  ASN A N   1 
ATOM   354  C  CA  . ASN A 1 48  ? 3.737   0.894   6.395   1.00 17.44 ? 43  ASN A CA  1 
ATOM   355  C  C   . ASN A 1 48  ? 4.265   1.879   7.469   1.00 16.74 ? 43  ASN A C   1 
ATOM   356  O  O   . ASN A 1 48  ? 3.756   2.995   7.542   1.00 18.05 ? 43  ASN A O   1 
ATOM   357  C  CB  . ASN A 1 48  ? 2.704   -0.063  6.991   1.00 17.23 ? 43  ASN A CB  1 
ATOM   358  C  CG  . ASN A 1 48  ? 1.940   -0.849  5.954   1.00 19.89 ? 43  ASN A CG  1 
ATOM   359  O  OD1 . ASN A 1 48  ? 1.756   -0.417  4.839   1.00 20.83 ? 43  ASN A OD1 1 
ATOM   360  N  ND2 . ASN A 1 48  ? 1.479   -2.018  6.358   1.00 24.79 ? 43  ASN A ND2 1 
ATOM   361  N  N   . ALA A 1 49  ? 5.218   1.448   8.251   1.00 17.49 ? 44  ALA A N   1 
ATOM   362  C  CA  . ALA A 1 49  ? 5.786   2.318   9.300   1.00 18.67 ? 44  ALA A CA  1 
ATOM   363  C  C   . ALA A 1 49  ? 6.446   3.539   8.656   1.00 19.84 ? 44  ALA A C   1 
ATOM   364  O  O   . ALA A 1 49  ? 6.255   4.674   9.104   1.00 20.27 ? 44  ALA A O   1 
ATOM   365  C  CB  . ALA A 1 49  ? 6.746   1.565   10.178  1.00 19.49 ? 44  ALA A CB  1 
ATOM   366  N  N   . TYR A 1 50  ? 7.181   3.335   7.571   1.00 19.13 ? 45  TYR A N   1 
ATOM   367  C  CA  . TYR A 1 50  ? 7.787   4.479   6.857   1.00 18.65 ? 45  TYR A CA  1 
ATOM   368  C  C   . TYR A 1 50  ? 6.716   5.363   6.240   1.00 18.00 ? 45  TYR A C   1 
ATOM   369  O  O   . TYR A 1 50  ? 6.801   6.598   6.270   1.00 18.48 ? 45  TYR A O   1 
ATOM   370  C  CB  . TYR A 1 50  ? 8.819   3.952   5.868   1.00 18.51 ? 45  TYR A CB  1 
ATOM   371  C  CG  . TYR A 1 50  ? 10.139  3.635   6.500   1.00 21.50 ? 45  TYR A CG  1 
ATOM   372  C  CD1 . TYR A 1 50  ? 10.982  4.639   6.880   1.00 24.06 ? 45  TYR A CD1 1 
ATOM   373  C  CD2 . TYR A 1 50  ? 10.526  2.339   6.722   1.00 27.12 ? 45  TYR A CD2 1 
ATOM   374  C  CE1 . TYR A 1 50  ? 12.213  4.386   7.472   1.00 25.92 ? 45  TYR A CE1 1 
ATOM   375  C  CE2 . TYR A 1 50  ? 11.763  2.065   7.281   1.00 29.12 ? 45  TYR A CE2 1 
ATOM   376  C  CZ  . TYR A 1 50  ? 12.595  3.094   7.647   1.00 26.32 ? 45  TYR A CZ  1 
ATOM   377  O  OH  . TYR A 1 50  ? 13.826  2.800   8.206   1.00 30.37 ? 45  TYR A OH  1 
ATOM   378  N  N   . TYR A 1 51  ? 5.692   4.747   5.651   1.00 17.48 ? 46  TYR A N   1 
ATOM   379  C  CA  . TYR A 1 51  ? 4.554   5.503   5.096   1.00 17.87 ? 46  TYR A CA  1 
ATOM   380  C  C   . TYR A 1 51  ? 3.954   6.437   6.156   1.00 19.21 ? 46  TYR A C   1 
ATOM   381  O  O   . TYR A 1 51  ? 3.748   7.635   5.900   1.00 18.83 ? 46  TYR A O   1 
ATOM   382  C  CB  . TYR A 1 51  ? 3.522   4.521   4.533   1.00 17.72 ? 46  TYR A CB  1 
ATOM   383  C  CG  . TYR A 1 51  ? 2.362   5.206   3.853   1.00 18.68 ? 46  TYR A CG  1 
ATOM   384  C  CD1 . TYR A 1 51  ? 1.328   5.823   4.522   1.00 20.47 ? 46  TYR A CD1 1 
ATOM   385  C  CD2 . TYR A 1 51  ? 2.261   5.128   2.479   1.00 19.79 ? 46  TYR A CD2 1 
ATOM   386  C  CE1 . TYR A 1 51  ? 0.251   6.380   3.861   1.00 21.73 ? 46  TYR A CE1 1 
ATOM   387  C  CE2 . TYR A 1 51  ? 1.197   5.670   1.802   1.00 22.14 ? 46  TYR A CE2 1 
ATOM   388  C  CZ  . TYR A 1 51  ? 0.180   6.275   2.486   1.00 22.17 ? 46  TYR A CZ  1 
ATOM   389  O  OH  . TYR A 1 51  ? -0.907  6.765   1.801   1.00 26.66 ? 46  TYR A OH  1 
ATOM   390  N  N   . LYS A 1 52  ? 3.772   5.910   7.373   1.00 18.83 ? 47  LYS A N   1 
ATOM   391  C  CA  . LYS A 1 52  ? 3.171   6.715   8.479   1.00 21.59 ? 47  LYS A CA  1 
ATOM   392  C  C   . LYS A 1 52  ? 4.083   7.870   8.860   1.00 21.02 ? 47  LYS A C   1 
ATOM   393  O  O   . LYS A 1 52  ? 3.529   8.887   9.345   1.00 24.31 ? 47  LYS A O   1 
ATOM   394  C  CB  . LYS A 1 52  ? 2.916   5.793   9.667   1.00 21.59 ? 47  LYS A CB  1 
ATOM   395  C  CG  . LYS A 1 52  ? 1.758   4.845   9.519   1.00 24.33 ? 47  LYS A CG  1 
ATOM   396  C  CD  . LYS A 1 52  ? 0.438   5.581   9.397   1.00 31.61 ? 47  LYS A CD  1 
ATOM   397  C  CE  . LYS A 1 52  ? -0.685  4.847   10.093  1.00 38.64 ? 47  LYS A CE  1 
ATOM   398  N  NZ  . LYS A 1 52  ? -0.852  3.486   9.557   1.00 48.78 ? 47  LYS A NZ  1 
ATOM   399  N  N   . GLN A 1 53  ? 5.384   7.779   8.648   1.00 19.76 ? 48  GLN A N   1 
ATOM   400  C  CA  . GLN A 1 53  ? 6.319   8.884   8.941   1.00 21.02 ? 48  GLN A CA  1 
ATOM   401  C  C   . GLN A 1 53  ? 6.445   9.852   7.752   1.00 19.67 ? 48  GLN A C   1 
ATOM   402  O  O   . GLN A 1 53  ? 7.299   10.755  7.799   1.00 21.21 ? 48  GLN A O   1 
ATOM   403  C  CB  . GLN A 1 53  ? 7.651   8.269   9.308   1.00 20.95 ? 48  GLN A CB  1 
ATOM   404  C  CG  . GLN A 1 53  ? 7.529   7.508   10.617  1.00 23.66 ? 48  GLN A CG  1 
ATOM   405  C  CD  . GLN A 1 53  ? 8.892   7.111   11.109  1.00 29.68 ? 48  GLN A CD  1 
ATOM   406  O  OE1 . GLN A 1 53  ? 9.762   6.776   10.315  1.00 35.43 ? 48  GLN A OE1 1 
ATOM   407  N  NE2 . GLN A 1 53  ? 9.108   7.279   12.399  1.00 33.21 ? 48  GLN A NE2 1 
ATOM   408  N  N   . GLY A 1 54  ? 5.716   9.644   6.658   1.00 18.60 ? 49  GLY A N   1 
ATOM   409  C  CA  . GLY A 1 54  ? 5.830   10.493  5.474   1.00 19.34 ? 49  GLY A CA  1 
ATOM   410  C  C   . GLY A 1 54  ? 7.010   10.120  4.618   1.00 18.48 ? 49  GLY A C   1 
ATOM   411  O  O   . GLY A 1 54  ? 7.351   10.861  3.681   1.00 18.91 ? 49  GLY A O   1 
ATOM   412  N  N   . ASP A 1 55  ? 7.643   9.000   4.896   1.00 18.37 ? 50  ASP A N   1 
ATOM   413  C  CA  . ASP A 1 55  ? 8.868   8.614   4.162   1.00 18.36 ? 50  ASP A CA  1 
ATOM   414  C  C   . ASP A 1 55  ? 8.485   7.682   2.997   1.00 17.37 ? 50  ASP A C   1 
ATOM   415  O  O   . ASP A 1 55  ? 8.707   6.446   3.071   1.00 18.66 ? 50  ASP A O   1 
ATOM   416  C  CB  . ASP A 1 55  ? 9.904   8.024   5.116   1.00 20.10 ? 50  ASP A CB  1 
ATOM   417  C  CG  . ASP A 1 55  ? 11.285  7.880   4.502   1.00 22.75 ? 50  ASP A CG  1 
ATOM   418  O  OD1 . ASP A 1 55  ? 11.481  8.034   3.251   1.00 26.49 ? 50  ASP A OD1 1 
ATOM   419  O  OD2 . ASP A 1 55  ? 12.188  7.504   5.308   1.00 30.97 ? 50  ASP A OD2 1 
ATOM   420  N  N   . TYR A 1 56  ? 7.861   8.271   1.989   1.00 18.15 ? 51  TYR A N   1 
ATOM   421  C  CA  . TYR A 1 56  ? 7.259   7.453   0.898   1.00 17.72 ? 51  TYR A CA  1 
ATOM   422  C  C   . TYR A 1 56  ? 8.365   6.791   0.090   1.00 19.60 ? 51  TYR A C   1 
ATOM   423  O  O   . TYR A 1 56  ? 8.174   5.662   -0.370  1.00 18.38 ? 51  TYR A O   1 
ATOM   424  C  CB  . TYR A 1 56  ? 6.328   8.330   0.087   1.00 17.61 ? 51  TYR A CB  1 
ATOM   425  C  CG  . TYR A 1 56  ? 5.278   8.959   0.927   1.00 17.63 ? 51  TYR A CG  1 
ATOM   426  C  CD1 . TYR A 1 56  ? 4.376   8.207   1.661   1.00 18.08 ? 51  TYR A CD1 1 
ATOM   427  C  CD2 . TYR A 1 56  ? 5.208   10.336  1.038   1.00 17.66 ? 51  TYR A CD2 1 
ATOM   428  C  CE1 . TYR A 1 56  ? 3.435   8.795   2.495   1.00 18.62 ? 51  TYR A CE1 1 
ATOM   429  C  CE2 . TYR A 1 56  ? 4.247   10.935  1.822   1.00 17.54 ? 51  TYR A CE2 1 
ATOM   430  C  CZ  . TYR A 1 56  ? 3.371   10.182  2.571   1.00 18.50 ? 51  TYR A CZ  1 
ATOM   431  O  OH  . TYR A 1 56  ? 2.482   10.820  3.406   1.00 22.61 ? 51  TYR A OH  1 
ATOM   432  N  N   . ASP A 1 57  ? 9.479   7.480   -0.165  1.00 19.09 ? 52  ASP A N   1 
ATOM   433  C  CA  . ASP A 1 57  ? 10.622  6.872   -0.890  1.00 20.65 ? 52  ASP A CA  1 
ATOM   434  C  C   . ASP A 1 57  ? 10.989  5.533   -0.250  1.00 19.93 ? 52  ASP A C   1 
ATOM   435  O  O   . ASP A 1 57  ? 11.161  4.512   -0.954  1.00 22.90 ? 52  ASP A O   1 
ATOM   436  C  CB  . ASP A 1 57  ? 11.826  7.806   -0.909  1.00 19.99 ? 52  ASP A CB  1 
ATOM   437  C  CG  . ASP A 1 57  ? 11.721  9.036   -1.785  1.00 21.52 ? 52  ASP A CG  1 
ATOM   438  O  OD1 . ASP A 1 57  ? 10.907  9.134   -2.673  1.00 22.26 ? 52  ASP A OD1 1 
ATOM   439  O  OD2 . ASP A 1 57  ? 12.655  9.898   -1.595  1.00 22.49 ? 52  ASP A OD2 1 
ATOM   440  N  N   . GLU A 1 58  ? 11.143  5.530   1.071   1.00 19.55 ? 53  GLU A N   1 
ATOM   441  C  CA  . GLU A 1 58  ? 11.540  4.303   1.771   1.00 22.10 ? 53  GLU A CA  1 
ATOM   442  C  C   . GLU A 1 58  ? 10.387  3.289   1.804   1.00 20.10 ? 53  GLU A C   1 
ATOM   443  O  O   . GLU A 1 58  ? 10.655  2.089   1.618   1.00 21.49 ? 53  GLU A O   1 
ATOM   444  C  CB  . GLU A 1 58  ? 11.982  4.603   3.190   1.00 25.15 ? 53  GLU A CB  1 
ATOM   445  C  CG  . GLU A 1 58  ? 13.430  4.991   3.276   1.00 36.02 ? 53  GLU A CG  1 
ATOM   446  C  CD  . GLU A 1 58  ? 14.412  3.884   2.921   1.00 39.62 ? 53  GLU A CD  1 
ATOM   447  O  OE1 . GLU A 1 58  ? 14.947  3.257   3.856   1.00 46.38 ? 53  GLU A OE1 1 
ATOM   448  O  OE2 . GLU A 1 58  ? 14.660  3.660   1.723   1.00 44.42 ? 53  GLU A OE2 1 
ATOM   449  N  N   . ALA A 1 59  ? 9.168   3.718   2.038   1.00 18.62 ? 54  ALA A N   1 
ATOM   450  C  CA  . ALA A 1 59  ? 7.989   2.831   2.007   1.00 18.93 ? 54  ALA A CA  1 
ATOM   451  C  C   . ALA A 1 59  ? 7.989   2.052   0.690   1.00 18.65 ? 54  ALA A C   1 
ATOM   452  O  O   . ALA A 1 59  ? 7.791   0.832   0.698   1.00 18.41 ? 54  ALA A O   1 
ATOM   453  C  CB  . ALA A 1 59  ? 6.733   3.601   2.198   1.00 18.54 ? 54  ALA A CB  1 
ATOM   454  N  N   . ILE A 1 60  ? 8.219   2.741   -0.421  1.00 17.21 ? 55  ILE A N   1 
ATOM   455  C  CA  . ILE A 1 60  ? 8.220   2.099   -1.744  1.00 18.55 ? 55  ILE A CA  1 
ATOM   456  C  C   . ILE A 1 60  ? 9.287   1.023   -1.801  1.00 19.11 ? 55  ILE A C   1 
ATOM   457  O  O   . ILE A 1 60  ? 8.996   -0.060  -2.332  1.00 19.16 ? 55  ILE A O   1 
ATOM   458  C  CB  . ILE A 1 60  ? 8.353   3.175   -2.830  1.00 18.71 ? 55  ILE A CB  1 
ATOM   459  C  CG1 . ILE A 1 60  ? 7.042   3.950   -2.940  1.00 18.40 ? 55  ILE A CG1 1 
ATOM   460  C  CG2 . ILE A 1 60  ? 8.840   2.557   -4.160  1.00 19.86 ? 55  ILE A CG2 1 
ATOM   461  C  CD1 . ILE A 1 60  ? 7.158   5.294   -3.622  1.00 22.12 ? 55  ILE A CD1 1 
ATOM   462  N  N   . GLU A 1 61  ? 10.478  1.289   -1.295  1.00 18.89 ? 56  GLU A N   1 
ATOM   463  C  CA  . GLU A 1 61  ? 11.537  0.251   -1.326  1.00 20.41 ? 56  GLU A CA  1 
ATOM   464  C  C   . GLU A 1 61  ? 11.084  -1.017  -0.629  1.00 19.73 ? 56  GLU A C   1 
ATOM   465  O  O   . GLU A 1 61  ? 11.367  -2.134  -1.106  1.00 19.63 ? 56  GLU A O   1 
ATOM   466  C  CB  . GLU A 1 61  ? 12.820  0.835   -0.739  1.00 23.57 ? 56  GLU A CB  1 
ATOM   467  C  CG  . GLU A 1 61  ? 13.442  1.919   -1.605  1.00 25.93 ? 56  GLU A CG  1 
ATOM   468  C  CD  . GLU A 1 61  ? 13.681  1.534   -3.057  1.00 34.18 ? 56  GLU A CD  1 
ATOM   469  O  OE1 . GLU A 1 61  ? 14.286  0.452   -3.294  1.00 37.66 ? 56  GLU A OE1 1 
ATOM   470  O  OE2 . GLU A 1 61  ? 13.170  2.242   -3.975  1.00 38.94 ? 56  GLU A OE2 1 
ATOM   471  N  N   . TYR A 1 62  ? 10.460  -0.857  0.524   1.00 18.92 ? 57  TYR A N   1 
ATOM   472  C  CA  A TYR A 1 62  ? 10.081  -2.024  1.334   0.80 19.27 ? 57  TYR A CA  1 
ATOM   473  C  CA  B TYR A 1 62  ? 10.064  -2.008  1.365   0.20 17.28 ? 57  TYR A CA  1 
ATOM   474  C  C   . TYR A 1 62  ? 8.857   -2.716  0.747   1.00 18.18 ? 57  TYR A C   1 
ATOM   475  O  O   . TYR A 1 62  ? 8.780   -3.942  0.808   1.00 19.09 ? 57  TYR A O   1 
ATOM   476  C  CB  A TYR A 1 62  ? 9.958   -1.602  2.796   0.80 19.60 ? 57  TYR A CB  1 
ATOM   477  C  CB  B TYR A 1 62  ? 9.886   -1.534  2.807   0.20 15.34 ? 57  TYR A CB  1 
ATOM   478  C  CG  A TYR A 1 62  ? 11.254  -1.072  3.351   0.80 22.33 ? 57  TYR A CG  1 
ATOM   479  C  CG  B TYR A 1 62  ? 11.221  -1.335  3.474   0.20 14.04 ? 57  TYR A CG  1 
ATOM   480  C  CD1 A TYR A 1 62  ? 12.450  -1.688  3.021   0.80 27.24 ? 57  TYR A CD1 1 
ATOM   481  C  CD1 B TYR A 1 62  ? 11.973  -0.204  3.227   0.20 13.37 ? 57  TYR A CD1 1 
ATOM   482  C  CD2 A TYR A 1 62  ? 11.315  0.094   4.065   0.80 23.16 ? 57  TYR A CD2 1 
ATOM   483  C  CD2 B TYR A 1 62  ? 11.810  -2.361  4.187   0.20 12.17 ? 57  TYR A CD2 1 
ATOM   484  C  CE1 A TYR A 1 62  ? 13.665  -1.212  3.476   0.80 28.25 ? 57  TYR A CE1 1 
ATOM   485  C  CE1 B TYR A 1 62  ? 13.245  -0.052  3.760   0.20 13.02 ? 57  TYR A CE1 1 
ATOM   486  C  CE2 A TYR A 1 62  ? 12.524  0.580   4.546   0.80 26.71 ? 57  TYR A CE2 1 
ATOM   487  C  CE2 B TYR A 1 62  ? 13.063  -2.212  4.759   0.20 13.10 ? 57  TYR A CE2 1 
ATOM   488  C  CZ  A TYR A 1 62  ? 13.696  -0.063  4.216   0.80 28.51 ? 57  TYR A CZ  1 
ATOM   489  C  CZ  B TYR A 1 62  ? 13.779  -1.053  4.543   0.20 13.52 ? 57  TYR A CZ  1 
ATOM   490  O  OH  A TYR A 1 62  ? 14.885  0.425   4.684   0.80 36.37 ? 57  TYR A OH  1 
ATOM   491  O  OH  B TYR A 1 62  ? 15.022  -0.898  5.093   0.20 14.20 ? 57  TYR A OH  1 
ATOM   492  N  N   . TYR A 1 63  ? 7.881   -1.968  0.235   1.00 18.48 ? 58  TYR A N   1 
ATOM   493  C  CA  . TYR A 1 63  ? 6.750   -2.626  -0.457  1.00 18.15 ? 58  TYR A CA  1 
ATOM   494  C  C   . TYR A 1 63  ? 7.271   -3.422  -1.654  1.00 18.34 ? 58  TYR A C   1 
ATOM   495  O  O   . TYR A 1 63  ? 6.722   -4.499  -1.932  1.00 18.37 ? 58  TYR A O   1 
ATOM   496  C  CB  . TYR A 1 63  ? 5.741   -1.594  -0.916  1.00 17.45 ? 58  TYR A CB  1 
ATOM   497  C  CG  . TYR A 1 63  ? 4.989   -0.857  0.152   1.00 17.31 ? 58  TYR A CG  1 
ATOM   498  C  CD1 . TYR A 1 63  ? 4.609   -1.469  1.341   1.00 18.66 ? 58  TYR A CD1 1 
ATOM   499  C  CD2 . TYR A 1 63  ? 4.624   0.457   -0.023  1.00 18.55 ? 58  TYR A CD2 1 
ATOM   500  C  CE1 . TYR A 1 63  ? 3.866   -0.796  2.296   1.00 18.60 ? 58  TYR A CE1 1 
ATOM   501  C  CE2 . TYR A 1 63  ? 3.892   1.146   0.929   1.00 19.34 ? 58  TYR A CE2 1 
ATOM   502  C  CZ  . TYR A 1 63  ? 3.504   0.513   2.091   1.00 19.58 ? 58  TYR A CZ  1 
ATOM   503  O  OH  . TYR A 1 63  ? 2.749   1.239   2.987   1.00 21.15 ? 58  TYR A OH  1 
ATOM   504  N  N   . GLN A 1 64  ? 8.236   -2.892  -2.411  1.00 19.59 ? 59  GLN A N   1 
ATOM   505  C  CA  . GLN A 1 64  ? 8.814   -3.654  -3.556  1.00 20.83 ? 59  GLN A CA  1 
ATOM   506  C  C   . GLN A 1 64  ? 9.427   -4.963  -3.042  1.00 21.35 ? 59  GLN A C   1 
ATOM   507  O  O   . GLN A 1 64  ? 9.167   -6.034  -3.691  1.00 23.07 ? 59  GLN A O   1 
ATOM   508  C  CB  . GLN A 1 64  ? 9.846   -2.799  -4.269  1.00 21.87 ? 59  GLN A CB  1 
ATOM   509  C  CG  . GLN A 1 64  ? 9.249   -1.691  -5.102  1.00 23.47 ? 59  GLN A CG  1 
ATOM   510  C  CD  . GLN A 1 64  ? 10.299  -0.796  -5.723  1.00 25.36 ? 59  GLN A CD  1 
ATOM   511  O  OE1 . GLN A 1 64  ? 11.485  -0.802  -5.363  1.00 35.18 ? 59  GLN A OE1 1 
ATOM   512  N  NE2 . GLN A 1 64  ? 9.844   0.012   -6.649  1.00 28.30 ? 59  GLN A NE2 1 
ATOM   513  N  N   . LYS A 1 65  ? 10.120  -4.966  -1.911  1.00 20.73 ? 60  LYS A N   1 
ATOM   514  C  CA  . LYS A 1 65  ? 10.711  -6.207  -1.357  1.00 22.51 ? 60  LYS A CA  1 
ATOM   515  C  C   . LYS A 1 65  ? 9.581   -7.154  -0.990  1.00 23.36 ? 60  LYS A C   1 
ATOM   516  O  O   . LYS A 1 65  ? 9.659   -8.350  -1.228  1.00 24.42 ? 60  LYS A O   1 
ATOM   517  C  CB  . LYS A 1 65  ? 11.584  -5.917  -0.140  1.00 26.31 ? 60  LYS A CB  1 
ATOM   518  C  CG  . LYS A 1 65  ? 12.815  -5.084  -0.409  1.00 33.98 ? 60  LYS A CG  1 
ATOM   519  C  CD  . LYS A 1 65  ? 13.877  -5.790  -1.247  1.00 40.12 ? 60  LYS A CD  1 
ATOM   520  C  CE  . LYS A 1 65  ? 14.736  -6.743  -0.447  1.00 48.01 ? 60  LYS A CE  1 
ATOM   521  N  NZ  . LYS A 1 65  ? 14.116  -8.085  -0.343  1.00 55.60 ? 60  LYS A NZ  1 
ATOM   522  N  N   . ALA A 1 66  ? 8.532   -6.678  -0.361  1.00 20.09 ? 61  ALA A N   1 
ATOM   523  C  CA  . ALA A 1 66  ? 7.393   -7.525  0.032   1.00 19.69 ? 61  ALA A CA  1 
ATOM   524  C  C   . ALA A 1 66  ? 6.831   -8.176  -1.231  1.00 22.15 ? 61  ALA A C   1 
ATOM   525  O  O   . ALA A 1 66  ? 6.421   -9.356  -1.195  1.00 21.85 ? 61  ALA A O   1 
ATOM   526  C  CB  . ALA A 1 66  ? 6.303   -6.730  0.744   1.00 21.42 ? 61  ALA A CB  1 
ATOM   527  N  N   . LEU A 1 67  ? 6.710   -7.405  -2.311  1.00 21.08 ? 62  LEU A N   1 
ATOM   528  C  CA  . LEU A 1 67  ? 6.071   -7.911  -3.566  1.00 22.84 ? 62  LEU A CA  1 
ATOM   529  C  C   . LEU A 1 67  ? 7.006   -8.893  -4.273  1.00 25.77 ? 62  LEU A C   1 
ATOM   530  O  O   . LEU A 1 67  ? 6.452   -9.789  -4.962  1.00 27.07 ? 62  LEU A O   1 
ATOM   531  C  CB  . LEU A 1 67  ? 5.736   -6.721  -4.465  1.00 21.28 ? 62  LEU A CB  1 
ATOM   532  C  CG  . LEU A 1 67  ? 4.507   -5.980  -4.016  1.00 23.15 ? 62  LEU A CG  1 
ATOM   533  C  CD1 . LEU A 1 67  ? 4.425   -4.626  -4.718  1.00 23.25 ? 62  LEU A CD1 1 
ATOM   534  C  CD2 . LEU A 1 67  ? 3.242   -6.773  -4.229  1.00 22.69 ? 62  LEU A CD2 1 
ATOM   535  N  N   . GLU A 1 68  ? 8.306   -8.797  -4.100  1.00 24.31 ? 63  GLU A N   1 
ATOM   536  C  CA  . GLU A 1 68  ? 9.237   -9.826  -4.628  1.00 28.84 ? 63  GLU A CA  1 
ATOM   537  C  C   . GLU A 1 68  ? 8.885   -11.173 -3.992  1.00 30.87 ? 63  GLU A C   1 
ATOM   538  O  O   . GLU A 1 68  ? 8.927   -12.204 -4.731  1.00 32.78 ? 63  GLU A O   1 
ATOM   539  C  CB  . GLU A 1 68  ? 10.677  -9.456  -4.344  1.00 31.66 ? 63  GLU A CB  1 
ATOM   540  C  CG  . GLU A 1 68  ? 11.202  -8.338  -5.200  1.00 39.50 ? 63  GLU A CG  1 
ATOM   541  C  CD  . GLU A 1 68  ? 12.603  -7.907  -4.800  1.00 49.21 ? 63  GLU A CD  1 
ATOM   542  O  OE1 . GLU A 1 68  ? 12.961  -6.731  -5.076  1.00 55.85 ? 63  GLU A OE1 1 
ATOM   543  O  OE2 . GLU A 1 68  ? 13.341  -8.756  -4.220  1.00 51.11 ? 63  GLU A OE2 1 
ATOM   544  N  N   . LEU A 1 69  ? 8.551   -11.201 -2.697  1.00 25.94 ? 64  LEU A N   1 
ATOM   545  C  CA  . LEU A 1 69  ? 8.245   -12.456 -1.964  1.00 27.09 ? 64  LEU A CA  1 
ATOM   546  C  C   . LEU A 1 69  ? 6.792   -12.879 -2.160  1.00 28.07 ? 64  LEU A C   1 
ATOM   547  O  O   . LEU A 1 69  ? 6.529   -14.086 -2.163  1.00 30.47 ? 64  LEU A O   1 
ATOM   548  C  CB  . LEU A 1 69  ? 8.562   -12.259 -0.487  1.00 26.50 ? 64  LEU A CB  1 
ATOM   549  C  CG  . LEU A 1 69  ? 10.031  -11.990 -0.207  1.00 29.15 ? 64  LEU A CG  1 
ATOM   550  C  CD1 . LEU A 1 69  ? 10.200  -11.288 1.112   1.00 31.05 ? 64  LEU A CD1 1 
ATOM   551  C  CD2 . LEU A 1 69  ? 10.828  -13.291 -0.180  1.00 32.37 ? 64  LEU A CD2 1 
ATOM   552  N  N   . ASP A 1 70  ? 5.833   -11.958 -2.241  1.00 23.98 ? 65  ASP A N   1 
ATOM   553  C  CA  . ASP A 1 70  ? 4.392   -12.217 -2.381  1.00 22.79 ? 65  ASP A CA  1 
ATOM   554  C  C   . ASP A 1 70  ? 3.901   -11.294 -3.486  1.00 25.66 ? 65  ASP A C   1 
ATOM   555  O  O   . ASP A 1 70  ? 3.164   -10.344 -3.219  1.00 24.47 ? 65  ASP A O   1 
ATOM   556  C  CB  . ASP A 1 70  ? 3.598   -12.013 -1.092  1.00 25.09 ? 65  ASP A CB  1 
ATOM   557  C  CG  . ASP A 1 70  ? 2.120   -12.357 -1.159  1.00 25.18 ? 65  ASP A CG  1 
ATOM   558  O  OD1 . ASP A 1 70  ? 1.701   -12.959 -2.209  1.00 28.02 ? 65  ASP A OD1 1 
ATOM   559  O  OD2 . ASP A 1 70  ? 1.342   -11.999 -0.238  1.00 26.33 ? 65  ASP A OD2 1 
ATOM   560  N  N   . PRO A 1 71  ? 4.131   -11.659 -4.762  1.00 24.18 ? 66  PRO A N   1 
ATOM   561  C  CA  . PRO A 1 71  ? 3.626   -10.835 -5.868  1.00 25.19 ? 66  PRO A CA  1 
ATOM   562  C  C   . PRO A 1 71  ? 2.115   -10.869 -6.033  1.00 22.96 ? 66  PRO A C   1 
ATOM   563  O  O   . PRO A 1 71  ? 1.557   -10.104 -6.830  1.00 24.13 ? 66  PRO A O   1 
ATOM   564  C  CB  . PRO A 1 71  ? 4.321   -11.427 -7.093  1.00 26.80 ? 66  PRO A CB  1 
ATOM   565  C  CG  . PRO A 1 71  ? 4.618   -12.853 -6.669  1.00 27.23 ? 66  PRO A CG  1 
ATOM   566  C  CD  . PRO A 1 71  ? 4.968   -12.793 -5.197  1.00 26.06 ? 66  PRO A CD  1 
ATOM   567  N  N   . ARG A 1 72  ? 1.392   -11.690 -5.270  1.00 21.77 ? 67  ARG A N   1 
ATOM   568  C  CA  . ARG A 1 72  ? -0.075  -11.760 -5.292  1.00 22.63 ? 67  ARG A CA  1 
ATOM   569  C  C   . ARG A 1 72  ? -0.693  -10.986 -4.108  1.00 25.21 ? 67  ARG A C   1 
ATOM   570  O  O   . ARG A 1 72  ? -1.882  -11.098 -3.937  1.00 29.54 ? 67  ARG A O   1 
ATOM   571  C  CB  . ARG A 1 72  ? -0.520  -13.224 -5.293  1.00 23.16 ? 67  ARG A CB  1 
ATOM   572  C  CG  . ARG A 1 72  ? 0.100   -14.006 -6.443  1.00 24.40 ? 67  ARG A CG  1 
ATOM   573  C  CD  . ARG A 1 72  ? -0.247  -15.484 -6.360  1.00 26.01 ? 67  ARG A CD  1 
ATOM   574  N  NE  . ARG A 1 72  ? 0.369   -16.223 -7.473  1.00 24.40 ? 67  ARG A NE  1 
ATOM   575  C  CZ  . ARG A 1 72  ? 1.573   -16.754 -7.498  1.00 25.07 ? 67  ARG A CZ  1 
ATOM   576  N  NH1 . ARG A 1 72  ? 1.960   -17.388 -8.593  1.00 26.89 ? 67  ARG A NH1 1 
ATOM   577  N  NH2 . ARG A 1 72  ? 2.391   -16.689 -6.468  1.00 27.69 ? 67  ARG A NH2 1 
ATOM   578  N  N   . SER A 1 73  ? 0.105   -10.137 -3.463  1.00 27.91 ? 68  SER A N   1 
ATOM   579  C  CA  . SER A 1 73  ? -0.292  -9.202  -2.366  1.00 28.57 ? 68  SER A CA  1 
ATOM   580  C  C   . SER A 1 73  ? -1.041  -8.011  -2.995  1.00 28.30 ? 68  SER A C   1 
ATOM   581  O  O   . SER A 1 73  ? -0.344  -7.045  -3.316  1.00 27.03 ? 68  SER A O   1 
ATOM   582  C  CB  . SER A 1 73  ? 0.982   -8.759  -1.652  1.00 28.37 ? 68  SER A CB  1 
ATOM   583  O  OG  . SER A 1 73  ? 0.719   -7.919  -0.522  1.00 31.14 ? 68  SER A OG  1 
ATOM   584  N  N   . ALA A 1 74  ? -2.349  -8.060  -3.097  1.00 26.34 ? 69  ALA A N   1 
ATOM   585  C  CA  . ALA A 1 74  ? -3.170  -6.930  -3.593  1.00 29.77 ? 69  ALA A CA  1 
ATOM   586  C  C   . ALA A 1 74  ? -2.917  -5.758  -2.630  1.00 33.41 ? 69  ALA A C   1 
ATOM   587  O  O   . ALA A 1 74  ? -2.912  -4.592  -3.110  1.00 26.71 ? 69  ALA A O   1 
ATOM   588  C  CB  . ALA A 1 74  ? -4.620  -7.221  -3.762  1.00 28.91 ? 69  ALA A CB  1 
ATOM   589  N  N   . GLU A 1 75  ? -2.631  -6.075  -1.365  1.00 30.83 ? 70  GLU A N   1 
ATOM   590  C  CA  . GLU A 1 75  ? -2.400  -5.079  -0.292  1.00 33.57 ? 70  GLU A CA  1 
ATOM   591  C  C   . GLU A 1 75  ? -1.184  -4.261  -0.633  1.00 29.36 ? 70  GLU A C   1 
ATOM   592  O  O   . GLU A 1 75  ? -1.288  -3.018  -0.506  1.00 26.80 ? 70  GLU A O   1 
ATOM   593  C  CB  . GLU A 1 75  ? -2.079  -5.724  1.074   1.00 33.11 ? 70  GLU A CB  1 
ATOM   594  C  CG  . GLU A 1 75  ? -3.250  -6.463  1.694   1.00 38.48 ? 70  GLU A CG  1 
ATOM   595  C  CD  . GLU A 1 75  ? -3.404  -7.942  1.313   1.00 41.95 ? 70  GLU A CD  1 
ATOM   596  O  OE1 . GLU A 1 75  ? -4.225  -8.673  2.005   1.00 40.74 ? 70  GLU A OE1 1 
ATOM   597  O  OE2 . GLU A 1 75  ? -2.686  -8.394  0.367   1.00 38.05 ? 70  GLU A OE2 1 
ATOM   598  N  N   . ALA A 1 76  ? -0.050  -4.898  -0.898  1.00 25.84 ? 71  ALA A N   1 
ATOM   599  C  CA  . ALA A 1 76  ? 1.234   -4.271  -1.143  1.00 26.58 ? 71  ALA A CA  1 
ATOM   600  C  C   . ALA A 1 76  ? 1.028   -3.461  -2.432  1.00 22.63 ? 71  ALA A C   1 
ATOM   601  O  O   . ALA A 1 76  ? 1.624   -2.387  -2.509  1.00 23.17 ? 71  ALA A O   1 
ATOM   602  C  CB  . ALA A 1 76  ? 2.406   -5.237  -1.183  1.00 28.02 ? 71  ALA A CB  1 
ATOM   603  N  N   . TRP A 1 77  ? 0.396   -4.045  -3.462  1.00 22.62 ? 72  TRP A N   1 
ATOM   604  C  CA  . TRP A 1 77  ? 0.264   -3.261  -4.735  1.00 20.40 ? 72  TRP A CA  1 
ATOM   605  C  C   . TRP A 1 77  ? -0.515  -1.991  -4.443  1.00 20.48 ? 72  TRP A C   1 
ATOM   606  O  O   . TRP A 1 77  ? -0.117  -0.906  -4.946  1.00 18.83 ? 72  TRP A O   1 
ATOM   607  C  CB  . TRP A 1 77  ? -0.437  -4.036  -5.856  1.00 18.40 ? 72  TRP A CB  1 
ATOM   608  C  CG  . TRP A 1 77  ? 0.407   -5.124  -6.429  1.00 18.66 ? 72  TRP A CG  1 
ATOM   609  C  CD1 . TRP A 1 77  ? 0.188   -6.467  -6.320  1.00 19.92 ? 72  TRP A CD1 1 
ATOM   610  C  CD2 . TRP A 1 77  ? 1.583   -4.994  -7.213  1.00 19.36 ? 72  TRP A CD2 1 
ATOM   611  N  NE1 . TRP A 1 77  ? 1.163   -7.179  -6.956  1.00 20.85 ? 72  TRP A NE1 1 
ATOM   612  C  CE2 . TRP A 1 77  ? 2.035   -6.309  -7.542  1.00 20.38 ? 72  TRP A CE2 1 
ATOM   613  C  CE3 . TRP A 1 77  ? 2.302   -3.893  -7.711  1.00 20.64 ? 72  TRP A CE3 1 
ATOM   614  C  CZ2 . TRP A 1 77  ? 3.209   -6.531  -8.264  1.00 22.56 ? 72  TRP A CZ2 1 
ATOM   615  C  CZ3 . TRP A 1 77  ? 3.435   -4.118  -8.444  1.00 22.78 ? 72  TRP A CZ3 1 
ATOM   616  C  CH2 . TRP A 1 77  ? 3.889   -5.417  -8.733  1.00 24.06 ? 72  TRP A CH2 1 
ATOM   617  N  N   . TYR A 1 78  ? -1.618  -2.068  -3.725  1.00 20.90 ? 73  TYR A N   1 
ATOM   618  C  CA  . TYR A 1 78  ? -2.481  -0.907  -3.407  1.00 19.52 ? 73  TYR A CA  1 
ATOM   619  C  C   . TYR A 1 78  ? -1.661  0.105   -2.593  1.00 20.21 ? 73  TYR A C   1 
ATOM   620  O  O   . TYR A 1 78  ? -1.732  1.320   -2.920  1.00 19.38 ? 73  TYR A O   1 
ATOM   621  C  CB  . TYR A 1 78  ? -3.720  -1.403  -2.663  1.00 22.24 ? 73  TYR A CB  1 
ATOM   622  C  CG  . TYR A 1 78  ? -4.633  -0.346  -2.135  1.00 21.38 ? 73  TYR A CG  1 
ATOM   623  C  CD1 . TYR A 1 78  ? -5.493  0.394   -2.946  1.00 23.16 ? 73  TYR A CD1 1 
ATOM   624  C  CD2 . TYR A 1 78  ? -4.714  -0.145  -0.772  1.00 21.42 ? 73  TYR A CD2 1 
ATOM   625  C  CE1 . TYR A 1 78  ? -6.333  1.356   -2.421  1.00 25.94 ? 73  TYR A CE1 1 
ATOM   626  C  CE2 . TYR A 1 78  ? -5.595  0.778   -0.234  1.00 23.36 ? 73  TYR A CE2 1 
ATOM   627  C  CZ  . TYR A 1 78  ? -6.424  1.512   -1.052  1.00 24.74 ? 73  TYR A CZ  1 
ATOM   628  O  OH  . TYR A 1 78  ? -7.270  2.452   -0.522  1.00 29.07 ? 73  TYR A OH  1 
ATOM   629  N  N   . ASN A 1 79  ? -0.928  -0.329  -1.581  1.00 19.47 ? 74  ASN A N   1 
ATOM   630  C  CA  . ASN A 1 79  ? -0.221  0.654   -0.746  1.00 20.93 ? 74  ASN A CA  1 
ATOM   631  C  C   . ASN A 1 79  ? 0.947   1.221   -1.506  1.00 19.28 ? 74  ASN A C   1 
ATOM   632  O  O   . ASN A 1 79  ? 1.376   2.367   -1.230  1.00 18.88 ? 74  ASN A O   1 
ATOM   633  C  CB  . ASN A 1 79  ? 0.239   0.046   0.576   1.00 24.64 ? 74  ASN A CB  1 
ATOM   634  C  CG  . ASN A 1 79  ? -0.850  0.079   1.602   1.00 31.24 ? 74  ASN A CG  1 
ATOM   635  O  OD1 . ASN A 1 79  ? -1.869  0.776   1.417   1.00 30.14 ? 74  ASN A OD1 1 
ATOM   636  N  ND2 . ASN A 1 79  ? -0.487  -0.509  2.754   1.00 30.70 ? 74  ASN A ND2 1 
ATOM   637  N  N   . LEU A 1 80  ? 1.574   0.441   -2.398  1.00 18.87 ? 75  LEU A N   1 
ATOM   638  C  CA  . LEU A 1 80  ? 2.593   0.987   -3.272  1.00 18.06 ? 75  LEU A CA  1 
ATOM   639  C  C   . LEU A 1 80  ? 1.980   2.119   -4.107  1.00 17.30 ? 75  LEU A C   1 
ATOM   640  O  O   . LEU A 1 80  ? 2.579   3.231   -4.192  1.00 17.98 ? 75  LEU A O   1 
ATOM   641  C  CB  . LEU A 1 80  ? 3.155   -0.188  -4.070  1.00 19.61 ? 75  LEU A CB  1 
ATOM   642  C  CG  . LEU A 1 80  ? 4.212   0.180   -5.079  1.00 20.50 ? 75  LEU A CG  1 
ATOM   643  C  CD1 . LEU A 1 80  ? 5.439   0.737   -4.399  1.00 21.27 ? 75  LEU A CD1 1 
ATOM   644  C  CD2 . LEU A 1 80  ? 4.617   -1.056  -5.903  1.00 22.43 ? 75  LEU A CD2 1 
ATOM   645  N  N   . GLY A 1 81  ? 0.815   1.920   -4.680  1.00 17.37 ? 76  GLY A N   1 
ATOM   646  C  CA  . GLY A 1 81  ? 0.072   2.971   -5.379  1.00 17.28 ? 76  GLY A CA  1 
ATOM   647  C  C   . GLY A 1 81  ? -0.119  4.170   -4.483  1.00 17.57 ? 76  GLY A C   1 
ATOM   648  O  O   . GLY A 1 81  ? 0.075   5.310   -4.923  1.00 17.23 ? 76  GLY A O   1 
ATOM   649  N  N   . ASN A 1 82  ? -0.580  3.958   -3.255  1.00 17.13 ? 77  ASN A N   1 
ATOM   650  C  CA  . ASN A 1 82  ? -0.843  5.063   -2.322  1.00 16.72 ? 77  ASN A CA  1 
ATOM   651  C  C   . ASN A 1 82  ? 0.436   5.872   -2.050  1.00 16.64 ? 77  ASN A C   1 
ATOM   652  O  O   . ASN A 1 82  ? 0.322   7.090   -1.919  1.00 17.11 ? 77  ASN A O   1 
ATOM   653  C  CB  . ASN A 1 82  ? -1.448  4.516   -1.034  1.00 17.34 ? 77  ASN A CB  1 
ATOM   654  C  CG  . ASN A 1 82  ? -2.859  3.989   -1.253  1.00 19.32 ? 77  ASN A CG  1 
ATOM   655  O  OD1 . ASN A 1 82  ? -3.597  4.406   -2.133  1.00 21.39 ? 77  ASN A OD1 1 
ATOM   656  N  ND2 . ASN A 1 82  ? -3.246  3.010   -0.433  1.00 24.03 ? 77  ASN A ND2 1 
ATOM   657  N  N   . ALA A 1 83  ? 1.579   5.198   -1.916  1.00 16.45 ? 78  ALA A N   1 
ATOM   658  C  CA  . ALA A 1 83  ? 2.842   5.896   -1.630  1.00 16.48 ? 78  ALA A CA  1 
ATOM   659  C  C   . ALA A 1 83  ? 3.188   6.827   -2.768  1.00 17.69 ? 78  ALA A C   1 
ATOM   660  O  O   . ALA A 1 83  ? 3.792   7.881   -2.521  1.00 18.97 ? 78  ALA A O   1 
ATOM   661  C  CB  . ALA A 1 83  ? 3.927   4.910   -1.374  1.00 17.73 ? 78  ALA A CB  1 
ATOM   662  N  N   . TYR A 1 84  ? 2.890   6.478   -4.008  1.00 16.97 ? 79  TYR A N   1 
ATOM   663  C  CA  . TYR A 1 84  ? 3.066   7.403   -5.156  1.00 17.18 ? 79  TYR A CA  1 
ATOM   664  C  C   . TYR A 1 84  ? 1.977   8.448   -5.134  1.00 17.61 ? 79  TYR A C   1 
ATOM   665  O  O   . TYR A 1 84  ? 2.283   9.667   -5.346  1.00 17.80 ? 79  TYR A O   1 
ATOM   666  C  CB  . TYR A 1 84  ? 3.116   6.647   -6.474  1.00 17.56 ? 79  TYR A CB  1 
ATOM   667  C  CG  . TYR A 1 84  ? 4.417   5.959   -6.708  1.00 17.94 ? 79  TYR A CG  1 
ATOM   668  C  CD1 . TYR A 1 84  ? 5.518   6.681   -7.104  1.00 19.30 ? 79  TYR A CD1 1 
ATOM   669  C  CD2 . TYR A 1 84  ? 4.563   4.598   -6.506  1.00 19.15 ? 79  TYR A CD2 1 
ATOM   670  C  CE1 . TYR A 1 84  ? 6.712   6.046   -7.364  1.00 21.68 ? 79  TYR A CE1 1 
ATOM   671  C  CE2 . TYR A 1 84  ? 5.761   3.947   -6.747  1.00 20.87 ? 79  TYR A CE2 1 
ATOM   672  C  CZ  . TYR A 1 84  ? 6.828   4.680   -7.220  1.00 21.09 ? 79  TYR A CZ  1 
ATOM   673  O  OH  . TYR A 1 84  ? 8.026   4.056   -7.447  1.00 25.90 ? 79  TYR A OH  1 
ATOM   674  N  N   . TYR A 1 85  ? 0.714   8.087   -4.933  1.00 16.75 ? 80  TYR A N   1 
ATOM   675  C  CA  . TYR A 1 85  ? -0.359  9.091   -4.877  1.00 17.61 ? 80  TYR A CA  1 
ATOM   676  C  C   . TYR A 1 85  ? -0.030  10.205  -3.883  1.00 18.42 ? 80  TYR A C   1 
ATOM   677  O  O   . TYR A 1 85  ? -0.219  11.402  -4.215  1.00 19.25 ? 80  TYR A O   1 
ATOM   678  C  CB  . TYR A 1 85  ? -1.675  8.401   -4.516  1.00 18.86 ? 80  TYR A CB  1 
ATOM   679  C  CG  . TYR A 1 85  ? -2.891  9.266   -4.601  1.00 18.75 ? 80  TYR A CG  1 
ATOM   680  C  CD1 . TYR A 1 85  ? -3.226  10.136  -3.578  1.00 19.37 ? 80  TYR A CD1 1 
ATOM   681  C  CD2 . TYR A 1 85  ? -3.714  9.233   -5.710  1.00 19.50 ? 80  TYR A CD2 1 
ATOM   682  C  CE1 . TYR A 1 85  ? -4.340  10.959  -3.660  1.00 20.78 ? 80  TYR A CE1 1 
ATOM   683  C  CE2 . TYR A 1 85  ? -4.833  10.040  -5.795  1.00 21.06 ? 80  TYR A CE2 1 
ATOM   684  C  CZ  . TYR A 1 85  ? -5.160  10.888  -4.764  1.00 20.37 ? 80  TYR A CZ  1 
ATOM   685  O  OH  . TYR A 1 85  ? -6.281  11.683  -4.830  1.00 22.64 ? 80  TYR A OH  1 
ATOM   686  N  N   . LYS A 1 86  ? 0.355   9.874   -2.659  1.00 18.25 ? 81  LYS A N   1 
ATOM   687  C  CA  . LYS A 1 86  ? 0.642   10.870  -1.613  1.00 19.73 ? 81  LYS A CA  1 
ATOM   688  C  C   . LYS A 1 86  ? 1.759   11.825  -2.003  1.00 20.54 ? 81  LYS A C   1 
ATOM   689  O  O   . LYS A 1 86  ? 1.791   12.924  -1.431  1.00 23.34 ? 81  LYS A O   1 
ATOM   690  C  CB  . LYS A 1 86  ? 1.120   10.176  -0.341  1.00 21.78 ? 81  LYS A CB  1 
ATOM   691  C  CG  . LYS A 1 86  ? 0.007   9.520   0.415   1.00 25.45 ? 81  LYS A CG  1 
ATOM   692  C  CD  . LYS A 1 86  ? -1.058  10.494  0.989   1.00 27.64 ? 81  LYS A CD  1 
ATOM   693  C  CE  . LYS A 1 86  ? -0.622  11.206  2.254   1.00 30.71 ? 81  LYS A CE  1 
ATOM   694  N  NZ  . LYS A 1 86  ? -1.713  12.092  2.761   1.00 34.22 ? 81  LYS A NZ  1 
ATOM   695  N  N   . GLN A 1 87  ? 2.606   11.464  -2.942  1.00 18.79 ? 82  GLN A N   1 
ATOM   696  C  CA  . GLN A 1 87  ? 3.706   12.320  -3.446  1.00 19.91 ? 82  GLN A CA  1 
ATOM   697  C  C   . GLN A 1 87  ? 3.250   13.164  -4.614  1.00 20.49 ? 82  GLN A C   1 
ATOM   698  O  O   . GLN A 1 87  ? 4.054   13.995  -5.052  1.00 22.83 ? 82  GLN A O   1 
ATOM   699  C  CB  . GLN A 1 87  ? 4.874   11.474  -3.867  1.00 18.61 ? 82  GLN A CB  1 
ATOM   700  C  CG  . GLN A 1 87  ? 5.537   10.810  -2.686  1.00 19.40 ? 82  GLN A CG  1 
ATOM   701  C  CD  . GLN A 1 87  ? 6.757   10.105  -3.165  1.00 19.86 ? 82  GLN A CD  1 
ATOM   702  O  OE1 . GLN A 1 87  ? 7.786   10.760  -3.404  1.00 21.69 ? 82  GLN A OE1 1 
ATOM   703  N  NE2 . GLN A 1 87  ? 6.699   8.788   -3.369  1.00 20.02 ? 82  GLN A NE2 1 
ATOM   704  N  N   . GLY A 1 88  ? 2.070   12.928  -5.155  1.00 20.27 ? 83  GLY A N   1 
ATOM   705  C  CA  . GLY A 1 88  ? 1.594   13.651  -6.346  1.00 21.05 ? 83  GLY A CA  1 
ATOM   706  C  C   . GLY A 1 88  ? 1.986   12.936  -7.608  1.00 21.03 ? 83  GLY A C   1 
ATOM   707  O  O   . GLY A 1 88  ? 1.849   13.528  -8.698  1.00 22.14 ? 83  GLY A O   1 
ATOM   708  N  N   . ASP A 1 89  ? 2.476   11.705  -7.518  1.00 20.15 ? 84  ASP A N   1 
ATOM   709  C  CA  . ASP A 1 89  ? 2.943   10.866  -8.654  1.00 19.22 ? 84  ASP A CA  1 
ATOM   710  C  C   . ASP A 1 89  ? 1.737   10.014  -9.150  1.00 19.63 ? 84  ASP A C   1 
ATOM   711  O  O   . ASP A 1 89  ? 1.725   8.784   -8.947  1.00 19.90 ? 84  ASP A O   1 
ATOM   712  C  CB  . ASP A 1 89  ? 4.169   10.068  -8.301  1.00 19.89 ? 84  ASP A CB  1 
ATOM   713  C  CG  . ASP A 1 89  ? 5.405   10.936  -8.072  1.00 23.57 ? 84  ASP A CG  1 
ATOM   714  O  OD1 . ASP A 1 89  ? 5.593   11.900  -8.846  1.00 26.43 ? 84  ASP A OD1 1 
ATOM   715  O  OD2 . ASP A 1 89  ? 6.099   10.681  -7.072  1.00 25.09 ? 84  ASP A OD2 1 
ATOM   716  N  N   . TYR A 1 90  ? 0.742   10.685  -9.735  1.00 20.73 ? 85  TYR A N   1 
ATOM   717  C  CA  . TYR A 1 90  ? -0.572  10.061  -9.996  1.00 21.08 ? 85  TYR A CA  1 
ATOM   718  C  C   . TYR A 1 90  ? -0.499  9.035   -11.107 1.00 24.78 ? 85  TYR A C   1 
ATOM   719  O  O   . TYR A 1 90  ? -1.212  8.005   -11.011 1.00 21.84 ? 85  TYR A O   1 
ATOM   720  C  CB  . TYR A 1 90  ? -1.616  11.132  -10.274 1.00 23.41 ? 85  TYR A CB  1 
ATOM   721  C  CG  . TYR A 1 90  ? -1.739  12.090  -9.136  1.00 23.64 ? 85  TYR A CG  1 
ATOM   722  C  CD1 . TYR A 1 90  ? -2.124  11.670  -7.875  1.00 25.29 ? 85  TYR A CD1 1 
ATOM   723  C  CD2 . TYR A 1 90  ? -1.425  13.435  -9.292  1.00 25.20 ? 85  TYR A CD2 1 
ATOM   724  C  CE1 . TYR A 1 90  ? -2.249  12.547  -6.814  1.00 27.02 ? 85  TYR A CE1 1 
ATOM   725  C  CE2 . TYR A 1 90  ? -1.534  14.323  -8.236  1.00 28.35 ? 85  TYR A CE2 1 
ATOM   726  C  CZ  . TYR A 1 90  ? -1.959  13.890  -7.006  1.00 28.18 ? 85  TYR A CZ  1 
ATOM   727  O  OH  . TYR A 1 90  ? -2.046  14.773  -5.983  1.00 33.73 ? 85  TYR A OH  1 
ATOM   728  N  N   . ASP A 1 91  ? 0.328   9.253   -12.098 1.00 24.93 ? 86  ASP A N   1 
ATOM   729  C  CA  . ASP A 1 91  ? 0.450   8.272   -13.204 1.00 27.54 ? 86  ASP A CA  1 
ATOM   730  C  C   . ASP A 1 91  ? 1.129   6.983   -12.683 1.00 26.04 ? 86  ASP A C   1 
ATOM   731  O  O   . ASP A 1 91  ? 0.734   5.853   -13.027 1.00 25.02 ? 86  ASP A O   1 
ATOM   732  C  CB  . ASP A 1 91  ? 1.037   8.954   -14.443 1.00 32.04 ? 86  ASP A CB  1 
ATOM   733  C  CG  . ASP A 1 91  ? 2.340   9.667   -14.156 1.00 36.40 ? 86  ASP A CG  1 
ATOM   734  O  OD1 . ASP A 1 91  ? 2.294   10.722  -13.425 1.00 37.95 ? 86  ASP A OD1 1 
ATOM   735  O  OD2 . ASP A 1 91  ? 3.384   9.132   -14.554 1.00 44.05 ? 86  ASP A OD2 1 
ATOM   736  N  N   . GLU A 1 92  ? 2.107   7.049   -11.775 1.00 24.71 ? 87  GLU A N   1 
ATOM   737  C  CA  . GLU A 1 92  ? 2.697   5.841   -11.173 1.00 24.92 ? 87  GLU A CA  1 
ATOM   738  C  C   . GLU A 1 92  ? 1.662   5.122   -10.305 1.00 23.21 ? 87  GLU A C   1 
ATOM   739  O  O   . GLU A 1 92  ? 1.566   3.861   -10.173 1.00 23.63 ? 87  GLU A O   1 
ATOM   740  C  CB  . GLU A 1 92  ? 3.887   6.284   -10.311 1.00 26.35 ? 87  GLU A CB  1 
ATOM   741  C  CG  . GLU A 1 92  ? 5.091   6.806   -11.144 1.00 27.73 ? 87  GLU A CG  1 
ATOM   742  C  CD  . GLU A 1 92  ? 5.030   8.229   -11.647 1.00 28.48 ? 87  GLU A CD  1 
ATOM   743  O  OE1 . GLU A 1 92  ? 4.094   8.996   -11.373 1.00 29.40 ? 87  GLU A OE1 1 
ATOM   744  O  OE2 . GLU A 1 92  ? 5.993   8.661   -12.387 1.00 41.50 ? 87  GLU A OE2 1 
ATOM   745  N  N   . ALA A 1 93  ? 0.841   5.865   -9.572  1.00 18.94 ? 88  ALA A N   1 
ATOM   746  C  CA  . ALA A 1 93  ? -0.193  5.286   -8.739  1.00 19.27 ? 88  ALA A CA  1 
ATOM   747  C  C   . ALA A 1 93  ? -1.119  4.461   -9.626  1.00 20.22 ? 88  ALA A C   1 
ATOM   748  O  O   . ALA A 1 93  ? -1.513  3.368   -9.213  1.00 20.61 ? 88  ALA A O   1 
ATOM   749  C  CB  . ALA A 1 93  ? -0.922  6.332   -8.014  1.00 18.64 ? 88  ALA A CB  1 
ATOM   750  N  N   . ILE A 1 94  ? -1.474  4.971   -10.798 1.00 19.04 ? 89  ILE A N   1 
ATOM   751  C  CA  . ILE A 1 94  ? -2.416  4.250   -11.688 1.00 18.85 ? 89  ILE A CA  1 
ATOM   752  C  C   . ILE A 1 94  ? -1.898  2.845   -11.978 1.00 18.73 ? 89  ILE A C   1 
ATOM   753  O  O   . ILE A 1 94  ? -2.679  1.880   -11.865 1.00 19.04 ? 89  ILE A O   1 
ATOM   754  C  CB  . ILE A 1 94  ? -2.691  5.072   -12.957 1.00 19.13 ? 89  ILE A CB  1 
ATOM   755  C  CG1 . ILE A 1 94  ? -3.532  6.289   -12.640 1.00 20.73 ? 89  ILE A CG1 1 
ATOM   756  C  CG2 . ILE A 1 94  ? -3.322  4.219   -14.030 1.00 18.59 ? 89  ILE A CG2 1 
ATOM   757  C  CD1 . ILE A 1 94  ? -3.549  7.337   -13.733 1.00 23.12 ? 89  ILE A CD1 1 
ATOM   758  N  N   . GLU A 1 95  ? -0.629  2.674   -12.312 1.00 18.81 ? 90  GLU A N   1 
ATOM   759  C  CA  . GLU A 1 95  ? -0.089  1.377   -12.679 1.00 19.10 ? 90  GLU A CA  1 
ATOM   760  C  C   . GLU A 1 95  ? -0.308  0.372   -11.533 1.00 19.05 ? 90  GLU A C   1 
ATOM   761  O  O   . GLU A 1 95  ? -0.681  -0.787  -11.754 1.00 20.09 ? 90  GLU A O   1 
ATOM   762  C  CB  . GLU A 1 95  ? 1.373   1.539   -13.034 1.00 23.14 ? 90  GLU A CB  1 
ATOM   763  C  CG  . GLU A 1 95  ? 1.998   0.232   -13.405 1.00 26.56 ? 90  GLU A CG  1 
ATOM   764  C  CD  . GLU A 1 95  ? 3.495   0.192   -13.654 1.00 35.82 ? 90  GLU A CD  1 
ATOM   765  O  OE1 . GLU A 1 95  ? 4.213   1.199   -13.410 1.00 34.32 ? 90  GLU A OE1 1 
ATOM   766  O  OE2 . GLU A 1 95  ? 3.949   -0.887  -14.084 1.00 42.79 ? 90  GLU A OE2 1 
ATOM   767  N  N   . TYR A 1 96  ? -0.053  0.807   -10.294 1.00 18.60 ? 91  TYR A N   1 
ATOM   768  C  CA  . TYR A 1 96  ? -0.084  -0.130  -9.149  1.00 18.42 ? 91  TYR A CA  1 
ATOM   769  C  C   . TYR A 1 96  ? -1.523  -0.375  -8.740  1.00 19.42 ? 91  TYR A C   1 
ATOM   770  O  O   . TYR A 1 96  ? -1.839  -1.493  -8.289  1.00 19.91 ? 91  TYR A O   1 
ATOM   771  C  CB  . TYR A 1 96  ? 0.839   0.361   -8.051  1.00 17.76 ? 91  TYR A CB  1 
ATOM   772  C  CG  . TYR A 1 96  ? 2.260   0.468   -8.525  1.00 19.73 ? 91  TYR A CG  1 
ATOM   773  C  CD1 . TYR A 1 96  ? 2.826   -0.585  -9.231  1.00 22.21 ? 91  TYR A CD1 1 
ATOM   774  C  CD2 . TYR A 1 96  ? 2.967   1.658   -8.441  1.00 21.65 ? 91  TYR A CD2 1 
ATOM   775  C  CE1 . TYR A 1 96  ? 4.129   -0.516  -9.691  1.00 23.85 ? 91  TYR A CE1 1 
ATOM   776  C  CE2 . TYR A 1 96  ? 4.269   1.741   -8.913  1.00 22.72 ? 91  TYR A CE2 1 
ATOM   777  C  CZ  . TYR A 1 96  ? 4.836   0.646   -9.523  1.00 22.51 ? 91  TYR A CZ  1 
ATOM   778  O  OH  . TYR A 1 96  ? 6.130   0.721   -9.962  1.00 26.83 ? 91  TYR A OH  1 
ATOM   779  N  N   . TYR A 1 97  ? -2.409  0.624   -8.806  1.00 18.03 ? 92  TYR A N   1 
ATOM   780  C  CA  . TYR A 1 97  ? -3.839  0.365   -8.549  1.00 19.37 ? 92  TYR A CA  1 
ATOM   781  C  C   . TYR A 1 97  ? -4.358  -0.633  -9.590  1.00 18.60 ? 92  TYR A C   1 
ATOM   782  O  O   . TYR A 1 97  ? -5.173  -1.441  -9.225  1.00 20.88 ? 92  TYR A O   1 
ATOM   783  C  CB  . TYR A 1 97  ? -4.642  1.651   -8.579  1.00 18.67 ? 92  TYR A CB  1 
ATOM   784  C  CG  . TYR A 1 97  ? -4.331  2.628   -7.494  1.00 19.10 ? 92  TYR A CG  1 
ATOM   785  C  CD1 . TYR A 1 97  ? -3.963  2.258   -6.200  1.00 19.09 ? 92  TYR A CD1 1 
ATOM   786  C  CD2 . TYR A 1 97  ? -4.464  3.978   -7.753  1.00 18.22 ? 92  TYR A CD2 1 
ATOM   787  C  CE1 . TYR A 1 97  ? -3.742  3.201   -5.202  1.00 19.63 ? 92  TYR A CE1 1 
ATOM   788  C  CE2 . TYR A 1 97  ? -4.223  4.911   -6.768  1.00 19.42 ? 92  TYR A CE2 1 
ATOM   789  C  CZ  . TYR A 1 97  ? -3.890  4.530   -5.494  1.00 17.88 ? 92  TYR A CZ  1 
ATOM   790  O  OH  . TYR A 1 97  ? -3.626  5.474   -4.570  1.00 20.68 ? 92  TYR A OH  1 
ATOM   791  N  N   . GLN A 1 98  ? -3.943  -0.558  -10.857 1.00 19.12 ? 93  GLN A N   1 
ATOM   792  C  CA  . GLN A 1 98  ? -4.416  -1.513  -11.894 1.00 19.21 ? 93  GLN A CA  1 
ATOM   793  C  C   . GLN A 1 98  ? -3.942  -2.901  -11.502 1.00 22.64 ? 93  GLN A C   1 
ATOM   794  O  O   . GLN A 1 98  ? -4.742  -3.857  -11.636 1.00 23.54 ? 93  GLN A O   1 
ATOM   795  C  CB  . GLN A 1 98  ? -3.873  -1.154  -13.277 1.00 21.05 ? 93  GLN A CB  1 
ATOM   796  C  CG  . GLN A 1 98  ? -4.499  0.115   -13.852 1.00 20.00 ? 93  GLN A CG  1 
ATOM   797  C  CD  . GLN A 1 98  ? -3.747  0.594   -15.082 1.00 23.46 ? 93  GLN A CD  1 
ATOM   798  O  OE1 . GLN A 1 98  ? -2.511  0.533   -15.193 1.00 24.01 ? 93  GLN A OE1 1 
ATOM   799  N  NE2 . GLN A 1 98  ? -4.498  1.058   -16.070 1.00 22.98 ? 93  GLN A NE2 1 
ATOM   800  N  N   . LYS A 1 99  ? -2.743  -3.051  -10.956 1.00 19.72 ? 94  LYS A N   1 
ATOM   801  C  CA  . LYS A 1 99  ? -2.217  -4.382  -10.569 1.00 23.03 ? 94  LYS A CA  1 
ATOM   802  C  C   . LYS A 1 99  ? -3.038  -4.879  -9.378  1.00 21.87 ? 94  LYS A C   1 
ATOM   803  O  O   . LYS A 1 99  ? -3.451  -6.093  -9.339  1.00 24.40 ? 94  LYS A O   1 
ATOM   804  C  CB  . LYS A 1 99  ? -0.715  -4.279  -10.319 1.00 25.07 ? 94  LYS A CB  1 
ATOM   805  C  CG  . LYS A 1 99  ? -0.029  -5.588  -9.996  1.00 30.25 ? 94  LYS A CG  1 
ATOM   806  C  CD  . LYS A 1 99  ? 0.073   -6.563  -11.168 1.00 38.98 ? 94  LYS A CD  1 
ATOM   807  C  CE  . LYS A 1 99  ? -0.136  -7.974  -10.692 1.00 40.91 ? 94  LYS A CE  1 
ATOM   808  N  NZ  . LYS A 1 99  ? -1.568  -8.083  -10.322 1.00 40.60 ? 94  LYS A NZ  1 
ATOM   809  N  N   . ALA A 1 100 ? -3.352  -4.048  -8.405  1.00 21.09 ? 95  ALA A N   1 
ATOM   810  C  CA  . ALA A 1 100 ? -4.161  -4.440  -7.235  1.00 21.72 ? 95  ALA A CA  1 
ATOM   811  C  C   . ALA A 1 100 ? -5.504  -4.939  -7.725  1.00 23.77 ? 95  ALA A C   1 
ATOM   812  O  O   . ALA A 1 100 ? -6.029  -5.933  -7.196  1.00 25.98 ? 95  ALA A O   1 
ATOM   813  C  CB  . ALA A 1 100 ? -4.309  -3.285  -6.271  1.00 23.38 ? 95  ALA A CB  1 
ATOM   814  N  N   . LEU A 1 101 ? -6.118  -4.259  -8.685  1.00 24.36 ? 96  LEU A N   1 
ATOM   815  C  CA  . LEU A 1 101 ? -7.472  -4.603  -9.194  1.00 25.65 ? 96  LEU A CA  1 
ATOM   816  C  C   . LEU A 1 101 ? -7.445  -5.870  -10.040 1.00 28.04 ? 96  LEU A C   1 
ATOM   817  O  O   . LEU A 1 101 ? -8.515  -6.547  -10.099 1.00 32.92 ? 96  LEU A O   1 
ATOM   818  C  CB  . LEU A 1 101 ? -8.016  -3.423  -9.999  1.00 24.76 ? 96  LEU A CB  1 
ATOM   819  C  CG  . LEU A 1 101 ? -8.458  -2.293  -9.111  1.00 27.38 ? 96  LEU A CG  1 
ATOM   820  C  CD1 . LEU A 1 101 ? -8.646  -1.010  -9.914  1.00 29.82 ? 96  LEU A CD1 1 
ATOM   821  C  CD2 . LEU A 1 101 ? -9.735  -2.655  -8.335  1.00 28.48 ? 96  LEU A CD2 1 
ATOM   822  N  N   . GLU A 1 102 ? -6.348  -6.199  -10.700 1.00 25.51 ? 97  GLU A N   1 
ATOM   823  C  CA  . GLU A 1 102 ? -6.226  -7.499  -11.407 1.00 27.54 ? 97  GLU A CA  1 
ATOM   824  C  C   . GLU A 1 102 ? -6.355  -8.612  -10.359 1.00 28.84 ? 97  GLU A C   1 
ATOM   825  O  O   . GLU A 1 102 ? -6.992  -9.630  -10.668 1.00 34.01 ? 97  GLU A O   1 
ATOM   826  C  CB  . GLU A 1 102 ? -4.880  -7.629  -12.096 1.00 32.62 ? 97  GLU A CB  1 
ATOM   827  C  CG  . GLU A 1 102 ? -4.798  -6.844  -13.391 1.00 39.08 ? 97  GLU A CG  1 
ATOM   828  C  CD  . GLU A 1 102 ? -3.374  -6.571  -13.843 1.00 52.75 ? 97  GLU A CD  1 
ATOM   829  O  OE1 . GLU A 1 102 ? -2.553  -7.525  -13.778 1.00 70.67 ? 97  GLU A OE1 1 
ATOM   830  O  OE2 . GLU A 1 102 ? -3.079  -5.404  -14.237 1.00 64.93 ? 97  GLU A OE2 1 
ATOM   831  N  N   . LEU A 1 103 ? -5.722  -8.471  -9.198  1.00 26.73 ? 98  LEU A N   1 
ATOM   832  C  CA  . LEU A 1 103 ? -5.740  -9.493  -8.108  1.00 28.44 ? 98  LEU A CA  1 
ATOM   833  C  C   . LEU A 1 103 ? -7.075  -9.464  -7.376  1.00 32.04 ? 98  LEU A C   1 
ATOM   834  O  O   . LEU A 1 103 ? -7.500  -10.563 -6.890  1.00 34.33 ? 98  LEU A O   1 
ATOM   835  C  CB  . LEU A 1 103 ? -4.578  -9.244  -7.154  1.00 27.37 ? 98  LEU A CB  1 
ATOM   836  C  CG  . LEU A 1 103 ? -3.229  -9.594  -7.741  1.00 24.84 ? 98  LEU A CG  1 
ATOM   837  C  CD1 . LEU A 1 103 ? -2.132  -8.902  -6.997  1.00 27.18 ? 98  LEU A CD1 1 
ATOM   838  C  CD2 . LEU A 1 103 ? -2.997  -11.099 -7.770  1.00 27.30 ? 98  LEU A CD2 1 
ATOM   839  N  N   . ASP A 1 104 ? -7.695  -8.297  -7.214  1.00 32.05 ? 99  ASP A N   1 
ATOM   840  C  CA  . ASP A 1 104 ? -8.958  -8.158  -6.458  1.00 33.36 ? 99  ASP A CA  1 
ATOM   841  C  C   . ASP A 1 104 ? -9.877  -7.184  -7.177  1.00 32.31 ? 99  ASP A C   1 
ATOM   842  O  O   . ASP A 1 104 ? -9.997  -6.030  -6.761  1.00 35.96 ? 99  ASP A O   1 
ATOM   843  C  CB  . ASP A 1 104 ? -8.737  -7.723  -5.015  1.00 34.03 ? 99  ASP A CB  1 
ATOM   844  C  CG  . ASP A 1 104 ? -10.041 -7.826  -4.224  1.00 39.93 ? 99  ASP A CG  1 
ATOM   845  O  OD1 . ASP A 1 104 ? -11.069 -8.266  -4.820  1.00 41.59 ? 99  ASP A OD1 1 
ATOM   846  O  OD2 . ASP A 1 104 ? -10.024 -7.437  -3.050  1.00 45.32 ? 99  ASP A OD2 1 
ATOM   847  N  N   . PRO A 1 105 ? -10.594 -7.649  -8.213  1.00 34.95 ? 100 PRO A N   1 
ATOM   848  C  CA  . PRO A 1 105 ? -11.473 -6.772  -8.979  1.00 36.55 ? 100 PRO A CA  1 
ATOM   849  C  C   . PRO A 1 105 ? -12.704 -6.278  -8.210  1.00 34.59 ? 100 PRO A C   1 
ATOM   850  O  O   . PRO A 1 105 ? -13.426 -5.477  -8.790  1.00 38.88 ? 100 PRO A O   1 
ATOM   851  C  CB  . PRO A 1 105 ? -11.864 -7.594  -10.223 1.00 38.39 ? 100 PRO A CB  1 
ATOM   852  C  CG  . PRO A 1 105 ? -11.436 -9.017  -9.948  1.00 39.29 ? 100 PRO A CG  1 
ATOM   853  C  CD  . PRO A 1 105 ? -10.515 -9.011  -8.754  1.00 35.55 ? 100 PRO A CD  1 
ATOM   854  N  N   . ARG A 1 106 ? -12.936 -6.725  -6.973  1.00 33.81 ? 101 ARG A N   1 
ATOM   855  C  CA  . ARG A 1 106 ? -14.099 -6.267  -6.160  1.00 37.83 ? 101 ARG A CA  1 
ATOM   856  C  C   . ARG A 1 106 ? -13.649 -5.296  -5.061  1.00 36.69 ? 101 ARG A C   1 
ATOM   857  O  O   . ARG A 1 106 ? -14.443 -4.970  -4.172  1.00 38.09 ? 101 ARG A O   1 
ATOM   858  C  CB  . ARG A 1 106 ? -14.830 -7.466  -5.554  1.00 46.32 ? 101 ARG A CB  1 
ATOM   859  C  CG  . ARG A 1 106 ? -15.383 -8.427  -6.595  1.00 51.93 ? 101 ARG A CG  1 
ATOM   860  C  CD  . ARG A 1 106 ? -16.333 -9.436  -5.959  1.00 62.60 ? 101 ARG A CD  1 
ATOM   861  N  NE  . ARG A 1 106 ? -15.692 -10.707 -5.626  1.00 70.36 ? 101 ARG A NE  1 
ATOM   862  C  CZ  . ARG A 1 106 ? -15.027 -10.992 -4.500  1.00 77.19 ? 101 ARG A CZ  1 
ATOM   863  N  NH1 . ARG A 1 106 ? -14.868 -10.094 -3.539  1.00 74.14 ? 101 ARG A NH1 1 
ATOM   864  N  NH2 . ARG A 1 106 ? -14.510 -12.198 -4.340  1.00 83.44 ? 101 ARG A NH2 1 
ATOM   865  N  N   . SER A 1 107 ? -12.440 -4.744  -5.154  1.00 35.06 ? 102 SER A N   1 
ATOM   866  C  CA  . SER A 1 107 ? -11.944 -3.777  -4.149  1.00 34.29 ? 102 SER A CA  1 
ATOM   867  C  C   . SER A 1 107 ? -12.495 -2.369  -4.460  1.00 35.18 ? 102 SER A C   1 
ATOM   868  O  O   . SER A 1 107 ? -11.939 -1.739  -5.378  1.00 32.32 ? 102 SER A O   1 
ATOM   869  C  CB  . SER A 1 107 ? -10.429 -3.810  -4.146  1.00 37.53 ? 102 SER A CB  1 
ATOM   870  O  OG  . SER A 1 107 ? -9.908  -2.716  -3.421  1.00 36.45 ? 102 SER A OG  1 
ATOM   871  N  N   . ALA A 1 108 ? -13.568 -1.925  -3.794  1.00 33.12 ? 103 ALA A N   1 
ATOM   872  C  CA  . ALA A 1 108 ? -14.195 -0.591  -4.001  1.00 32.20 ? 103 ALA A CA  1 
ATOM   873  C  C   . ALA A 1 108 ? -13.110 0.460   -3.768  1.00 34.17 ? 103 ALA A C   1 
ATOM   874  O  O   . ALA A 1 108 ? -13.054 1.464   -4.531  1.00 30.81 ? 103 ALA A O   1 
ATOM   875  C  CB  . ALA A 1 108 ? -15.391 -0.375  -3.102  1.00 34.02 ? 103 ALA A CB  1 
ATOM   876  N  N   . GLU A 1 109 ? -12.218 0.196   -2.816  1.00 33.56 ? 104 GLU A N   1 
ATOM   877  C  CA  . GLU A 1 109 ? -11.112 1.122   -2.425  1.00 32.54 ? 104 GLU A CA  1 
ATOM   878  C  C   . GLU A 1 109 ? -10.188 1.378   -3.610  1.00 29.42 ? 104 GLU A C   1 
ATOM   879  O  O   . GLU A 1 109 ? -9.829  2.599   -3.870  1.00 28.48 ? 104 GLU A O   1 
ATOM   880  C  CB  . GLU A 1 109 ? -10.296 0.524   -1.276  1.00 36.15 ? 104 GLU A CB  1 
ATOM   881  C  CG  . GLU A 1 109 ? -11.105 0.318   -0.006  1.00 44.07 ? 104 GLU A CG  1 
ATOM   882  C  CD  . GLU A 1 109 ? -12.131 -0.823  -0.003  1.00 48.40 ? 104 GLU A CD  1 
ATOM   883  O  OE1 . GLU A 1 109 ? -13.026 -0.796  0.868   1.00 58.03 ? 104 GLU A OE1 1 
ATOM   884  O  OE2 . GLU A 1 109 ? -12.067 -1.726  -0.869  1.00 46.80 ? 104 GLU A OE2 1 
ATOM   885  N  N   . ALA A 1 110 ? -9.724  0.325   -4.261  1.00 28.08 ? 105 ALA A N   1 
ATOM   886  C  CA  . ALA A 1 110 ? -8.757  0.424   -5.365  1.00 26.82 ? 105 ALA A CA  1 
ATOM   887  C  C   . ALA A 1 110 ? -9.474  1.119   -6.528  1.00 26.80 ? 105 ALA A C   1 
ATOM   888  O  O   . ALA A 1 110 ? -8.856  2.007   -7.126  1.00 25.74 ? 105 ALA A O   1 
ATOM   889  C  CB  . ALA A 1 110 ? -8.151  -0.902  -5.738  1.00 27.25 ? 105 ALA A CB  1 
ATOM   890  N  N   . TRP A 1 111 ? -10.722 0.767   -6.863  1.00 24.48 ? 106 TRP A N   1 
ATOM   891  C  CA  . TRP A 1 111 ? -11.440 1.488   -7.942  1.00 23.15 ? 106 TRP A CA  1 
ATOM   892  C  C   . TRP A 1 111 ? -11.549 2.961   -7.582  1.00 22.37 ? 106 TRP A C   1 
ATOM   893  O  O   . TRP A 1 111 ? -11.330 3.823   -8.487  1.00 20.82 ? 106 TRP A O   1 
ATOM   894  C  CB  . TRP A 1 111 ? -12.845 0.921   -8.139  1.00 24.85 ? 106 TRP A CB  1 
ATOM   895  C  CG  . TRP A 1 111 ? -12.858 -0.411  -8.823  1.00 22.30 ? 106 TRP A CG  1 
ATOM   896  C  CD1 . TRP A 1 111 ? -13.189 -1.607  -8.234  1.00 26.33 ? 106 TRP A CD1 1 
ATOM   897  C  CD2 . TRP A 1 111 ? -12.504 -0.704  -10.175 1.00 23.34 ? 106 TRP A CD2 1 
ATOM   898  N  NE1 . TRP A 1 111 ? -13.110 -2.607  -9.167  1.00 26.52 ? 106 TRP A NE1 1 
ATOM   899  C  CE2 . TRP A 1 111 ? -12.701 -2.100  -10.365 1.00 25.58 ? 106 TRP A CE2 1 
ATOM   900  C  CE3 . TRP A 1 111 ? -12.108 0.048   -11.276 1.00 26.09 ? 106 TRP A CE3 1 
ATOM   901  C  CZ2 . TRP A 1 111 ? -12.463 -2.722  -11.588 1.00 26.60 ? 106 TRP A CZ2 1 
ATOM   902  C  CZ3 . TRP A 1 111 ? -11.835 -0.574  -12.481 1.00 27.25 ? 106 TRP A CZ3 1 
ATOM   903  C  CH2 . TRP A 1 111 ? -12.026 -1.956  -12.637 1.00 27.59 ? 106 TRP A CH2 1 
ATOM   904  N  N   . TYR A 1 112 ? -11.921 3.287   -6.357  1.00 21.50 ? 107 TYR A N   1 
ATOM   905  C  CA  . TYR A 1 112 ? -12.118 4.695   -5.948  1.00 23.82 ? 107 TYR A CA  1 
ATOM   906  C  C   . TYR A 1 112 ? -10.788 5.454   -6.110  1.00 22.24 ? 107 TYR A C   1 
ATOM   907  O  O   . TYR A 1 112 ? -10.737 6.580   -6.604  1.00 21.37 ? 107 TYR A O   1 
ATOM   908  C  CB  . TYR A 1 112 ? -12.657 4.734   -4.520  1.00 26.50 ? 107 TYR A CB  1 
ATOM   909  C  CG  . TYR A 1 112 ? -12.842 6.111   -3.956  1.00 28.61 ? 107 TYR A CG  1 
ATOM   910  C  CD1 . TYR A 1 112 ? -13.790 6.956   -4.496  1.00 29.01 ? 107 TYR A CD1 1 
ATOM   911  C  CD2 . TYR A 1 112 ? -12.128 6.553   -2.845  1.00 30.40 ? 107 TYR A CD2 1 
ATOM   912  C  CE1 . TYR A 1 112 ? -14.001 8.225   -3.983  1.00 30.53 ? 107 TYR A CE1 1 
ATOM   913  C  CE2 . TYR A 1 112 ? -12.360 7.808   -2.292  1.00 31.95 ? 107 TYR A CE2 1 
ATOM   914  C  CZ  . TYR A 1 112 ? -13.303 8.641   -2.867  1.00 32.22 ? 107 TYR A CZ  1 
ATOM   915  O  OH  . TYR A 1 112 ? -13.524 9.892   -2.348  1.00 37.79 ? 107 TYR A OH  1 
ATOM   916  N  N   . ASN A 1 113 ? -9.694  4.871   -5.617  1.00 22.92 ? 108 ASN A N   1 
ATOM   917  C  CA  . ASN A 1 113 ? -8.395  5.576   -5.663  1.00 22.35 ? 108 ASN A CA  1 
ATOM   918  C  C   . ASN A 1 113 ? -7.875  5.653   -7.098  1.00 20.91 ? 108 ASN A C   1 
ATOM   919  O  O   . ASN A 1 113 ? -7.223  6.640   -7.444  1.00 20.55 ? 108 ASN A O   1 
ATOM   920  C  CB  . ASN A 1 113 ? -7.357  4.924   -4.745  1.00 24.75 ? 108 ASN A CB  1 
ATOM   921  C  CG  . ASN A 1 113 ? -7.525  5.422   -3.329  1.00 31.02 ? 108 ASN A CG  1 
ATOM   922  O  OD1 . ASN A 1 113 ? -8.294  6.362   -3.083  1.00 32.62 ? 108 ASN A OD1 1 
ATOM   923  N  ND2 . ASN A 1 113 ? -6.683  4.906   -2.434  1.00 33.64 ? 108 ASN A ND2 1 
ATOM   924  N  N   . LEU A 1 114 ? -8.200  4.686   -7.939  1.00 20.65 ? 109 LEU A N   1 
ATOM   925  C  CA  . LEU A 1 114 ? -7.899  4.804   -9.380  1.00 20.46 ? 109 LEU A CA  1 
ATOM   926  C  C   . LEU A 1 114 ? -8.663  6.009   -9.957  1.00 19.40 ? 109 LEU A C   1 
ATOM   927  O  O   . LEU A 1 114 ? -8.060  6.804   -10.686 1.00 18.59 ? 109 LEU A O   1 
ATOM   928  C  CB  . LEU A 1 114 ? -8.270  3.487   -10.068 1.00 21.58 ? 109 LEU A CB  1 
ATOM   929  C  CG  . LEU A 1 114 ? -7.962  3.436   -11.547 1.00 21.84 ? 109 LEU A CG  1 
ATOM   930  C  CD1 . LEU A 1 114 ? -6.478  3.560   -11.822 1.00 22.93 ? 109 LEU A CD1 1 
ATOM   931  C  CD2 . LEU A 1 114 ? -8.477  2.139   -12.180 1.00 25.12 ? 109 LEU A CD2 1 
ATOM   932  N  N   . GLY A 1 115 ? -9.925  6.169   -9.615  1.00 19.43 ? 110 GLY A N   1 
ATOM   933  C  CA  . GLY A 1 115 ? -10.695 7.341   -10.047 1.00 19.42 ? 110 GLY A CA  1 
ATOM   934  C  C   . GLY A 1 115 ? -10.074 8.624   -9.510  1.00 18.40 ? 110 GLY A C   1 
ATOM   935  O  O   . GLY A 1 115 ? -9.962  9.593   -10.277 1.00 18.65 ? 110 GLY A O   1 
ATOM   936  N  N   . ASN A 1 116 ? -9.655  8.620   -8.242  1.00 18.85 ? 111 ASN A N   1 
ATOM   937  C  CA  . ASN A 1 116 ? -9.002  9.812   -7.656  1.00 18.68 ? 111 ASN A CA  1 
ATOM   938  C  C   . ASN A 1 116 ? -7.753  10.169  -8.455  1.00 18.27 ? 111 ASN A C   1 
ATOM   939  O  O   . ASN A 1 116 ? -7.465  11.346  -8.706  1.00 18.78 ? 111 ASN A O   1 
ATOM   940  C  CB  . ASN A 1 116 ? -8.670  9.593   -6.185  1.00 21.98 ? 111 ASN A CB  1 
ATOM   941  C  CG  . ASN A 1 116 ? -9.881  9.610   -5.300  1.00 23.06 ? 111 ASN A CG  1 
ATOM   942  O  OD1 . ASN A 1 116 ? -10.867 10.274  -5.607  1.00 24.34 ? 111 ASN A OD1 1 
ATOM   943  N  ND2 . ASN A 1 116 ? -9.801  8.839   -4.218  1.00 26.05 ? 111 ASN A ND2 1 
ATOM   944  N  N   . ALA A 1 117 ? -6.937  9.184   -8.822  1.00 17.98 ? 112 ALA A N   1 
ATOM   945  C  CA  . ALA A 1 117 ? -5.700  9.430   -9.556  1.00 17.47 ? 112 ALA A CA  1 
ATOM   946  C  C   . ALA A 1 117 ? -6.002  10.072  -10.908 1.00 17.05 ? 112 ALA A C   1 
ATOM   947  O  O   . ALA A 1 117 ? -5.326  10.998  -11.309 1.00 19.14 ? 112 ALA A O   1 
ATOM   948  C  CB  . ALA A 1 117 ? -4.884  8.175   -9.669  1.00 18.20 ? 112 ALA A CB  1 
ATOM   949  N  N   . TYR A 1 118 ? -7.029  9.601   -11.621 1.00 17.74 ? 113 TYR A N   1 
ATOM   950  C  CA  . TYR A 1 118 ? -7.429  10.245  -12.887 1.00 17.72 ? 113 TYR A CA  1 
ATOM   951  C  C   . TYR A 1 118 ? -7.974  11.658  -12.638 1.00 18.48 ? 113 TYR A C   1 
ATOM   952  O  O   . TYR A 1 118 ? -7.654  12.551  -13.411 1.00 19.48 ? 113 TYR A O   1 
ATOM   953  C  CB  . TYR A 1 118 ? -8.394  9.366   -13.667 1.00 17.87 ? 113 TYR A CB  1 
ATOM   954  C  CG  . TYR A 1 118 ? -7.698  8.255   -14.424 1.00 17.48 ? 113 TYR A CG  1 
ATOM   955  C  CD1 . TYR A 1 118 ? -7.041  8.535   -15.613 1.00 17.42 ? 113 TYR A CD1 1 
ATOM   956  C  CD2 . TYR A 1 118 ? -7.721  6.957   -13.997 1.00 17.73 ? 113 TYR A CD2 1 
ATOM   957  C  CE1 . TYR A 1 118 ? -6.456  7.524   -16.363 1.00 16.89 ? 113 TYR A CE1 1 
ATOM   958  C  CE2 . TYR A 1 118 ? -7.113  5.933   -14.710 1.00 19.29 ? 113 TYR A CE2 1 
ATOM   959  C  CZ  . TYR A 1 118 ? -6.516  6.244   -15.903 1.00 17.56 ? 113 TYR A CZ  1 
ATOM   960  O  OH  . TYR A 1 118 ? -5.930  5.213   -16.624 1.00 19.07 ? 113 TYR A OH  1 
ATOM   961  N  N   . TYR A 1 119 ? -8.749  11.826  -11.576 1.00 18.38 ? 114 TYR A N   1 
ATOM   962  C  CA  . TYR A 1 119 ? -9.263  13.176  -11.218 1.00 18.56 ? 114 TYR A CA  1 
ATOM   963  C  C   . TYR A 1 119 ? -8.090  14.131  -11.027 1.00 19.64 ? 114 TYR A C   1 
ATOM   964  O  O   . TYR A 1 119 ? -8.083  15.236  -11.601 1.00 21.05 ? 114 TYR A O   1 
ATOM   965  C  CB  . TYR A 1 119 ? -10.157 13.069  -9.985  1.00 19.57 ? 114 TYR A CB  1 
ATOM   966  C  CG  . TYR A 1 119 ? -10.836 14.360  -9.607  1.00 20.34 ? 114 TYR A CG  1 
ATOM   967  C  CD1 . TYR A 1 119 ? -10.146 15.382  -8.960  1.00 22.51 ? 114 TYR A CD1 1 
ATOM   968  C  CD2 . TYR A 1 119 ? -12.135 14.592  -9.958  1.00 20.07 ? 114 TYR A CD2 1 
ATOM   969  C  CE1 . TYR A 1 119 ? -10.785 16.576  -8.621  1.00 24.71 ? 114 TYR A CE1 1 
ATOM   970  C  CE2 . TYR A 1 119 ? -12.788 15.770  -9.615  1.00 22.38 ? 114 TYR A CE2 1 
ATOM   971  C  CZ  . TYR A 1 119 ? -12.107 16.742  -8.948  1.00 23.45 ? 114 TYR A CZ  1 
ATOM   972  O  OH  . TYR A 1 119 ? -12.819 17.895  -8.642  1.00 25.01 ? 114 TYR A OH  1 
ATOM   973  N  N   . LYS A 1 120 ? -7.081  13.696  -10.285 1.00 19.51 ? 115 LYS A N   1 
ATOM   974  C  CA  . LYS A 1 120 ? -5.880  14.529  -10.045 1.00 21.47 ? 115 LYS A CA  1 
ATOM   975  C  C   . LYS A 1 120 ? -5.111  14.798  -11.332 1.00 22.62 ? 115 LYS A C   1 
ATOM   976  O  O   . LYS A 1 120 ? -4.451  15.850  -11.376 1.00 26.29 ? 115 LYS A O   1 
ATOM   977  C  CB  . LYS A 1 120 ? -4.974  13.878  -8.997  1.00 23.40 ? 115 LYS A CB  1 
ATOM   978  C  CG  . LYS A 1 120 ? -5.547  13.878  -7.604  1.00 25.89 ? 115 LYS A CG  1 
ATOM   979  C  CD  . LYS A 1 120 ? -5.607  15.262  -6.971  1.00 29.18 ? 115 LYS A CD  1 
ATOM   980  C  CE  . LYS A 1 120 ? -5.506  15.182  -5.477  1.00 33.73 ? 115 LYS A CE  1 
ATOM   981  N  NZ  . LYS A 1 120 ? -5.641  16.534  -4.901  1.00 38.13 ? 115 LYS A NZ  1 
ATOM   982  N  N   . GLN A 1 121 ? -5.138  13.873  -12.293 1.00 22.40 ? 116 GLN A N   1 
ATOM   983  C  CA  . GLN A 1 121 ? -4.519  14.056  -13.638 1.00 24.87 ? 116 GLN A CA  1 
ATOM   984  C  C   . GLN A 1 121 ? -5.385  14.990  -14.490 1.00 25.92 ? 116 GLN A C   1 
ATOM   985  O  O   . GLN A 1 121 ? -4.969  15.305  -15.645 1.00 27.83 ? 116 GLN A O   1 
ATOM   986  C  CB  . GLN A 1 121 ? -4.332  12.714  -14.349 1.00 24.63 ? 116 GLN A CB  1 
ATOM   987  C  CG  . GLN A 1 121 ? -3.304  11.761  -13.738 1.00 27.31 ? 116 GLN A CG  1 
ATOM   988  C  CD  . GLN A 1 121 ? -1.916  12.309  -13.906 1.00 29.68 ? 116 GLN A CD  1 
ATOM   989  O  OE1 . GLN A 1 121 ? -1.471  13.132  -13.121 1.00 29.16 ? 116 GLN A OE1 1 
ATOM   990  N  NE2 . GLN A 1 121 ? -1.192  11.832  -14.897 1.00 33.66 ? 116 GLN A NE2 1 
ATOM   991  N  N   . GLY A 1 122 ? -6.566  15.385  -14.046 1.00 22.87 ? 117 GLY A N   1 
ATOM   992  C  CA  . GLY A 1 122 ? -7.467  16.234  -14.834 1.00 22.61 ? 117 GLY A CA  1 
ATOM   993  C  C   . GLY A 1 122 ? -8.203  15.471  -15.920 1.00 20.42 ? 117 GLY A C   1 
ATOM   994  O  O   . GLY A 1 122 ? -8.650  16.126  -16.914 1.00 23.17 ? 117 GLY A O   1 
ATOM   995  N  N   . ASP A 1 123 ? -8.363  14.156  -15.764 1.00 19.13 ? 118 ASP A N   1 
ATOM   996  C  CA  . ASP A 1 123 ? -9.133  13.342  -16.713 1.00 18.76 ? 118 ASP A CA  1 
ATOM   997  C  C   . ASP A 1 123 ? -10.455 12.962  -16.060 1.00 19.38 ? 118 ASP A C   1 
ATOM   998  O  O   . ASP A 1 123 ? -10.552 11.920  -15.390 1.00 18.81 ? 118 ASP A O   1 
ATOM   999  C  CB  . ASP A 1 123 ? -8.414  12.100  -17.267 1.00 20.70 ? 118 ASP A CB  1 
ATOM   1000 C  CG  . ASP A 1 123 ? -9.122  11.683  -18.547 1.00 20.75 ? 118 ASP A CG  1 
ATOM   1001 O  OD1 . ASP A 1 123 ? -10.370 11.664  -18.581 1.00 22.22 ? 118 ASP A OD1 1 
ATOM   1002 O  OD2 . ASP A 1 123 ? -8.449  11.448  -19.595 1.00 23.74 ? 118 ASP A OD2 1 
ATOM   1003 N  N   . TYR A 1 124 ? -11.438 13.847  -16.194 1.00 19.17 ? 119 TYR A N   1 
ATOM   1004 C  CA  . TYR A 1 124 ? -12.680 13.700  -15.399 1.00 18.65 ? 119 TYR A CA  1 
ATOM   1005 C  C   . TYR A 1 124 ? -13.551 12.574  -15.932 1.00 17.82 ? 119 TYR A C   1 
ATOM   1006 O  O   . TYR A 1 124 ? -14.288 11.954  -15.164 1.00 18.69 ? 119 TYR A O   1 
ATOM   1007 C  CB  . TYR A 1 124 ? -13.425 15.042  -15.341 1.00 20.17 ? 119 TYR A CB  1 
ATOM   1008 C  CG  . TYR A 1 124 ? -12.531 16.112  -14.778 1.00 20.60 ? 119 TYR A CG  1 
ATOM   1009 C  CD1 . TYR A 1 124 ? -12.040 15.985  -13.499 1.00 19.84 ? 119 TYR A CD1 1 
ATOM   1010 C  CD2 . TYR A 1 124 ? -12.094 17.195  -15.521 1.00 21.51 ? 119 TYR A CD2 1 
ATOM   1011 C  CE1 . TYR A 1 124 ? -11.118 16.868  -12.981 1.00 20.67 ? 119 TYR A CE1 1 
ATOM   1012 C  CE2 . TYR A 1 124 ? -11.208 18.121  -15.001 1.00 22.03 ? 119 TYR A CE2 1 
ATOM   1013 C  CZ  . TYR A 1 124 ? -10.687 17.930  -13.752 1.00 22.26 ? 119 TYR A CZ  1 
ATOM   1014 O  OH  . TYR A 1 124 ? -9.781  18.811  -13.206 1.00 27.86 ? 119 TYR A OH  1 
ATOM   1015 N  N   . ASP A 1 125 ? -13.486 12.336  -17.248 1.00 18.89 ? 120 ASP A N   1 
ATOM   1016 C  CA  . ASP A 1 125 ? -14.300 11.268  -17.848 1.00 19.87 ? 120 ASP A CA  1 
ATOM   1017 C  C   . ASP A 1 125 ? -13.791 9.906   -17.362 1.00 18.15 ? 120 ASP A C   1 
ATOM   1018 O  O   . ASP A 1 125 ? -14.600 9.042   -17.067 1.00 19.47 ? 120 ASP A O   1 
ATOM   1019 C  CB  . ASP A 1 125 ? -14.395 11.373  -19.374 1.00 19.27 ? 120 ASP A CB  1 
ATOM   1020 C  CG  . ASP A 1 125 ? -13.095 11.594  -20.115 1.00 20.81 ? 120 ASP A CG  1 
ATOM   1021 O  OD1 . ASP A 1 125 ? -12.623 12.762  -20.097 1.00 22.87 ? 120 ASP A OD1 1 
ATOM   1022 O  OD2 . ASP A 1 125 ? -12.497 10.566  -20.676 1.00 20.31 ? 120 ASP A OD2 1 
ATOM   1023 N  N   . GLU A 1 126 ? -12.470 9.738   -17.248 1.00 17.74 ? 121 GLU A N   1 
ATOM   1024 C  CA  . GLU A 1 126 ? -11.955 8.473   -16.704 1.00 18.49 ? 121 GLU A CA  1 
ATOM   1025 C  C   . GLU A 1 126 ? -12.288 8.400   -15.224 1.00 18.66 ? 121 GLU A C   1 
ATOM   1026 O  O   . GLU A 1 126 ? -12.682 7.361   -14.744 1.00 17.97 ? 121 GLU A O   1 
ATOM   1027 C  CB  . GLU A 1 126 ? -10.448 8.384   -16.887 1.00 18.99 ? 121 GLU A CB  1 
ATOM   1028 C  CG  . GLU A 1 126 ? -10.046 8.266   -18.359 1.00 20.10 ? 121 GLU A CG  1 
ATOM   1029 C  CD  . GLU A 1 126 ? -10.638 7.099   -19.100 1.00 22.56 ? 121 GLU A CD  1 
ATOM   1030 O  OE1 . GLU A 1 126 ? -10.376 5.937   -18.706 1.00 23.83 ? 121 GLU A OE1 1 
ATOM   1031 O  OE2 . GLU A 1 126 ? -11.464 7.324   -20.004 1.00 20.79 ? 121 GLU A OE2 1 
ATOM   1032 N  N   . ALA A 1 127 ? -12.145 9.515   -14.469 1.00 18.31 ? 122 ALA A N   1 
ATOM   1033 C  CA  . ALA A 1 127 ? -12.526 9.476   -13.033 1.00 17.75 ? 122 ALA A CA  1 
ATOM   1034 C  C   . ALA A 1 127 ? -13.962 8.986   -12.848 1.00 17.43 ? 122 ALA A C   1 
ATOM   1035 O  O   . ALA A 1 127 ? -14.183 8.144   -11.975 1.00 18.20 ? 122 ALA A O   1 
ATOM   1036 C  CB  . ALA A 1 127 ? -12.333 10.832  -12.410 1.00 19.77 ? 122 ALA A CB  1 
ATOM   1037 N  N   . ILE A 1 128 ? -14.848 9.542   -13.638 1.00 18.87 ? 123 ILE A N   1 
ATOM   1038 C  CA  . ILE A 1 128 ? -16.267 9.151   -13.564 1.00 19.52 ? 123 ILE A CA  1 
ATOM   1039 C  C   . ILE A 1 128 ? -16.403 7.638   -13.751 1.00 20.21 ? 123 ILE A C   1 
ATOM   1040 O  O   . ILE A 1 128 ? -17.157 7.015   -12.995 1.00 19.85 ? 123 ILE A O   1 
ATOM   1041 C  CB  . ILE A 1 128 ? -17.095 9.972   -14.558 1.00 19.37 ? 123 ILE A CB  1 
ATOM   1042 C  CG1 . ILE A 1 128 ? -17.246 11.428  -14.084 1.00 20.01 ? 123 ILE A CG1 1 
ATOM   1043 C  CG2 . ILE A 1 128 ? -18.459 9.302   -14.766 1.00 20.64 ? 123 ILE A CG2 1 
ATOM   1044 C  CD1 . ILE A 1 128 ? -17.685 12.376  -15.145 1.00 21.39 ? 123 ILE A CD1 1 
ATOM   1045 N  N   . GLU A 1 129 ? -15.737 7.060   -14.767 1.00 18.94 ? 124 GLU A N   1 
ATOM   1046 C  CA  A GLU A 1 129 ? -15.879 5.610   -15.031 0.50 20.20 ? 124 GLU A CA  1 
ATOM   1047 C  CA  B GLU A 1 129 ? -15.911 5.611   -15.028 0.50 21.19 ? 124 GLU A CA  1 
ATOM   1048 C  C   . GLU A 1 129 ? -15.484 4.813   -13.792 1.00 20.54 ? 124 GLU A C   1 
ATOM   1049 O  O   . GLU A 1 129 ? -16.169 3.871   -13.419 1.00 21.67 ? 124 GLU A O   1 
ATOM   1050 C  CB  A GLU A 1 129 ? -15.004 5.201   -16.213 0.50 20.41 ? 124 GLU A CB  1 
ATOM   1051 C  CB  B GLU A 1 129 ? -15.161 5.210   -16.303 0.50 23.02 ? 124 GLU A CB  1 
ATOM   1052 C  CG  A GLU A 1 129 ? -15.569 5.643   -17.547 0.50 21.38 ? 124 GLU A CG  1 
ATOM   1053 C  CG  B GLU A 1 129 ? -15.893 5.633   -17.565 0.50 24.97 ? 124 GLU A CG  1 
ATOM   1054 C  CD  A GLU A 1 129 ? -14.886 5.004   -18.748 0.50 20.25 ? 124 GLU A CD  1 
ATOM   1055 C  CD  B GLU A 1 129 ? -15.049 5.689   -18.833 0.50 27.90 ? 124 GLU A CD  1 
ATOM   1056 O  OE1 A GLU A 1 129 ? -13.987 5.657   -19.312 0.50 18.70 ? 124 GLU A OE1 1 
ATOM   1057 O  OE1 B GLU A 1 129 ? -13.816 5.446   -18.758 0.50 25.10 ? 124 GLU A OE1 1 
ATOM   1058 O  OE2 A GLU A 1 129 ? -15.333 3.885   -19.165 0.50 24.41 ? 124 GLU A OE2 1 
ATOM   1059 O  OE2 B GLU A 1 129 ? -15.616 6.030   -19.883 0.50 32.24 ? 124 GLU A OE2 1 
ATOM   1060 N  N   . TYR A 1 130 ? -14.381 5.183   -13.153 1.00 19.63 ? 125 TYR A N   1 
ATOM   1061 C  CA  . TYR A 1 130 ? -13.873 4.381   -12.026 1.00 19.49 ? 125 TYR A CA  1 
ATOM   1062 C  C   . TYR A 1 130 ? -14.651 4.642   -10.748 1.00 21.32 ? 125 TYR A C   1 
ATOM   1063 O  O   . TYR A 1 130 ? -14.864 3.744   -9.971  1.00 21.79 ? 125 TYR A O   1 
ATOM   1064 C  CB  . TYR A 1 130 ? -12.364 4.628   -11.907 1.00 19.13 ? 125 TYR A CB  1 
ATOM   1065 C  CG  . TYR A 1 130 ? -11.654 4.097   -13.119 1.00 19.60 ? 125 TYR A CG  1 
ATOM   1066 C  CD1 . TYR A 1 130 ? -11.920 2.818   -13.594 1.00 24.46 ? 125 TYR A CD1 1 
ATOM   1067 C  CD2 . TYR A 1 130 ? -10.848 4.898   -13.879 1.00 20.33 ? 125 TYR A CD2 1 
ATOM   1068 C  CE1 . TYR A 1 130 ? -11.295 2.354   -14.740 1.00 24.94 ? 125 TYR A CE1 1 
ATOM   1069 C  CE2 . TYR A 1 130 ? -10.217 4.449   -15.026 1.00 21.26 ? 125 TYR A CE2 1 
ATOM   1070 C  CZ  . TYR A 1 130 ? -10.428 3.167   -15.444 1.00 23.80 ? 125 TYR A CZ  1 
ATOM   1071 O  OH  . TYR A 1 130 ? -9.767  2.744   -16.572 1.00 23.40 ? 125 TYR A OH  1 
ATOM   1072 N  N   . TYR A 1 131 ? -15.075 5.879   -10.511 1.00 19.81 ? 126 TYR A N   1 
ATOM   1073 C  CA  . TYR A 1 131 ? -15.989 6.160   -9.390  1.00 19.71 ? 126 TYR A CA  1 
ATOM   1074 C  C   . TYR A 1 131 ? -17.314 5.418   -9.554  1.00 22.33 ? 126 TYR A C   1 
ATOM   1075 O  O   . TYR A 1 131 ? -17.793 4.898   -8.528  1.00 23.30 ? 126 TYR A O   1 
ATOM   1076 C  CB  . TYR A 1 131 ? -16.281 7.654   -9.341  1.00 19.78 ? 126 TYR A CB  1 
ATOM   1077 C  CG  . TYR A 1 131 ? -15.184 8.568   -8.874  1.00 20.00 ? 126 TYR A CG  1 
ATOM   1078 C  CD1 . TYR A 1 131 ? -14.156 8.159   -8.050  1.00 21.69 ? 126 TYR A CD1 1 
ATOM   1079 C  CD2 . TYR A 1 131 ? -15.170 9.879   -9.296  1.00 20.55 ? 126 TYR A CD2 1 
ATOM   1080 C  CE1 . TYR A 1 131 ? -13.176 9.049   -7.616  1.00 22.36 ? 126 TYR A CE1 1 
ATOM   1081 C  CE2 . TYR A 1 131 ? -14.191 10.774  -8.887  1.00 20.28 ? 126 TYR A CE2 1 
ATOM   1082 C  CZ  . TYR A 1 131 ? -13.212 10.373  -8.012  1.00 19.89 ? 126 TYR A CZ  1 
ATOM   1083 O  OH  . TYR A 1 131 ? -12.242 11.271  -7.612  1.00 22.35 ? 126 TYR A OH  1 
ATOM   1084 N  N   . GLN A 1 132 ? -17.869 5.373   -10.748 1.00 22.03 ? 127 GLN A N   1 
ATOM   1085 C  CA  . GLN A 1 132 ? -19.135 4.615   -10.986 1.00 25.27 ? 127 GLN A CA  1 
ATOM   1086 C  C   . GLN A 1 132 ? -18.914 3.142   -10.627 1.00 25.62 ? 127 GLN A C   1 
ATOM   1087 O  O   . GLN A 1 132 ? -19.762 2.557   -9.929  1.00 28.13 ? 127 GLN A O   1 
ATOM   1088 C  CB  . GLN A 1 132 ? -19.571 4.725   -12.433 1.00 26.97 ? 127 GLN A CB  1 
ATOM   1089 C  CG  . GLN A 1 132 ? -20.213 6.030   -12.816 1.00 29.81 ? 127 GLN A CG  1 
ATOM   1090 C  CD  . GLN A 1 132 ? -20.446 6.105   -14.306 1.00 33.05 ? 127 GLN A CD  1 
ATOM   1091 O  OE1 . GLN A 1 132 ? -19.704 5.552   -15.135 1.00 37.10 ? 127 GLN A OE1 1 
ATOM   1092 N  NE2 . GLN A 1 132 ? -21.460 6.848   -14.667 1.00 37.14 ? 127 GLN A NE2 1 
ATOM   1093 N  N   . LYS A 1 133 ? -17.766 2.569   -10.994 1.00 24.06 ? 128 LYS A N   1 
ATOM   1094 C  CA  . LYS A 1 133 ? -17.468 1.154   -10.655 1.00 25.06 ? 128 LYS A CA  1 
ATOM   1095 C  C   . LYS A 1 133 ? -17.359 0.998   -9.141  1.00 25.64 ? 128 LYS A C   1 
ATOM   1096 O  O   . LYS A 1 133 ? -17.917 0.046   -8.585  1.00 29.40 ? 128 LYS A O   1 
ATOM   1097 C  CB  . LYS A 1 133 ? -16.218 0.709   -11.405 1.00 26.01 ? 128 LYS A CB  1 
ATOM   1098 C  CG  . LYS A 1 133 ? -15.838 -0.740  -11.179 1.00 31.64 ? 128 LYS A CG  1 
ATOM   1099 C  CD  . LYS A 1 133 ? -16.907 -1.753  -11.563 1.00 35.87 ? 128 LYS A CD  1 
ATOM   1100 C  CE  . LYS A 1 133 ? -16.357 -3.164  -11.529 1.00 44.62 ? 128 LYS A CE  1 
ATOM   1101 N  NZ  . LYS A 1 133 ? -17.333 -4.121  -10.940 1.00 50.67 ? 128 LYS A NZ  1 
ATOM   1102 N  N   . ALA A 1 134 ? -16.665 1.887   -8.437  1.00 24.38 ? 129 ALA A N   1 
ATOM   1103 C  CA  . ALA A 1 134 ? -16.526 1.829   -6.977  1.00 23.27 ? 129 ALA A CA  1 
ATOM   1104 C  C   . ALA A 1 134 ? -17.921 1.881   -6.309  1.00 25.16 ? 129 ALA A C   1 
ATOM   1105 O  O   . ALA A 1 134 ? -18.108 1.258   -5.251  1.00 29.72 ? 129 ALA A O   1 
ATOM   1106 C  CB  . ALA A 1 134 ? -15.664 2.971   -6.496  1.00 27.12 ? 129 ALA A CB  1 
ATOM   1107 N  N   . LEU A 1 135 ? -18.778 2.770   -6.797  1.00 25.68 ? 130 LEU A N   1 
ATOM   1108 C  CA  . LEU A 1 135 ? -20.111 3.020   -6.179  1.00 28.59 ? 130 LEU A CA  1 
ATOM   1109 C  C   . LEU A 1 135 ? -21.054 1.856   -6.492  1.00 31.63 ? 130 LEU A C   1 
ATOM   1110 O  O   . LEU A 1 135 ? -21.977 1.588   -5.667  1.00 34.42 ? 130 LEU A O   1 
ATOM   1111 C  CB  . LEU A 1 135 ? -20.649 4.341   -6.726  1.00 29.33 ? 130 LEU A CB  1 
ATOM   1112 C  CG  . LEU A 1 135 ? -20.026 5.548   -6.045  1.00 32.18 ? 130 LEU A CG  1 
ATOM   1113 C  CD1 . LEU A 1 135 ? -20.344 6.823   -6.793  1.00 32.40 ? 130 LEU A CD1 1 
ATOM   1114 C  CD2 . LEU A 1 135 ? -20.457 5.635   -4.594  1.00 34.94 ? 130 LEU A CD2 1 
ATOM   1115 N  N   . GLU A 1 136 ? -20.825 1.165   -7.595  1.00 29.92 ? 131 GLU A N   1 
ATOM   1116 C  CA  . GLU A 1 136 ? -21.576 -0.068  -7.974  1.00 36.27 ? 131 GLU A CA  1 
ATOM   1117 C  C   . GLU A 1 136 ? -21.263 -1.105  -6.892  1.00 41.79 ? 131 GLU A C   1 
ATOM   1118 O  O   . GLU A 1 136 ? -22.206 -1.745  -6.386  1.00 42.96 ? 131 GLU A O   1 
ATOM   1119 C  CB  . GLU A 1 136 ? -21.228 -0.479  -9.408  1.00 40.13 ? 131 GLU A CB  1 
ATOM   1120 C  CG  . GLU A 1 136 ? -21.723 -1.855  -9.826  1.00 51.71 ? 131 GLU A CG  1 
ATOM   1121 C  CD  . GLU A 1 136 ? -20.851 -2.558  -10.858 1.00 55.03 ? 131 GLU A CD  1 
ATOM   1122 O  OE1 . GLU A 1 136 ? -20.868 -2.133  -12.032 1.00 64.65 ? 131 GLU A OE1 1 
ATOM   1123 O  OE2 . GLU A 1 136 ? -20.128 -3.510  -10.476 1.00 56.93 ? 131 GLU A OE2 1 
ATOM   1124 N  N   . LEU A 1 137 ? -20.000 -1.206  -6.474  1.00 41.65 ? 132 LEU A N   1 
ATOM   1125 C  CA  . LEU A 1 137 ? -19.558 -2.177  -5.441  1.00 41.28 ? 132 LEU A CA  1 
ATOM   1126 C  C   . LEU A 1 137 ? -19.990 -1.722  -4.048  1.00 47.73 ? 132 LEU A C   1 
ATOM   1127 O  O   . LEU A 1 137 ? -20.422 -2.591  -3.283  1.00 50.41 ? 132 LEU A O   1 
ATOM   1128 C  CB  . LEU A 1 137 ? -18.039 -2.356  -5.502  1.00 42.52 ? 132 LEU A CB  1 
ATOM   1129 C  CG  . LEU A 1 137 ? -17.528 -3.031  -6.768  1.00 37.97 ? 132 LEU A CG  1 
ATOM   1130 C  CD1 . LEU A 1 137 ? -16.031 -2.802  -6.912  1.00 39.28 ? 132 LEU A CD1 1 
ATOM   1131 C  CD2 . LEU A 1 137 ? -17.843 -4.527  -6.775  1.00 43.13 ? 132 LEU A CD2 1 
ATOM   1132 N  N   . ASP A 1 138 ? -19.847 -0.433  -3.706  1.00 44.22 ? 133 ASP A N   1 
ATOM   1133 C  CA  . ASP A 1 138 ? -20.193 0.055   -2.342  1.00 47.18 ? 133 ASP A CA  1 
ATOM   1134 C  C   . ASP A 1 138 ? -20.800 1.453   -2.417  1.00 48.40 ? 133 ASP A C   1 
ATOM   1135 O  O   . ASP A 1 138 ? -20.071 2.446   -2.398  1.00 46.26 ? 133 ASP A O   1 
ATOM   1136 C  CB  . ASP A 1 138 ? -18.971 0.011   -1.424  1.00 49.93 ? 133 ASP A CB  1 
ATOM   1137 C  CG  . ASP A 1 138 ? -19.288 0.331   0.028   1.00 55.23 ? 133 ASP A CG  1 
ATOM   1138 O  OD1 . ASP A 1 138 ? -20.426 0.795   0.301   1.00 52.53 ? 133 ASP A OD1 1 
ATOM   1139 O  OD2 . ASP A 1 138 ? -18.391 0.126   0.874   1.00 60.23 ? 133 ASP A OD2 1 
ATOM   1140 N  N   . PRO A 1 139 ? -22.149 1.565   -2.465  1.00 48.71 ? 134 PRO A N   1 
ATOM   1141 C  CA  . PRO A 1 139 ? -22.824 2.863   -2.618  1.00 48.86 ? 134 PRO A CA  1 
ATOM   1142 C  C   . PRO A 1 139 ? -23.082 3.684   -1.336  1.00 52.47 ? 134 PRO A C   1 
ATOM   1143 O  O   . PRO A 1 139 ? -23.972 4.533   -1.351  1.00 54.36 ? 134 PRO A O   1 
ATOM   1144 C  CB  . PRO A 1 139 ? -24.153 2.430   -3.261  1.00 49.19 ? 134 PRO A CB  1 
ATOM   1145 C  CG  . PRO A 1 139 ? -24.449 1.074   -2.632  1.00 48.95 ? 134 PRO A CG  1 
ATOM   1146 C  CD  . PRO A 1 139 ? -23.092 0.427   -2.433  1.00 47.69 ? 134 PRO A CD  1 
ATOM   1147 N  N   . ARG A 1 140 ? -22.270 3.504   -0.288  1.00 51.63 ? 135 ARG A N   1 
ATOM   1148 C  CA  . ARG A 1 140 ? -22.546 4.057   1.068   1.00 52.67 ? 135 ARG A CA  1 
ATOM   1149 C  C   . ARG A 1 140 ? -21.693 5.292   1.393   1.00 49.37 ? 135 ARG A C   1 
ATOM   1150 O  O   . ARG A 1 140 ? -22.064 5.982   2.349   1.00 53.82 ? 135 ARG A O   1 
ATOM   1151 C  CB  . ARG A 1 140 ? -22.307 2.985   2.132   1.00 55.97 ? 135 ARG A CB  1 
ATOM   1152 C  CG  . ARG A 1 140 ? -23.162 1.740   1.941   1.00 62.65 ? 135 ARG A CG  1 
ATOM   1153 C  CD  . ARG A 1 140 ? -23.171 0.853   3.176   1.00 66.82 ? 135 ARG A CD  1 
ATOM   1154 N  NE  . ARG A 1 140 ? -21.833 0.622   3.697   1.00 65.72 ? 135 ARG A NE  1 
ATOM   1155 C  CZ  . ARG A 1 140 ? -20.941 -0.212  3.168   1.00 71.57 ? 135 ARG A CZ  1 
ATOM   1156 N  NH1 . ARG A 1 140 ? -21.242 -0.914  2.087   1.00 77.59 ? 135 ARG A NH1 1 
ATOM   1157 N  NH2 . ARG A 1 140 ? -19.746 -0.341  3.722   1.00 70.54 ? 135 ARG A NH2 1 
ATOM   1158 N  N   . SER A 1 141 ? -20.584 5.550   0.692   1.00 45.84 ? 136 SER A N   1 
ATOM   1159 C  CA  . SER A 1 141 ? -19.679 6.696   0.987   1.00 41.55 ? 136 SER A CA  1 
ATOM   1160 C  C   . SER A 1 141 ? -20.226 7.983   0.335   1.00 35.00 ? 136 SER A C   1 
ATOM   1161 O  O   . SER A 1 141 ? -20.265 8.095   -0.889  1.00 35.93 ? 136 SER A O   1 
ATOM   1162 C  CB  . SER A 1 141 ? -18.282 6.439   0.521   1.00 46.11 ? 136 SER A CB  1 
ATOM   1163 O  OG  . SER A 1 141 ? -17.444 7.563   0.801   1.00 45.35 ? 136 SER A OG  1 
HETATM 1164 CA CA  . CA  B 2 .   ? 14.722  10.517  -0.762  1.00 22.38 ? 301 CA  A CA  1 
HETATM 1165 CA CA  . CA  C 2 .   ? 12.125  11.174  -3.689  1.00 21.39 ? 302 CA  A CA  1 
HETATM 1166 CA CA  . CA  D 2 .   ? 8.587   12.848  -3.890  0.80 19.14 ? 303 CA  A CA  1 
HETATM 1167 CA CA  . CA  E 2 .   ? -2.456  -12.431 -1.916  0.50 22.33 ? 304 CA  A CA  1 
HETATM 1168 CA CA  . CA  F 2 .   ? 4.872   10.652  -13.265 0.50 31.82 ? 305 CA  A CA  1 
HETATM 1169 CA CA  . CA  G 2 .   ? 15.882  8.863   4.817   0.50 25.15 ? 306 CA  A CA  1 
HETATM 1170 C  C1  . MPD H 3 .   ? 0.517   -9.570  5.543   1.00 49.72 ? 307 MPD A C1  1 
HETATM 1171 C  C2  . MPD H 3 .   ? 0.086   -8.942  4.233   1.00 47.90 ? 307 MPD A C2  1 
HETATM 1172 O  O2  . MPD H 3 .   ? -0.625  -9.929  3.493   1.00 60.80 ? 307 MPD A O2  1 
HETATM 1173 C  CM  . MPD H 3 .   ? -0.947  -7.856  4.480   1.00 51.03 ? 307 MPD A CM  1 
HETATM 1174 C  C3  . MPD H 3 .   ? 1.287   -8.461  3.406   1.00 47.09 ? 307 MPD A C3  1 
HETATM 1175 C  C4  . MPD H 3 .   ? 1.853   -9.414  2.373   1.00 39.80 ? 307 MPD A C4  1 
HETATM 1176 O  O4  . MPD H 3 .   ? 2.420   -10.588 2.990   1.00 41.25 ? 307 MPD A O4  1 
HETATM 1177 C  C5  . MPD H 3 .   ? 0.812   -9.876  1.418   1.00 39.17 ? 307 MPD A C5  1 
HETATM 1178 C  C1  . MPD I 3 .   ? 0.135   2.622   6.113   1.00 31.96 ? 308 MPD A C1  1 
HETATM 1179 C  C2  . MPD I 3 .   ? -1.280  2.458   5.601   1.00 39.96 ? 308 MPD A C2  1 
HETATM 1180 O  O2  . MPD I 3 .   ? -1.536  1.048   5.533   1.00 48.97 ? 308 MPD A O2  1 
HETATM 1181 C  CM  . MPD I 3 .   ? -2.279  2.953   6.624   1.00 41.51 ? 308 MPD A CM  1 
HETATM 1182 C  C3  . MPD I 3 .   ? -1.416  3.104   4.214   1.00 48.18 ? 308 MPD A C3  1 
HETATM 1183 C  C4  . MPD I 3 .   ? -2.729  3.786   3.844   1.00 56.62 ? 308 MPD A C4  1 
HETATM 1184 O  O4  . MPD I 3 .   ? -3.766  2.828   3.994   1.00 71.49 ? 308 MPD A O4  1 
HETATM 1185 C  C5  . MPD I 3 .   ? -3.108  5.052   4.569   1.00 57.84 ? 308 MPD A C5  1 
HETATM 1186 O  O   . HOH J 4 .   ? -1.930  1.475   9.282   1.00 37.80 ? 401 HOH A O   1 
HETATM 1187 O  O   . HOH J 4 .   ? 3.130   12.822  -12.895 1.00 27.25 ? 402 HOH A O   1 
HETATM 1188 O  O   . HOH J 4 .   ? -14.365 8.075   -20.491 1.00 27.88 ? 403 HOH A O   1 
HETATM 1189 O  O   . HOH J 4 .   ? 4.186   3.316   -12.079 1.00 42.25 ? 404 HOH A O   1 
HETATM 1190 O  O   . HOH J 4 .   ? -6.355  2.731   -15.778 1.00 51.23 ? 405 HOH A O   1 
HETATM 1191 O  O   . HOH J 4 .   ? 14.629  0.107   7.831   1.00 47.41 ? 406 HOH A O   1 
HETATM 1192 O  O   . HOH J 4 .   ? 0.436   -10.494 10.325  1.00 45.60 ? 407 HOH A O   1 
HETATM 1193 O  O   . HOH J 4 .   ? -8.059  2.139   1.881   1.00 51.66 ? 408 HOH A O   1 
HETATM 1194 O  O   . HOH J 4 .   ? -1.096  -1.376  -16.179 1.00 36.56 ? 409 HOH A O   1 
HETATM 1195 O  O   . HOH J 4 .   ? -11.398 19.904  -7.846  1.00 44.63 ? 410 HOH A O   1 
HETATM 1196 O  O   . HOH J 4 .   ? -8.491  18.641  -17.549 1.00 36.22 ? 411 HOH A O   1 
HETATM 1197 O  O   . HOH J 4 .   ? 14.716  7.228   5.865   1.00 43.56 ? 412 HOH A O   1 
HETATM 1198 O  O   . HOH J 4 .   ? -8.831  20.539  -14.910 1.00 48.34 ? 413 HOH A O   1 
HETATM 1199 O  O   . HOH J 4 .   ? -1.260  -12.434 3.849   1.00 46.96 ? 414 HOH A O   1 
HETATM 1200 O  O   . HOH J 4 .   ? 6.703   -0.857  -11.970 1.00 48.31 ? 415 HOH A O   1 
HETATM 1201 O  O   . HOH J 4 .   ? 0.058   7.857   12.888  1.00 45.90 ? 416 HOH A O   1 
HETATM 1202 O  O   . HOH J 4 .   ? -6.713  13.298  -2.812  1.00 38.25 ? 417 HOH A O   1 
HETATM 1203 O  O   . HOH J 4 .   ? -8.328  4.385   -18.025 1.00 23.91 ? 418 HOH A O   1 
HETATM 1204 O  O   . HOH J 4 .   ? 13.673  3.221   14.366  1.00 36.74 ? 419 HOH A O   1 
HETATM 1205 O  O   . HOH J 4 .   ? 7.723   1.262   -7.593  1.00 30.51 ? 420 HOH A O   1 
HETATM 1206 O  O   . HOH J 4 .   ? -15.678 5.535   -22.486 1.00 35.78 ? 421 HOH A O   1 
HETATM 1207 O  O   . HOH J 4 .   ? 1.192   9.394   10.490  1.00 42.59 ? 422 HOH A O   1 
HETATM 1208 O  O   . HOH J 4 .   ? -1.109  1.362   24.267  1.00 25.50 ? 423 HOH A O   1 
HETATM 1209 O  O   . HOH J 4 .   ? -1.312  -11.978 -0.395  1.00 33.07 ? 424 HOH A O   1 
HETATM 1210 O  O   . HOH J 4 .   ? 1.728   9.452   5.564   1.00 21.42 ? 425 HOH A O   1 
HETATM 1211 O  O   . HOH J 4 .   ? 8.195   12.447  -9.224  1.00 38.75 ? 426 HOH A O   1 
HETATM 1212 O  O   . HOH J 4 .   ? -3.430  -10.283 -1.391  1.00 39.44 ? 427 HOH A O   1 
HETATM 1213 O  O   . HOH J 4 .   ? -0.650  -14.186 -1.782  0.50 28.53 ? 428 HOH A O   1 
HETATM 1214 O  O   . HOH J 4 .   ? -0.082  -13.015 5.918   1.00 42.43 ? 429 HOH A O   1 
HETATM 1215 O  O   . HOH J 4 .   ? 9.912   11.094  7.268   1.00 27.75 ? 430 HOH A O   1 
HETATM 1216 O  O   . HOH J 4 .   ? -6.677  9.423   -19.574 1.00 27.23 ? 431 HOH A O   1 
HETATM 1217 O  O   . HOH J 4 .   ? -3.901  -12.522 -2.870  1.00 32.05 ? 432 HOH A O   1 
HETATM 1218 O  O   . HOH J 4 .   ? -5.222  16.386  -18.107 1.00 36.75 ? 433 HOH A O   1 
HETATM 1219 O  O   . HOH J 4 .   ? -4.210  1.020   16.477  1.00 43.74 ? 434 HOH A O   1 
HETATM 1220 O  O   . HOH J 4 .   ? 7.456   12.755  -5.953  1.00 23.67 ? 435 HOH A O   1 
HETATM 1221 O  O   . HOH J 4 .   ? 13.206  -2.340  -3.099  1.00 28.82 ? 436 HOH A O   1 
HETATM 1222 O  O   . HOH J 4 .   ? 14.077  8.846   3.115   1.00 32.24 ? 437 HOH A O   1 
HETATM 1223 O  O   . HOH J 4 .   ? -0.931  3.175   14.204  1.00 34.05 ? 438 HOH A O   1 
HETATM 1224 O  O   . HOH J 4 .   ? 8.466   9.407   -6.539  1.00 31.62 ? 439 HOH A O   1 
HETATM 1225 O  O   . HOH J 4 .   ? -8.082  17.941  -11.118 1.00 34.82 ? 440 HOH A O   1 
HETATM 1226 O  O   . HOH J 4 .   ? 2.331   -14.955 -3.996  1.00 29.18 ? 441 HOH A O   1 
HETATM 1227 O  O   . HOH J 4 .   ? -17.897 2.562   -15.119 1.00 33.12 ? 442 HOH A O   1 
HETATM 1228 O  O   . HOH J 4 .   ? -2.707  8.073   3.426   1.00 39.66 ? 443 HOH A O   1 
HETATM 1229 O  O   . HOH J 4 .   ? 0.536   4.412   -15.374 1.00 28.24 ? 444 HOH A O   1 
HETATM 1230 O  O   . HOH J 4 .   ? -4.250  17.854  -9.482  1.00 47.64 ? 445 HOH A O   1 
HETATM 1231 O  O   . HOH J 4 .   ? 1.237   -11.066 -9.402  1.00 45.30 ? 446 HOH A O   1 
HETATM 1232 O  O   . HOH J 4 .   ? -0.488  2.103   -16.236 1.00 25.41 ? 447 HOH A O   1 
HETATM 1233 O  O   . HOH J 4 .   ? 11.991  4.767   -3.582  1.00 28.90 ? 448 HOH A O   1 
HETATM 1234 O  O   . HOH J 4 .   ? 9.213   7.960   -4.530  1.00 26.13 ? 449 HOH A O   1 
HETATM 1235 O  O   . HOH J 4 .   ? 2.894   -15.936 6.756   1.00 48.29 ? 450 HOH A O   1 
HETATM 1236 O  O   . HOH J 4 .   ? 9.322   -16.957 13.441  1.00 45.76 ? 451 HOH A O   1 
HETATM 1237 O  O   . HOH J 4 .   ? -3.699  2.261   19.951  1.00 40.07 ? 452 HOH A O   1 
HETATM 1238 O  O   . HOH J 4 .   ? 16.775  -3.163  14.656  1.00 37.75 ? 453 HOH A O   1 
HETATM 1239 O  O   . HOH J 4 .   ? -17.172 9.098   -18.157 1.00 26.46 ? 454 HOH A O   1 
HETATM 1240 O  O   . HOH J 4 .   ? 4.677   11.932  -11.489 1.00 33.35 ? 455 HOH A O   1 
HETATM 1241 O  O   . HOH J 4 .   ? -0.267  -2.472  -13.948 1.00 31.33 ? 456 HOH A O   1 
HETATM 1242 O  O   . HOH J 4 .   ? -1.732  13.631  -3.422  1.00 36.19 ? 457 HOH A O   1 
HETATM 1243 O  O   . HOH J 4 .   ? 4.175   12.260  -14.840 1.00 38.50 ? 458 HOH A O   1 
HETATM 1244 O  O   . HOH J 4 .   ? 10.330  9.674   11.572  1.00 52.08 ? 459 HOH A O   1 
HETATM 1245 O  O   . HOH J 4 .   ? 7.626   0.369   25.631  1.00 51.48 ? 460 HOH A O   1 
HETATM 1246 O  O   . HOH J 4 .   ? 5.112   14.463  -7.709  1.00 38.80 ? 461 HOH A O   1 
HETATM 1247 O  O   . HOH J 4 .   ? 12.539  -17.386 13.095  1.00 55.33 ? 462 HOH A O   1 
HETATM 1248 O  O   . HOH J 4 .   ? 15.644  4.563   6.406   1.00 47.52 ? 463 HOH A O   1 
HETATM 1249 O  O   . HOH J 4 .   ? -12.953 6.212   -22.300 1.00 23.16 ? 464 HOH A O   1 
HETATM 1250 O  O   . HOH J 4 .   ? -11.515 15.611  -18.564 1.00 23.10 ? 465 HOH A O   1 
HETATM 1251 O  O   . HOH J 4 .   ? -11.715 3.021   -18.796 1.00 24.10 ? 466 HOH A O   1 
HETATM 1252 O  O   . HOH J 4 .   ? 3.118   14.792  0.461   1.00 33.87 ? 467 HOH A O   1 
HETATM 1253 O  O   . HOH J 4 .   ? -7.494  15.051  -19.447 1.00 33.56 ? 468 HOH A O   1 
HETATM 1254 O  O   . HOH J 4 .   ? -19.187 7.251   -17.570 1.00 35.41 ? 469 HOH A O   1 
HETATM 1255 O  O   . HOH J 4 .   ? 9.127   10.445  0.320   1.00 28.25 ? 470 HOH A O   1 
HETATM 1256 O  O   . HOH J 4 .   ? -9.996  14.242  -20.463 1.00 23.81 ? 471 HOH A O   1 
HETATM 1257 O  O   . HOH J 4 .   ? 4.609   0.724   25.647  1.00 34.01 ? 472 HOH A O   1 
HETATM 1258 O  O   . HOH J 4 .   ? 7.763   6.998   16.528  1.00 41.73 ? 473 HOH A O   1 
HETATM 1259 O  O   . HOH J 4 .   ? -16.939 8.608   -20.878 1.00 42.45 ? 474 HOH A O   1 
HETATM 1260 O  O   . HOH J 4 .   ? -8.568  12.612  -22.443 1.00 25.70 ? 475 HOH A O   1 
HETATM 1261 O  O   . HOH J 4 .   ? -4.754  13.464  -18.164 1.00 29.47 ? 476 HOH A O   1 
HETATM 1262 O  O   . HOH J 4 .   ? 11.363  8.606   8.173   1.00 37.15 ? 477 HOH A O   1 
HETATM 1263 O  O   . HOH J 4 .   ? -11.532 12.507  -23.097 1.00 28.74 ? 478 HOH A O   1 
HETATM 1264 O  O   . HOH J 4 .   ? 4.267   -16.370 -2.556  0.50 49.14 ? 479 HOH A O   1 
HETATM 1265 O  O   . HOH J 4 .   ? -13.118 9.437   -23.663 1.00 35.10 ? 480 HOH A O   1 
HETATM 1266 O  O   . HOH J 4 .   ? -14.991 11.940  -22.891 1.00 54.92 ? 481 HOH A O   1 
HETATM 1267 O  O   . HOH J 4 .   ? 10.544  5.908   -5.552  1.00 36.14 ? 482 HOH A O   1 
HETATM 1268 O  O   . HOH J 4 .   ? -2.113  4.799   16.078  1.00 55.73 ? 483 HOH A O   1 
HETATM 1269 O  O   . HOH J 4 .   ? 11.706  11.379  4.996   1.00 25.41 ? 484 HOH A O   1 
HETATM 1270 O  O   . HOH J 4 .   ? -11.082 18.327  -18.846 1.00 37.77 ? 485 HOH A O   1 
HETATM 1271 O  O   . HOH J 4 .   ? 2.307   -13.565 -9.506  1.00 46.26 ? 486 HOH A O   1 
HETATM 1272 O  O   . HOH J 4 .   ? 14.053  6.933   -3.878  1.00 40.51 ? 487 HOH A O   1 
HETATM 1273 O  O   . HOH J 4 .   ? -5.716  -9.977  -1.797  1.00 51.97 ? 488 HOH A O   1 
HETATM 1274 O  O   . HOH J 4 .   ? 16.426  7.256   3.128   1.00 50.49 ? 489 HOH A O   1 
HETATM 1275 O  O   . HOH J 4 .   ? 4.676   18.076  -6.055  1.00 53.63 ? 490 HOH A O   1 
HETATM 1276 O  O   . HOH J 4 .   ? -7.308  18.276  -8.678  1.00 51.99 ? 491 HOH A O   1 
HETATM 1277 O  O   . HOH J 4 .   ? -0.482  7.997   6.883   1.00 44.04 ? 492 HOH A O   1 
HETATM 1278 O  O   . HOH J 4 .   ? -10.188 15.836  -22.584 1.00 52.14 ? 493 HOH A O   1 
HETATM 1279 O  O   . HOH J 4 .   ? 2.295   18.417  -6.678  1.00 56.39 ? 494 HOH A O   1 
# 
